data_8UTB
#
_entry.id   8UTB
#
_cell.length_a   1.00
_cell.length_b   1.00
_cell.length_c   1.00
_cell.angle_alpha   90.00
_cell.angle_beta   90.00
_cell.angle_gamma   90.00
#
_symmetry.space_group_name_H-M   'P 1'
#
loop_
_entity.id
_entity.type
_entity.pdbx_description
1 polymer 'Neuronal acetylcholine receptor subunit alpha-7,Soluble cytochrome b562 fusion'
2 branched 2-acetamido-2-deoxy-beta-D-glucopyranose-(1-4)-2-acetamido-2-deoxy-beta-D-glucopyranose
3 branched beta-D-mannopyranose-(1-4)-2-acetamido-2-deoxy-beta-D-glucopyranose-(1-4)-2-acetamido-2-deoxy-beta-D-glucopyranose
4 non-polymer "N-(5-chloro-2-hydroxyphenyl)-N'-[2-chloro-5-(trifluoromethyl)phenyl]urea"
5 non-polymer 2-acetamido-2-deoxy-beta-D-glucopyranose
6 non-polymer EPIBATIDINE
7 non-polymer (3beta,14beta,17beta,25R)-3-[4-methoxy-3-(methoxymethyl)butoxy]spirost-5-en
8 non-polymer '(2S)-3-(hexadecanoyloxy)-2-[(9Z)-octadec-9-enoyloxy]propyl 2-(trimethylammonio)ethyl phosphate'
9 water water
#
_entity_poly.entity_id   1
_entity_poly.type   'polypeptide(L)'
_entity_poly.pdbx_seq_one_letter_code
;EFQRKLYKELVKNYNPLERPVANDSQPLTVYFSLSLLQIMDVDEKNQVLTTNIWLQMSWTDHYLQWNVSEYPGVKTVRFP
DGQIWKPDILLYNSADERFDATFHTNVLVNSSGHCQYLPPGIFKSSCYIDVRWFPFDVQHCKLKFGSWSYGGWSLDLQMQ
EADISGYIPNGEWDLVGIPGKRSERFYECCKEPYPDVTFTVTMRRRTLYYGLNLLIPCVLISALALLVFLLPADSGEKIS
LGITVLLSLTVFMLLVAEIMPATSDSVPLIAQYFASTMIIVGLSVVVTVIVLQYHHHDPDGGKMPKWTRVILLNWCAWFL
RMKRPGEDKVRPACQHKQRRCSLACGRMACAGAMADLEDNWETLNDNLKVIEKADNAAQVKDALTKMRAAALDAQKATPP
KLEDKSPDSPEMKDFRHGFDILVGQIDDALKLANEGKVKEAQAAAEQLKTTRNAYIQKYLSPTHDEHLLHGGQPPEGDPD
LAKILEEVRYIANRFRCQDESEAVCSEWKFAACVVDRLCLMAFSVFTIICTIGILMSAPNFVEAVSKDFAWSHPQFEKGG
GSGGGSGGSSAWSHPQFEKGSGEGRGSLLTCGDVEENPG
;
_entity_poly.pdbx_strand_id   A,B,C,D,E
#
# COMPACT_ATOMS: atom_id res chain seq x y z
N GLU A 1 -22.34 52.83 15.14
CA GLU A 1 -23.02 53.53 16.27
C GLU A 1 -24.24 52.76 16.77
N PHE A 2 -25.10 52.40 15.83
CA PHE A 2 -26.29 51.64 16.16
C PHE A 2 -26.01 50.15 16.22
N GLN A 3 -25.11 49.66 15.38
CA GLN A 3 -24.67 48.27 15.48
C GLN A 3 -24.03 48.02 16.84
N ARG A 4 -23.18 48.94 17.31
CA ARG A 4 -22.55 48.79 18.62
C ARG A 4 -23.61 48.77 19.72
N LYS A 5 -24.53 49.73 19.69
CA LYS A 5 -25.58 49.81 20.71
C LYS A 5 -26.43 48.56 20.74
N LEU A 6 -26.81 48.04 19.57
CA LEU A 6 -27.61 46.84 19.51
C LEU A 6 -26.83 45.65 20.07
N TYR A 7 -25.57 45.48 19.65
CA TYR A 7 -24.79 44.37 20.17
C TYR A 7 -24.64 44.45 21.69
N LYS A 8 -24.58 45.66 22.26
CA LYS A 8 -24.47 45.77 23.71
C LYS A 8 -25.81 45.45 24.38
N GLU A 9 -26.91 45.85 23.76
CA GLU A 9 -28.22 45.63 24.38
C GLU A 9 -28.64 44.17 24.29
N LEU A 10 -28.31 43.49 23.20
CA LEU A 10 -28.81 42.14 22.99
C LEU A 10 -28.24 41.15 24.00
N VAL A 11 -26.99 41.32 24.41
CA VAL A 11 -26.36 40.33 25.30
C VAL A 11 -26.65 40.60 26.76
N LYS A 12 -27.26 41.74 27.10
CA LYS A 12 -27.59 42.06 28.48
C LYS A 12 -28.52 41.01 29.05
N ASN A 13 -28.00 40.19 29.97
CA ASN A 13 -28.72 39.10 30.64
C ASN A 13 -28.94 37.89 29.74
N TYR A 14 -28.40 37.86 28.53
CA TYR A 14 -28.56 36.69 27.70
C TYR A 14 -27.80 35.52 28.32
N ASN A 15 -28.35 34.33 28.15
CA ASN A 15 -27.80 33.10 28.71
C ASN A 15 -27.79 32.04 27.61
N PRO A 16 -26.63 31.69 27.04
CA PRO A 16 -26.60 30.63 26.03
C PRO A 16 -27.09 29.27 26.52
N LEU A 17 -27.33 29.10 27.82
CA LEU A 17 -27.88 27.84 28.31
C LEU A 17 -29.39 27.77 28.11
N GLU A 18 -30.06 28.92 28.08
CA GLU A 18 -31.52 28.98 28.02
C GLU A 18 -32.04 28.65 26.63
N ARG A 19 -32.86 27.62 26.52
CA ARG A 19 -33.60 27.39 25.29
C ARG A 19 -34.50 28.61 25.06
N PRO A 20 -34.34 29.37 23.97
CA PRO A 20 -34.93 30.72 23.88
C PRO A 20 -36.39 30.76 23.46
N VAL A 21 -37.26 30.20 24.29
CA VAL A 21 -38.70 30.21 24.07
C VAL A 21 -39.31 31.21 25.05
N ALA A 22 -40.47 31.74 24.66
CA ALA A 22 -41.19 32.66 25.55
C ALA A 22 -41.90 31.89 26.66
N ASN A 23 -42.60 30.83 26.30
CA ASN A 23 -43.28 29.95 27.23
C ASN A 23 -42.43 28.69 27.43
N ASP A 24 -42.10 28.39 28.70
CA ASP A 24 -41.18 27.30 28.98
C ASP A 24 -41.81 25.94 28.73
N SER A 25 -43.13 25.82 28.95
CA SER A 25 -43.81 24.54 28.75
C SER A 25 -43.89 24.15 27.28
N GLN A 26 -43.69 25.06 26.39
CA GLN A 26 -43.85 24.77 24.98
C GLN A 26 -42.53 24.31 24.38
N PRO A 27 -42.57 23.48 23.33
CA PRO A 27 -41.34 23.14 22.62
C PRO A 27 -40.94 24.24 21.67
N LEU A 28 -39.65 24.25 21.35
CA LEU A 28 -39.10 25.18 20.37
C LEU A 28 -39.03 24.46 19.03
N THR A 29 -39.64 25.06 18.00
CA THR A 29 -39.56 24.49 16.67
C THR A 29 -38.23 24.85 16.03
N VAL A 30 -37.58 23.84 15.46
CA VAL A 30 -36.32 24.00 14.76
C VAL A 30 -36.51 23.33 13.40
N TYR A 31 -36.40 24.10 12.33
CA TYR A 31 -36.45 23.55 10.99
C TYR A 31 -35.05 23.10 10.61
N PHE A 32 -34.94 21.88 10.10
CA PHE A 32 -33.65 21.31 9.77
C PHE A 32 -33.69 20.84 8.33
N SER A 33 -32.72 21.29 7.55
CA SER A 33 -32.52 20.79 6.21
C SER A 33 -31.02 20.78 5.96
N LEU A 34 -30.63 20.48 4.74
CA LEU A 34 -29.22 20.54 4.39
C LEU A 34 -29.09 20.80 2.91
N SER A 35 -27.92 21.30 2.52
CA SER A 35 -27.54 21.46 1.13
C SER A 35 -26.44 20.47 0.84
N LEU A 36 -26.66 19.60 -0.14
CA LEU A 36 -25.64 18.67 -0.57
C LEU A 36 -24.81 19.34 -1.64
N LEU A 37 -23.51 19.43 -1.40
CA LEU A 37 -22.60 20.12 -2.30
C LEU A 37 -21.77 19.16 -3.11
N GLN A 38 -21.30 18.07 -2.51
CA GLN A 38 -20.47 17.13 -3.23
C GLN A 38 -20.39 15.84 -2.43
N ILE A 39 -20.45 14.71 -3.13
CA ILE A 39 -20.17 13.41 -2.54
C ILE A 39 -18.68 13.18 -2.73
N MET A 40 -17.92 13.36 -1.66
CA MET A 40 -16.47 13.32 -1.75
C MET A 40 -15.96 11.89 -1.96
N ASP A 41 -16.45 10.94 -1.18
CA ASP A 41 -15.91 9.59 -1.26
C ASP A 41 -16.92 8.59 -0.74
N VAL A 42 -16.94 7.42 -1.36
CA VAL A 42 -17.74 6.29 -0.95
C VAL A 42 -16.77 5.18 -0.62
N ASP A 43 -16.48 4.99 0.67
CA ASP A 43 -15.53 3.98 1.13
C ASP A 43 -16.28 2.67 1.32
N GLU A 44 -16.12 1.74 0.37
CA GLU A 44 -16.84 0.48 0.47
C GLU A 44 -16.25 -0.42 1.55
N LYS A 45 -14.92 -0.41 1.71
CA LYS A 45 -14.30 -1.31 2.66
C LYS A 45 -14.54 -0.87 4.11
N ASN A 46 -14.54 0.42 4.37
CA ASN A 46 -14.80 0.94 5.71
C ASN A 46 -16.27 1.30 5.92
N GLN A 47 -17.09 1.20 4.89
CA GLN A 47 -18.53 1.46 5.01
C GLN A 47 -18.79 2.90 5.48
N VAL A 48 -18.09 3.85 4.85
CA VAL A 48 -18.16 5.25 5.24
C VAL A 48 -18.45 6.10 4.02
N LEU A 49 -19.50 6.90 4.09
CA LEU A 49 -19.79 7.93 3.10
C LEU A 49 -19.22 9.27 3.58
N THR A 50 -18.42 9.90 2.73
CA THR A 50 -17.90 11.25 2.97
C THR A 50 -18.63 12.23 2.07
N THR A 51 -19.17 13.29 2.66
CA THR A 51 -19.90 14.32 1.92
C THR A 51 -19.50 15.70 2.39
N ASN A 52 -19.56 16.66 1.48
CA ASN A 52 -19.48 18.07 1.80
C ASN A 52 -20.91 18.60 1.82
N ILE A 53 -21.34 19.09 2.98
CA ILE A 53 -22.73 19.44 3.21
C ILE A 53 -22.77 20.76 3.96
N TRP A 54 -23.77 21.57 3.66
CA TRP A 54 -24.12 22.73 4.45
C TRP A 54 -25.40 22.39 5.20
N LEU A 55 -25.29 22.28 6.52
CA LEU A 55 -26.46 22.06 7.35
C LEU A 55 -27.28 23.33 7.39
N GLN A 56 -28.59 23.20 7.51
CA GLN A 56 -29.46 24.36 7.60
C GLN A 56 -30.38 24.20 8.80
N MET A 57 -30.26 25.10 9.75
CA MET A 57 -31.07 25.10 10.95
C MET A 57 -31.68 26.48 11.10
N SER A 58 -32.96 26.52 11.43
CA SER A 58 -33.60 27.80 11.67
C SER A 58 -34.57 27.67 12.83
N TRP A 59 -34.57 28.68 13.68
CA TRP A 59 -35.46 28.75 14.83
C TRP A 59 -35.69 30.21 15.12
N THR A 60 -36.65 30.48 15.99
CA THR A 60 -36.88 31.81 16.51
C THR A 60 -36.31 31.92 17.91
N ASP A 61 -35.60 33.01 18.16
CA ASP A 61 -35.06 33.32 19.48
C ASP A 61 -35.87 34.48 20.02
N HIS A 62 -36.55 34.24 21.12
CA HIS A 62 -37.47 35.24 21.66
C HIS A 62 -36.75 36.49 22.14
N TYR A 63 -35.53 36.34 22.67
CA TYR A 63 -34.78 37.46 23.23
C TYR A 63 -34.04 38.30 22.19
N LEU A 64 -33.73 37.73 21.03
CA LEU A 64 -32.91 38.43 20.04
C LEU A 64 -33.82 39.16 19.05
N GLN A 65 -34.53 40.15 19.57
CA GLN A 65 -35.50 40.92 18.78
C GLN A 65 -35.29 42.40 19.03
N TRP A 66 -35.41 43.18 17.97
CA TRP A 66 -35.22 44.63 18.10
C TRP A 66 -36.06 45.34 17.04
N ASN A 67 -36.43 46.57 17.36
CA ASN A 67 -37.18 47.44 16.46
C ASN A 67 -36.20 48.23 15.60
N VAL A 68 -36.30 48.07 14.28
CA VAL A 68 -35.28 48.56 13.36
C VAL A 68 -35.53 50.02 13.01
N SER A 69 -36.41 50.70 13.77
CA SER A 69 -36.49 52.14 13.74
C SER A 69 -35.59 52.80 14.77
N GLU A 70 -35.31 52.10 15.88
CA GLU A 70 -34.37 52.59 16.88
C GLU A 70 -32.94 52.23 16.58
N TYR A 71 -32.69 51.38 15.58
CA TYR A 71 -31.35 51.01 15.16
C TYR A 71 -31.28 51.08 13.64
N PRO A 72 -31.45 52.28 13.06
CA PRO A 72 -31.55 52.40 11.61
C PRO A 72 -30.36 51.79 10.89
N GLY A 73 -30.66 51.02 9.85
CA GLY A 73 -29.64 50.36 9.07
C GLY A 73 -29.21 49.01 9.59
N VAL A 74 -29.41 48.74 10.88
CA VAL A 74 -29.01 47.48 11.49
C VAL A 74 -30.19 46.52 11.33
N LYS A 75 -30.13 45.67 10.30
CA LYS A 75 -31.22 44.76 10.00
C LYS A 75 -30.91 43.33 10.41
N THR A 76 -29.65 43.02 10.68
CA THR A 76 -29.26 41.68 11.11
C THR A 76 -28.04 41.80 12.01
N VAL A 77 -27.79 40.75 12.77
CA VAL A 77 -26.62 40.63 13.63
C VAL A 77 -26.12 39.20 13.52
N ARG A 78 -24.91 38.98 14.01
CA ARG A 78 -24.25 37.70 13.90
C ARG A 78 -23.60 37.37 15.24
N PHE A 79 -23.66 36.11 15.63
CA PHE A 79 -23.09 35.65 16.89
C PHE A 79 -22.26 34.39 16.65
N PRO A 80 -21.06 34.30 17.20
CA PRO A 80 -20.24 33.10 17.05
C PRO A 80 -20.61 32.05 18.11
N ASP A 81 -19.95 30.90 18.00
CA ASP A 81 -20.13 29.80 18.94
C ASP A 81 -19.92 30.26 20.38
N GLY A 82 -20.89 29.96 21.24
CA GLY A 82 -20.77 30.21 22.66
C GLY A 82 -21.47 31.44 23.18
N GLN A 83 -21.91 32.34 22.31
CA GLN A 83 -22.57 33.57 22.75
C GLN A 83 -24.06 33.58 22.44
N ILE A 84 -24.59 32.52 21.84
CA ILE A 84 -26.00 32.40 21.52
C ILE A 84 -26.42 30.95 21.74
N TRP A 85 -27.66 30.76 22.18
CA TRP A 85 -28.21 29.40 22.23
C TRP A 85 -28.32 28.85 20.82
N LYS A 86 -27.95 27.59 20.67
CA LYS A 86 -28.02 26.91 19.38
C LYS A 86 -28.51 25.50 19.60
N PRO A 87 -29.26 24.94 18.66
CA PRO A 87 -29.58 23.51 18.72
C PRO A 87 -28.33 22.64 18.67
N ASP A 88 -28.29 21.62 19.52
CA ASP A 88 -27.18 20.66 19.55
C ASP A 88 -27.47 19.46 18.65
N ILE A 89 -27.64 19.72 17.37
CA ILE A 89 -28.01 18.69 16.40
C ILE A 89 -26.74 18.03 15.89
N LEU A 90 -26.65 16.71 16.08
CA LEU A 90 -25.49 15.94 15.67
C LEU A 90 -25.89 14.91 14.64
N LEU A 91 -24.91 14.44 13.90
CA LEU A 91 -25.10 13.30 13.01
C LEU A 91 -24.92 12.04 13.83
N TYR A 92 -26.03 11.33 14.08
CA TYR A 92 -26.00 10.15 14.94
C TYR A 92 -25.02 9.10 14.43
N ASN A 93 -25.08 8.79 13.15
CA ASN A 93 -24.29 7.70 12.59
C ASN A 93 -23.00 8.22 11.98
N SER A 94 -22.30 9.02 12.77
CA SER A 94 -21.03 9.57 12.36
C SER A 94 -19.94 8.51 12.42
N ALA A 95 -19.02 8.58 11.46
CA ALA A 95 -17.82 7.75 11.45
C ALA A 95 -16.57 8.58 11.63
N ASP A 96 -16.69 9.79 12.14
CA ASP A 96 -15.56 10.69 12.33
C ASP A 96 -14.94 10.46 13.71
N GLU A 97 -13.61 10.38 13.76
CA GLU A 97 -12.94 10.18 15.04
C GLU A 97 -13.26 11.29 16.03
N ARG A 98 -13.66 12.47 15.56
CA ARG A 98 -14.10 13.54 16.44
C ARG A 98 -15.61 13.50 16.69
N PHE A 99 -16.33 12.71 15.91
CA PHE A 99 -17.78 12.53 15.95
C PHE A 99 -18.60 13.73 15.50
N ASP A 100 -18.14 14.95 15.74
CA ASP A 100 -18.84 16.14 15.25
C ASP A 100 -17.92 16.85 14.26
N ALA A 101 -18.25 16.77 12.98
CA ALA A 101 -17.40 17.33 11.93
C ALA A 101 -17.81 18.73 11.50
N THR A 102 -18.87 19.28 12.06
CA THR A 102 -19.37 20.57 11.64
C THR A 102 -18.38 21.68 11.99
N PHE A 103 -18.06 22.52 11.00
CA PHE A 103 -17.29 23.74 11.24
C PHE A 103 -18.22 24.83 11.74
N HIS A 104 -17.96 25.34 12.94
CA HIS A 104 -18.86 26.25 13.61
C HIS A 104 -18.72 27.66 13.05
N THR A 105 -19.82 28.21 12.53
CA THR A 105 -19.87 29.53 11.92
C THR A 105 -20.84 30.42 12.68
N ASN A 106 -21.13 31.60 12.13
CA ASN A 106 -22.00 32.57 12.77
C ASN A 106 -23.46 32.14 12.66
N VAL A 107 -24.24 32.48 13.68
CA VAL A 107 -25.69 32.47 13.59
C VAL A 107 -26.14 33.87 13.15
N LEU A 108 -26.90 33.94 12.06
CA LEU A 108 -27.43 35.20 11.55
C LEU A 108 -28.85 35.40 12.07
N VAL A 109 -29.08 36.50 12.76
CA VAL A 109 -30.36 36.81 13.38
C VAL A 109 -30.89 38.13 12.82
N ASN A 110 -32.16 38.14 12.37
CA ASN A 110 -32.76 39.37 11.90
C ASN A 110 -33.61 39.96 13.00
N SER A 111 -34.35 41.03 12.69
CA SER A 111 -34.87 41.91 13.73
C SER A 111 -36.06 41.33 14.47
N SER A 112 -36.73 40.35 13.88
CA SER A 112 -37.84 39.66 14.52
C SER A 112 -37.38 38.45 15.31
N GLY A 113 -36.08 38.18 15.33
CA GLY A 113 -35.53 37.12 16.13
C GLY A 113 -35.29 35.83 15.41
N HIS A 114 -35.41 35.80 14.10
CA HIS A 114 -35.26 34.55 13.36
CA HIS A 114 -35.26 34.55 13.36
C HIS A 114 -33.78 34.22 13.21
N CYS A 115 -33.39 33.07 13.71
CA CYS A 115 -32.00 32.64 13.75
C CYS A 115 -31.75 31.69 12.60
N GLN A 116 -30.72 31.98 11.82
CA GLN A 116 -30.31 31.12 10.73
C GLN A 116 -28.88 30.67 10.99
N TYR A 117 -28.60 29.40 10.76
CA TYR A 117 -27.32 28.81 11.11
C TYR A 117 -26.99 27.75 10.08
N LEU A 118 -25.95 27.98 9.29
CA LEU A 118 -25.59 27.11 8.17
C LEU A 118 -24.14 26.68 8.30
N PRO A 119 -23.82 25.84 9.28
CA PRO A 119 -22.46 25.38 9.42
C PRO A 119 -22.11 24.42 8.31
N PRO A 120 -20.95 24.60 7.67
CA PRO A 120 -20.49 23.61 6.70
C PRO A 120 -19.71 22.50 7.37
N GLY A 121 -19.26 21.52 6.59
CA GLY A 121 -18.46 20.46 7.15
C GLY A 121 -18.25 19.31 6.21
N ILE A 122 -17.15 18.61 6.37
CA ILE A 122 -16.91 17.35 5.68
C ILE A 122 -17.41 16.25 6.61
N PHE A 123 -18.54 15.67 6.27
CA PHE A 123 -19.23 14.72 7.14
C PHE A 123 -18.91 13.29 6.73
N LYS A 124 -18.46 12.50 7.69
CA LYS A 124 -18.31 11.06 7.52
C LYS A 124 -19.47 10.37 8.22
N SER A 125 -20.20 9.55 7.48
CA SER A 125 -21.32 8.80 8.03
C SER A 125 -21.14 7.33 7.73
N SER A 126 -21.60 6.49 8.65
CA SER A 126 -21.52 5.05 8.47
C SER A 126 -22.66 4.60 7.56
N CYS A 127 -22.32 4.06 6.40
CA CYS A 127 -23.29 3.61 5.41
C CYS A 127 -23.05 2.16 5.06
N TYR A 128 -24.10 1.34 5.16
CA TYR A 128 -24.02 -0.03 4.71
C TYR A 128 -23.97 -0.08 3.19
N ILE A 129 -22.85 -0.56 2.64
CA ILE A 129 -22.63 -0.55 1.20
C ILE A 129 -22.80 -1.97 0.68
N ASP A 130 -23.85 -2.18 -0.11
CA ASP A 130 -24.18 -3.49 -0.66
C ASP A 130 -23.64 -3.56 -2.10
N VAL A 131 -22.64 -4.41 -2.32
CA VAL A 131 -22.03 -4.55 -3.63
C VAL A 131 -22.47 -5.85 -4.32
N ARG A 132 -23.62 -6.39 -3.94
CA ARG A 132 -24.16 -7.60 -4.59
C ARG A 132 -24.22 -7.36 -6.10
N TRP A 133 -24.77 -6.24 -6.55
CA TRP A 133 -24.95 -5.98 -7.99
C TRP A 133 -23.85 -5.11 -8.58
N PHE A 134 -22.74 -4.95 -7.87
CA PHE A 134 -21.61 -4.20 -8.41
C PHE A 134 -21.26 -4.73 -9.80
N PRO A 135 -21.01 -3.86 -10.79
CA PRO A 135 -20.91 -2.39 -10.73
C PRO A 135 -22.24 -1.66 -10.93
N PHE A 136 -23.33 -2.36 -11.18
CA PHE A 136 -24.62 -1.71 -11.40
C PHE A 136 -25.41 -1.62 -10.10
N ASP A 137 -24.80 -1.06 -9.07
CA ASP A 137 -25.33 -1.11 -7.72
C ASP A 137 -25.80 0.28 -7.29
N VAL A 138 -26.88 0.29 -6.51
CA VAL A 138 -27.47 1.51 -6.00
C VAL A 138 -27.37 1.47 -4.49
N GLN A 139 -26.86 2.54 -3.91
CA GLN A 139 -26.60 2.61 -2.47
C GLN A 139 -27.54 3.62 -1.85
N HIS A 140 -28.10 3.25 -0.70
CA HIS A 140 -28.97 4.13 0.09
C HIS A 140 -28.25 4.41 1.41
N CYS A 141 -27.64 5.58 1.50
CA CYS A 141 -26.86 5.95 2.67
C CYS A 141 -27.68 6.91 3.51
N LYS A 142 -27.90 6.55 4.76
CA LYS A 142 -28.74 7.34 5.66
C LYS A 142 -27.88 8.36 6.40
N LEU A 143 -28.43 9.56 6.57
CA LEU A 143 -27.84 10.61 7.38
C LEU A 143 -28.89 10.94 8.44
N LYS A 144 -28.66 10.48 9.66
CA LYS A 144 -29.61 10.64 10.75
C LYS A 144 -29.13 11.78 11.64
N PHE A 145 -29.89 12.86 11.67
CA PHE A 145 -29.60 14.02 12.49
C PHE A 145 -30.66 14.17 13.57
N GLY A 146 -30.24 14.64 14.73
CA GLY A 146 -31.19 14.91 15.80
C GLY A 146 -30.53 15.63 16.95
N SER A 147 -31.35 16.32 17.71
CA SER A 147 -30.88 16.92 18.94
C SER A 147 -30.43 15.83 19.89
N TRP A 148 -29.24 16.00 20.46
CA TRP A 148 -28.69 14.97 21.33
C TRP A 148 -29.40 14.96 22.69
N SER A 149 -29.54 16.12 23.31
CA SER A 149 -30.01 16.23 24.68
C SER A 149 -31.35 16.93 24.82
N TYR A 150 -31.95 17.42 23.74
CA TYR A 150 -33.29 18.02 23.78
C TYR A 150 -34.26 17.02 23.18
N GLY A 151 -35.19 16.54 23.99
CA GLY A 151 -36.20 15.63 23.50
C GLY A 151 -37.37 16.32 22.86
N GLY A 152 -38.36 15.52 22.49
CA GLY A 152 -39.51 16.03 21.75
C GLY A 152 -40.34 17.03 22.53
N TRP A 153 -40.32 16.96 23.86
CA TRP A 153 -41.04 17.94 24.67
C TRP A 153 -40.38 19.31 24.66
N SER A 154 -39.09 19.40 24.34
CA SER A 154 -38.37 20.66 24.39
C SER A 154 -37.99 21.20 23.03
N LEU A 155 -37.72 20.35 22.05
CA LEU A 155 -37.21 20.80 20.75
C LEU A 155 -37.95 20.03 19.67
N ASP A 156 -38.89 20.69 19.01
CA ASP A 156 -39.75 20.06 18.01
C ASP A 156 -39.07 20.13 16.65
N LEU A 157 -38.24 19.14 16.36
CA LEU A 157 -37.53 19.14 15.10
C LEU A 157 -38.51 18.97 13.94
N GLN A 158 -38.32 19.78 12.91
CA GLN A 158 -39.11 19.70 11.69
C GLN A 158 -38.20 19.71 10.48
N MET A 159 -38.64 19.03 9.44
CA MET A 159 -37.82 18.81 8.26
C MET A 159 -38.25 19.72 7.12
N GLN A 160 -37.28 20.06 6.28
CA GLN A 160 -37.51 20.75 5.02
C GLN A 160 -36.72 20.02 3.94
N GLU A 161 -37.22 20.09 2.72
CA GLU A 161 -36.62 19.34 1.62
C GLU A 161 -35.15 19.72 1.44
N ALA A 162 -34.32 18.71 1.25
CA ALA A 162 -32.90 18.95 1.04
C ALA A 162 -32.67 19.75 -0.24
N ASP A 163 -31.62 20.57 -0.21
CA ASP A 163 -31.24 21.40 -1.34
C ASP A 163 -30.13 20.72 -2.13
N ILE A 164 -30.28 20.70 -3.46
CA ILE A 164 -29.29 20.09 -4.33
C ILE A 164 -28.96 21.03 -5.48
N SER A 165 -29.36 22.29 -5.36
CA SER A 165 -29.12 23.25 -6.43
C SER A 165 -27.63 23.46 -6.66
N GLY A 166 -26.85 23.49 -5.58
CA GLY A 166 -25.41 23.64 -5.65
C GLY A 166 -24.63 22.37 -5.84
N TYR A 167 -25.29 21.23 -6.01
CA TYR A 167 -24.58 19.96 -6.10
C TYR A 167 -23.60 19.95 -7.26
N ILE A 168 -22.46 19.31 -7.07
CA ILE A 168 -21.44 19.13 -8.09
C ILE A 168 -21.37 17.64 -8.42
N PRO A 169 -21.72 17.21 -9.63
CA PRO A 169 -21.80 15.78 -9.91
C PRO A 169 -20.48 15.07 -9.68
N ASN A 170 -20.58 13.87 -9.12
CA ASN A 170 -19.42 13.00 -8.91
C ASN A 170 -19.13 12.23 -10.19
N GLY A 171 -17.85 11.97 -10.43
CA GLY A 171 -17.46 11.22 -11.59
C GLY A 171 -17.64 9.73 -11.49
N GLU A 172 -18.14 9.24 -10.35
CA GLU A 172 -18.32 7.82 -10.13
C GLU A 172 -19.70 7.47 -9.58
N TRP A 173 -20.49 8.44 -9.13
CA TRP A 173 -21.73 8.18 -8.43
C TRP A 173 -22.77 9.19 -8.89
N ASP A 174 -23.86 8.68 -9.46
CA ASP A 174 -24.96 9.52 -9.92
C ASP A 174 -25.94 9.72 -8.79
N LEU A 175 -26.22 10.97 -8.43
CA LEU A 175 -27.13 11.28 -7.33
C LEU A 175 -28.55 11.09 -7.82
N VAL A 176 -29.17 9.98 -7.39
CA VAL A 176 -30.57 9.74 -7.72
C VAL A 176 -31.46 10.75 -7.00
N GLY A 177 -31.20 10.97 -5.72
CA GLY A 177 -32.02 11.85 -4.92
C GLY A 177 -31.68 11.77 -3.45
N ILE A 178 -32.16 12.75 -2.66
CA ILE A 178 -31.90 12.78 -1.23
C ILE A 178 -33.20 13.02 -0.46
N PRO A 179 -34.15 12.09 -0.49
CA PRO A 179 -35.38 12.27 0.31
C PRO A 179 -35.11 12.25 1.82
N GLY A 180 -35.99 12.91 2.54
CA GLY A 180 -35.91 12.96 4.00
C GLY A 180 -37.18 12.47 4.67
N LYS A 181 -37.09 12.11 5.95
CA LYS A 181 -38.26 11.65 6.70
C LYS A 181 -38.01 11.93 8.17
N ARG A 182 -38.88 12.74 8.77
CA ARG A 182 -38.83 13.01 10.20
C ARG A 182 -39.52 11.89 10.98
N SER A 183 -38.82 11.36 11.98
CA SER A 183 -39.30 10.29 12.84
C SER A 183 -39.25 10.69 14.31
N GLU A 184 -40.13 10.08 15.10
CA GLU A 184 -40.20 10.29 16.55
C GLU A 184 -39.92 8.95 17.23
N ARG A 185 -38.71 8.79 17.77
CA ARG A 185 -38.24 7.52 18.33
C ARG A 185 -38.12 7.55 19.84
N PHE A 186 -38.17 6.36 20.44
CA PHE A 186 -37.90 6.16 21.85
C PHE A 186 -36.58 5.41 22.04
N TYR A 187 -35.90 5.70 23.15
CA TYR A 187 -34.63 5.08 23.46
C TYR A 187 -34.65 4.56 24.89
N GLU A 188 -33.93 3.46 25.13
CA GLU A 188 -33.89 2.88 26.46
C GLU A 188 -33.38 3.87 27.50
N CYS A 189 -32.54 4.82 27.08
CA CYS A 189 -32.05 5.84 28.00
C CYS A 189 -33.20 6.56 28.69
N CYS A 190 -34.23 6.91 27.93
CA CYS A 190 -35.12 8.00 28.30
C CYS A 190 -36.56 7.64 28.00
N LYS A 191 -37.47 8.05 28.89
CA LYS A 191 -38.89 7.86 28.62
C LYS A 191 -39.42 8.84 27.59
N GLU A 192 -38.79 9.99 27.44
CA GLU A 192 -39.20 10.97 26.45
C GLU A 192 -38.74 10.56 25.06
N PRO A 193 -39.53 10.82 24.02
CA PRO A 193 -39.09 10.47 22.67
C PRO A 193 -38.20 11.56 22.07
N TYR A 194 -37.31 11.14 21.18
CA TYR A 194 -36.34 12.04 20.58
C TYR A 194 -36.55 12.07 19.08
N PRO A 195 -37.13 13.13 18.51
CA PRO A 195 -37.33 13.15 17.06
C PRO A 195 -36.01 13.26 16.33
N ASP A 196 -36.03 12.81 15.08
CA ASP A 196 -34.87 12.93 14.23
C ASP A 196 -35.31 13.10 12.79
N VAL A 197 -34.39 13.63 11.99
CA VAL A 197 -34.57 13.81 10.56
C VAL A 197 -33.50 12.99 9.87
N THR A 198 -33.91 12.12 8.96
CA THR A 198 -32.98 11.24 8.26
C THR A 198 -33.07 11.54 6.77
N PHE A 199 -31.94 11.87 6.18
CA PHE A 199 -31.82 12.08 4.75
C PHE A 199 -31.14 10.88 4.13
N THR A 200 -31.84 10.22 3.21
CA THR A 200 -31.31 9.04 2.53
C THR A 200 -30.75 9.48 1.18
N VAL A 201 -29.43 9.38 1.02
CA VAL A 201 -28.77 9.76 -0.21
C VAL A 201 -28.71 8.53 -1.09
N THR A 202 -29.45 8.54 -2.20
CA THR A 202 -29.48 7.43 -3.13
C THR A 202 -28.53 7.69 -4.28
N MET A 203 -27.54 6.81 -4.44
CA MET A 203 -26.48 6.95 -5.41
C MET A 203 -26.50 5.80 -6.40
N ARG A 204 -26.15 6.08 -7.65
CA ARG A 204 -26.10 5.07 -8.71
C ARG A 204 -24.71 5.10 -9.33
N ARG A 205 -23.98 4.00 -9.18
CA ARG A 205 -22.60 3.93 -9.66
C ARG A 205 -22.51 3.98 -11.17
N ARG A 206 -21.61 4.81 -11.69
CA ARG A 206 -21.31 4.87 -13.12
C ARG A 206 -20.27 3.82 -13.44
N THR A 207 -20.67 2.75 -14.15
CA THR A 207 -19.94 1.49 -14.22
C THR A 207 -18.86 1.42 -15.29
N LEU A 208 -18.71 2.49 -16.10
CA LEU A 208 -17.81 2.42 -17.24
C LEU A 208 -16.43 1.90 -16.87
N TYR A 209 -15.72 2.65 -16.01
CA TYR A 209 -14.35 2.26 -15.65
C TYR A 209 -14.27 0.80 -15.23
N TYR A 210 -15.25 0.32 -14.48
CA TYR A 210 -15.19 -1.04 -13.97
C TYR A 210 -15.43 -2.04 -15.09
N GLY A 211 -16.38 -1.76 -15.97
CA GLY A 211 -16.62 -2.63 -17.10
C GLY A 211 -15.44 -2.68 -18.05
N LEU A 212 -14.59 -1.64 -18.02
CA LEU A 212 -13.43 -1.58 -18.91
C LEU A 212 -12.19 -2.21 -18.30
N ASN A 213 -12.06 -2.17 -16.97
CA ASN A 213 -10.89 -2.68 -16.29
C ASN A 213 -11.06 -4.11 -15.77
N LEU A 214 -12.29 -4.56 -15.55
CA LEU A 214 -12.54 -5.85 -14.90
C LEU A 214 -13.18 -6.90 -15.80
N LEU A 215 -13.98 -6.49 -16.79
CA LEU A 215 -14.70 -7.49 -17.56
C LEU A 215 -13.96 -7.92 -18.84
N ILE A 216 -13.34 -7.00 -19.58
CA ILE A 216 -12.68 -7.39 -20.83
C ILE A 216 -11.50 -8.32 -20.53
N PRO A 217 -10.68 -8.07 -19.52
CA PRO A 217 -9.62 -9.03 -19.18
C PRO A 217 -10.13 -10.45 -18.97
N CYS A 218 -11.35 -10.63 -18.48
CA CYS A 218 -11.87 -11.99 -18.33
C CYS A 218 -12.24 -12.60 -19.67
N VAL A 219 -12.68 -11.79 -20.62
CA VAL A 219 -12.99 -12.31 -21.94
C VAL A 219 -11.71 -12.66 -22.68
N LEU A 220 -10.66 -11.87 -22.46
CA LEU A 220 -9.39 -12.16 -23.13
C LEU A 220 -8.70 -13.37 -22.51
N ILE A 221 -8.83 -13.53 -21.22
CA ILE A 221 -8.29 -14.73 -20.57
C ILE A 221 -9.06 -15.97 -21.03
N SER A 222 -10.38 -15.92 -21.02
CA SER A 222 -11.16 -17.07 -21.45
C SER A 222 -10.84 -17.42 -22.91
N ALA A 223 -10.71 -16.40 -23.76
CA ALA A 223 -10.41 -16.66 -25.16
C ALA A 223 -9.03 -17.29 -25.33
N LEU A 224 -8.03 -16.78 -24.60
CA LEU A 224 -6.70 -17.34 -24.72
C LEU A 224 -6.62 -18.74 -24.13
N ALA A 225 -7.48 -19.03 -23.17
CA ALA A 225 -7.54 -20.40 -22.64
C ALA A 225 -8.23 -21.33 -23.61
N LEU A 226 -9.19 -20.83 -24.39
CA LEU A 226 -9.84 -21.67 -25.38
C LEU A 226 -9.04 -21.80 -26.67
N LEU A 227 -7.94 -21.09 -26.85
CA LEU A 227 -7.09 -21.29 -28.04
C LEU A 227 -6.22 -22.52 -27.84
N VAL A 228 -6.15 -23.07 -26.63
CA VAL A 228 -5.38 -24.30 -26.47
C VAL A 228 -6.01 -25.44 -27.26
N PHE A 229 -7.33 -25.40 -27.43
CA PHE A 229 -8.01 -26.47 -28.15
C PHE A 229 -7.77 -26.41 -29.66
N LEU A 230 -7.24 -25.29 -30.16
CA LEU A 230 -6.85 -25.17 -31.56
C LEU A 230 -5.36 -25.41 -31.78
N LEU A 231 -4.56 -25.29 -30.74
CA LEU A 231 -3.14 -25.55 -30.85
C LEU A 231 -2.88 -27.03 -31.11
N PRO A 232 -2.12 -27.39 -32.14
CA PRO A 232 -1.80 -28.81 -32.34
C PRO A 232 -1.01 -29.39 -31.18
N ALA A 233 -1.13 -30.71 -31.01
CA ALA A 233 -0.37 -31.39 -29.96
C ALA A 233 1.09 -31.54 -30.34
N ASP A 234 1.38 -31.64 -31.64
CA ASP A 234 2.77 -31.78 -32.07
C ASP A 234 3.62 -30.61 -31.64
N SER A 235 3.01 -29.42 -31.52
CA SER A 235 3.76 -28.24 -31.10
C SER A 235 4.52 -28.48 -29.81
N GLY A 236 3.93 -29.24 -28.89
CA GLY A 236 4.51 -29.44 -27.57
C GLY A 236 4.38 -28.20 -26.71
N GLU A 237 3.27 -27.48 -26.82
CA GLU A 237 3.11 -26.23 -26.12
C GLU A 237 1.72 -26.03 -25.53
N LYS A 238 0.80 -26.99 -25.67
CA LYS A 238 -0.54 -26.83 -25.11
C LYS A 238 -0.50 -26.54 -23.63
N ILE A 239 0.29 -27.32 -22.89
CA ILE A 239 0.38 -27.11 -21.44
C ILE A 239 0.99 -25.75 -21.15
N SER A 240 2.03 -25.37 -21.90
CA SER A 240 2.63 -24.07 -21.67
C SER A 240 1.59 -22.98 -21.84
N LEU A 241 0.82 -23.03 -22.93
CA LEU A 241 -0.20 -22.01 -23.16
C LEU A 241 -1.23 -22.00 -22.02
N GLY A 242 -1.81 -23.16 -21.71
CA GLY A 242 -2.88 -23.18 -20.72
C GLY A 242 -2.42 -22.78 -19.34
N ILE A 243 -1.29 -23.34 -18.89
CA ILE A 243 -0.80 -23.04 -17.55
C ILE A 243 -0.34 -21.59 -17.46
N THR A 244 0.24 -21.04 -18.53
CA THR A 244 0.63 -19.63 -18.49
C THR A 244 -0.60 -18.72 -18.50
N VAL A 245 -1.66 -19.11 -19.22
CA VAL A 245 -2.90 -18.35 -19.16
C VAL A 245 -3.47 -18.37 -17.74
N LEU A 246 -3.31 -19.49 -17.04
CA LEU A 246 -3.77 -19.55 -15.66
C LEU A 246 -2.90 -18.68 -14.75
N LEU A 247 -1.60 -18.65 -15.00
CA LEU A 247 -0.72 -17.77 -14.23
C LEU A 247 -1.09 -16.31 -14.45
N SER A 248 -1.38 -15.94 -15.69
CA SER A 248 -1.87 -14.60 -15.99
C SER A 248 -3.20 -14.34 -15.29
N LEU A 249 -4.07 -15.35 -15.24
CA LEU A 249 -5.30 -15.22 -14.48
C LEU A 249 -5.02 -14.91 -13.01
N THR A 250 -4.06 -15.60 -12.40
CA THR A 250 -3.71 -15.33 -11.01
C THR A 250 -3.23 -13.89 -10.82
N VAL A 251 -2.43 -13.39 -11.75
CA VAL A 251 -2.00 -11.99 -11.67
C VAL A 251 -3.21 -11.06 -11.77
N PHE A 252 -4.11 -11.37 -12.71
CA PHE A 252 -5.34 -10.62 -12.83
C PHE A 252 -6.21 -10.75 -11.58
N MET A 253 -6.10 -11.86 -10.85
CA MET A 253 -6.80 -11.97 -9.58
C MET A 253 -6.21 -11.03 -8.55
N LEU A 254 -4.91 -10.74 -8.63
CA LEU A 254 -4.35 -9.72 -7.75
C LEU A 254 -4.96 -8.37 -8.10
N LEU A 255 -5.04 -8.09 -9.39
CA LEU A 255 -5.59 -6.82 -9.83
C LEU A 255 -7.04 -6.71 -9.36
N VAL A 256 -7.84 -7.75 -9.59
CA VAL A 256 -9.24 -7.73 -9.19
C VAL A 256 -9.34 -7.59 -7.68
N ALA A 257 -8.41 -8.23 -6.95
CA ALA A 257 -8.38 -8.16 -5.51
C ALA A 257 -8.20 -6.72 -5.05
N GLU A 258 -7.72 -5.86 -5.93
CA GLU A 258 -7.55 -4.45 -5.56
C GLU A 258 -8.67 -3.58 -6.13
N ILE A 259 -8.96 -3.68 -7.43
CA ILE A 259 -9.98 -2.83 -8.05
C ILE A 259 -11.36 -3.10 -7.45
N MET A 260 -11.74 -4.36 -7.31
CA MET A 260 -13.08 -4.69 -6.86
C MET A 260 -13.28 -4.40 -5.38
N PRO A 261 -14.37 -3.73 -5.01
CA PRO A 261 -14.68 -3.48 -3.58
C PRO A 261 -15.33 -4.70 -2.96
N ALA A 262 -14.75 -5.20 -1.87
CA ALA A 262 -15.30 -6.32 -1.13
C ALA A 262 -15.64 -5.88 0.28
N THR A 263 -16.87 -6.18 0.71
CA THR A 263 -17.33 -5.85 2.05
C THR A 263 -17.76 -7.07 2.85
N SER A 264 -17.64 -8.27 2.28
CA SER A 264 -17.88 -9.55 2.96
C SER A 264 -19.32 -9.76 3.37
N ASP A 265 -20.24 -8.87 2.98
CA ASP A 265 -21.63 -9.01 3.40
C ASP A 265 -22.40 -10.00 2.52
N SER A 266 -22.09 -10.03 1.23
CA SER A 266 -22.83 -10.84 0.26
C SER A 266 -21.84 -11.52 -0.68
N VAL A 267 -22.28 -11.80 -1.90
CA VAL A 267 -21.41 -12.42 -2.90
C VAL A 267 -21.71 -11.72 -4.23
N PRO A 268 -20.96 -10.67 -4.58
CA PRO A 268 -21.23 -9.94 -5.82
C PRO A 268 -21.47 -10.85 -7.00
N LEU A 269 -22.65 -10.71 -7.62
CA LEU A 269 -22.97 -11.53 -8.79
C LEU A 269 -21.84 -11.49 -9.80
N ILE A 270 -21.23 -10.31 -10.00
CA ILE A 270 -20.09 -10.19 -10.92
C ILE A 270 -19.05 -11.27 -10.64
N ALA A 271 -18.84 -11.63 -9.37
CA ALA A 271 -17.80 -12.60 -9.05
C ALA A 271 -18.14 -14.00 -9.51
N GLN A 272 -19.39 -14.24 -9.90
CA GLN A 272 -19.73 -15.53 -10.50
C GLN A 272 -19.15 -15.63 -11.90
N TYR A 273 -18.80 -14.50 -12.51
CA TYR A 273 -18.11 -14.51 -13.78
C TYR A 273 -16.62 -14.78 -13.59
N PHE A 274 -16.02 -14.20 -12.54
CA PHE A 274 -14.63 -14.52 -12.22
C PHE A 274 -14.49 -16.01 -11.94
N ALA A 275 -15.48 -16.58 -11.25
CA ALA A 275 -15.44 -18.01 -10.97
C ALA A 275 -15.65 -18.82 -12.23
N SER A 276 -16.60 -18.43 -13.07
CA SER A 276 -16.81 -19.14 -14.33
C SER A 276 -15.54 -19.15 -15.17
N THR A 277 -14.79 -18.05 -15.19
CA THR A 277 -13.60 -18.00 -16.02
C THR A 277 -12.45 -18.80 -15.41
N MET A 278 -12.29 -18.76 -14.09
CA MET A 278 -11.25 -19.59 -13.49
C MET A 278 -11.54 -21.07 -13.68
N ILE A 279 -12.83 -21.44 -13.70
CA ILE A 279 -13.18 -22.83 -13.85
C ILE A 279 -13.01 -23.27 -15.31
N ILE A 280 -13.36 -22.41 -16.26
CA ILE A 280 -13.12 -22.75 -17.66
C ILE A 280 -11.63 -22.91 -17.93
N VAL A 281 -10.79 -22.07 -17.30
CA VAL A 281 -9.35 -22.19 -17.55
C VAL A 281 -8.80 -23.48 -16.93
N GLY A 282 -9.21 -23.79 -15.69
CA GLY A 282 -8.71 -25.00 -15.07
C GLY A 282 -9.21 -26.25 -15.74
N LEU A 283 -10.44 -26.22 -16.28
CA LEU A 283 -10.99 -27.37 -16.97
C LEU A 283 -10.46 -27.51 -18.38
N SER A 284 -10.02 -26.42 -19.00
CA SER A 284 -9.32 -26.58 -20.27
C SER A 284 -7.92 -27.12 -20.04
N VAL A 285 -7.34 -26.88 -18.86
CA VAL A 285 -6.06 -27.52 -18.57
C VAL A 285 -6.25 -29.01 -18.30
N VAL A 286 -7.35 -29.36 -17.62
CA VAL A 286 -7.64 -30.77 -17.37
C VAL A 286 -7.93 -31.50 -18.67
N VAL A 287 -8.65 -30.84 -19.58
CA VAL A 287 -9.02 -31.48 -20.82
C VAL A 287 -7.84 -31.50 -21.78
N THR A 288 -6.90 -30.56 -21.64
CA THR A 288 -5.67 -30.65 -22.41
C THR A 288 -4.82 -31.81 -21.93
N VAL A 289 -4.86 -32.10 -20.63
CA VAL A 289 -4.16 -33.28 -20.13
C VAL A 289 -4.81 -34.55 -20.68
N ILE A 290 -6.13 -34.57 -20.80
CA ILE A 290 -6.80 -35.75 -21.36
C ILE A 290 -6.47 -35.90 -22.84
N VAL A 291 -6.49 -34.79 -23.59
CA VAL A 291 -6.13 -34.84 -25.00
C VAL A 291 -4.70 -35.30 -25.17
N LEU A 292 -3.79 -34.86 -24.29
CA LEU A 292 -2.40 -35.28 -24.38
C LEU A 292 -2.25 -36.76 -24.09
N GLN A 293 -3.01 -37.30 -23.12
CA GLN A 293 -3.02 -38.74 -22.92
C GLN A 293 -3.46 -39.46 -24.18
N TYR A 294 -4.50 -38.95 -24.84
CA TYR A 294 -4.94 -39.58 -26.09
C TYR A 294 -3.86 -39.52 -27.16
N HIS A 295 -3.26 -38.35 -27.36
CA HIS A 295 -2.29 -38.16 -28.44
C HIS A 295 -1.03 -38.98 -28.21
N HIS A 296 -0.52 -38.98 -26.99
CA HIS A 296 0.71 -39.66 -26.62
C HIS A 296 0.49 -41.11 -26.22
N HIS A 297 -0.66 -41.69 -26.57
CA HIS A 297 -0.94 -43.06 -26.16
C HIS A 297 0.10 -44.01 -26.73
N ASP A 298 0.39 -45.06 -25.96
CA ASP A 298 1.41 -46.01 -26.35
C ASP A 298 0.82 -47.04 -27.32
N PRO A 299 1.36 -47.16 -28.54
CA PRO A 299 0.74 -48.10 -29.50
C PRO A 299 0.78 -49.55 -29.05
N ASP A 300 1.70 -49.90 -28.15
CA ASP A 300 1.82 -51.27 -27.67
C ASP A 300 1.09 -51.49 -26.36
N GLY A 301 0.37 -50.48 -25.88
CA GLY A 301 -0.41 -50.61 -24.66
C GLY A 301 -1.80 -51.15 -24.97
N GLY A 302 -2.80 -50.66 -24.27
CA GLY A 302 -4.16 -51.10 -24.49
C GLY A 302 -4.65 -50.83 -25.89
N LYS A 303 -5.87 -51.27 -26.20
CA LYS A 303 -6.50 -51.05 -27.48
C LYS A 303 -7.64 -50.06 -27.30
N MET A 304 -7.88 -49.26 -28.32
CA MET A 304 -8.89 -48.23 -28.23
C MET A 304 -10.26 -48.88 -28.06
N PRO A 305 -10.97 -48.65 -26.96
CA PRO A 305 -12.28 -49.29 -26.78
C PRO A 305 -13.19 -49.08 -27.98
N LYS A 306 -13.74 -50.20 -28.48
CA LYS A 306 -14.76 -50.09 -29.52
C LYS A 306 -15.78 -49.01 -29.17
N TRP A 307 -16.10 -48.93 -27.89
CA TRP A 307 -17.01 -47.93 -27.38
C TRP A 307 -16.62 -46.54 -27.82
N THR A 308 -15.37 -46.19 -27.59
CA THR A 308 -14.87 -44.88 -28.01
C THR A 308 -14.53 -44.86 -29.49
N ARG A 309 -14.12 -46.00 -30.06
CA ARG A 309 -13.86 -46.06 -31.50
C ARG A 309 -15.10 -45.72 -32.32
N VAL A 310 -16.29 -45.81 -31.72
CA VAL A 310 -17.53 -45.46 -32.40
C VAL A 310 -18.07 -44.13 -31.90
N ILE A 311 -17.91 -43.84 -30.60
CA ILE A 311 -18.40 -42.58 -30.06
C ILE A 311 -17.65 -41.40 -30.65
N LEU A 312 -16.34 -41.55 -30.91
CA LEU A 312 -15.52 -40.43 -31.36
C LEU A 312 -15.12 -40.57 -32.83
N LEU A 313 -14.44 -41.66 -33.19
CA LEU A 313 -13.92 -41.78 -34.55
C LEU A 313 -15.04 -41.86 -35.59
N ASN A 314 -16.26 -42.18 -35.18
CA ASN A 314 -17.37 -42.32 -36.11
C ASN A 314 -18.43 -41.24 -35.90
N TRP A 315 -19.02 -41.16 -34.72
CA TRP A 315 -20.17 -40.27 -34.51
C TRP A 315 -19.74 -38.82 -34.43
N CYS A 316 -19.00 -38.46 -33.37
CA CYS A 316 -18.48 -37.10 -33.25
C CYS A 316 -17.65 -36.73 -34.47
N ALA A 317 -16.79 -37.65 -34.93
CA ALA A 317 -15.97 -37.38 -36.10
C ALA A 317 -16.82 -37.00 -37.31
N TRP A 318 -17.94 -37.70 -37.52
CA TRP A 318 -18.79 -37.38 -38.65
C TRP A 318 -19.56 -36.08 -38.43
N PHE A 319 -20.02 -35.85 -37.19
CA PHE A 319 -20.78 -34.64 -36.90
C PHE A 319 -19.94 -33.39 -37.17
N LEU A 320 -18.65 -33.45 -36.90
CA LEU A 320 -17.75 -32.32 -37.12
C LEU A 320 -17.18 -32.29 -38.53
N ARG A 321 -17.67 -33.14 -39.43
CA ARG A 321 -17.16 -33.22 -40.80
C ARG A 321 -15.63 -33.30 -40.78
N MET A 322 -15.13 -34.33 -40.11
CA MET A 322 -13.70 -34.57 -39.97
C MET A 322 -13.35 -35.96 -40.51
N LYS A 323 -12.23 -36.05 -41.20
CA LYS A 323 -11.79 -37.32 -41.78
C LYS A 323 -10.38 -37.65 -41.31
N PRO A 479 22.41 -71.51 -51.27
CA PRO A 479 22.39 -71.35 -49.80
C PRO A 479 22.61 -69.90 -49.38
N ASP A 480 23.76 -69.33 -49.77
CA ASP A 480 24.06 -67.96 -49.41
C ASP A 480 22.94 -67.03 -49.86
N LEU A 481 22.36 -67.29 -51.03
CA LEU A 481 21.29 -66.44 -51.54
C LEU A 481 20.08 -66.49 -50.61
N ALA A 482 19.74 -67.68 -50.10
CA ALA A 482 18.62 -67.78 -49.18
C ALA A 482 18.93 -67.11 -47.86
N LYS A 483 20.17 -67.25 -47.36
CA LYS A 483 20.56 -66.55 -46.15
C LYS A 483 20.38 -65.05 -46.31
N ILE A 484 20.62 -64.53 -47.51
CA ILE A 484 20.42 -63.10 -47.75
C ILE A 484 18.93 -62.77 -47.74
N LEU A 485 18.09 -63.68 -48.23
CA LEU A 485 16.65 -63.43 -48.24
C LEU A 485 16.11 -63.26 -46.83
N GLU A 486 16.50 -64.14 -45.91
CA GLU A 486 16.04 -64.03 -44.54
C GLU A 486 16.43 -62.69 -43.94
N GLU A 487 17.66 -62.24 -44.20
CA GLU A 487 18.10 -60.96 -43.65
C GLU A 487 17.22 -59.81 -44.14
N VAL A 488 16.90 -59.79 -45.43
CA VAL A 488 16.12 -58.68 -45.98
C VAL A 488 14.67 -58.79 -45.52
N ARG A 489 14.15 -60.01 -45.43
CA ARG A 489 12.77 -60.18 -44.97
C ARG A 489 12.60 -59.62 -43.57
N TYR A 490 13.56 -59.89 -42.68
CA TYR A 490 13.49 -59.32 -41.34
C TYR A 490 13.34 -57.81 -41.44
N ILE A 491 14.21 -57.16 -42.21
CA ILE A 491 14.18 -55.71 -42.31
C ILE A 491 12.82 -55.27 -42.84
N ALA A 492 12.35 -55.92 -43.90
CA ALA A 492 11.06 -55.56 -44.49
C ALA A 492 9.94 -55.71 -43.47
N ASN A 493 9.95 -56.80 -42.70
CA ASN A 493 8.87 -57.03 -41.75
C ASN A 493 8.99 -56.06 -40.58
N ARG A 494 10.22 -55.74 -40.18
CA ARG A 494 10.39 -54.74 -39.14
C ARG A 494 9.73 -53.45 -39.59
N PHE A 495 9.94 -53.08 -40.85
CA PHE A 495 9.34 -51.87 -41.40
C PHE A 495 7.82 -52.00 -41.36
N ARG A 496 7.31 -53.14 -41.85
CA ARG A 496 5.87 -53.34 -41.93
C ARG A 496 5.22 -53.39 -40.56
N CYS A 497 6.00 -53.64 -39.51
CA CYS A 497 5.44 -53.72 -38.17
C CYS A 497 5.42 -52.35 -37.51
N GLN A 498 6.45 -51.54 -37.74
CA GLN A 498 6.41 -50.18 -37.21
C GLN A 498 5.32 -49.38 -37.91
N ASP A 499 5.11 -49.65 -39.19
CA ASP A 499 4.05 -48.98 -39.95
C ASP A 499 2.69 -49.28 -39.33
N GLU A 500 2.43 -50.55 -39.02
CA GLU A 500 1.18 -50.91 -38.35
C GLU A 500 1.04 -50.14 -37.05
N SER A 501 2.11 -50.08 -36.26
CA SER A 501 2.07 -49.37 -34.98
C SER A 501 1.87 -47.88 -35.21
N GLU A 502 2.39 -47.34 -36.31
CA GLU A 502 2.17 -45.93 -36.65
C GLU A 502 0.73 -45.67 -37.01
N ALA A 503 0.06 -46.61 -37.68
CA ALA A 503 -1.36 -46.45 -37.98
C ALA A 503 -2.18 -46.46 -36.70
N VAL A 504 -1.96 -47.43 -35.83
CA VAL A 504 -2.65 -47.44 -34.54
C VAL A 504 -2.43 -46.10 -33.83
N CYS A 505 -1.19 -45.59 -33.86
CA CYS A 505 -0.92 -44.30 -33.25
C CYS A 505 -1.73 -43.19 -33.91
N SER A 506 -1.94 -43.29 -35.23
CA SER A 506 -2.65 -42.23 -35.94
C SER A 506 -4.12 -42.13 -35.54
N GLU A 507 -4.73 -43.25 -35.14
CA GLU A 507 -6.10 -43.19 -34.64
C GLU A 507 -6.15 -42.51 -33.28
N TRP A 508 -5.22 -42.83 -32.40
CA TRP A 508 -5.15 -42.14 -31.12
C TRP A 508 -4.85 -40.67 -31.31
N LYS A 509 -3.98 -40.35 -32.28
CA LYS A 509 -3.72 -38.95 -32.60
C LYS A 509 -4.95 -38.30 -33.22
N PHE A 510 -5.70 -39.07 -34.01
CA PHE A 510 -6.94 -38.56 -34.58
C PHE A 510 -8.00 -38.35 -33.51
N ALA A 511 -8.18 -39.34 -32.62
CA ALA A 511 -9.15 -39.19 -31.54
C ALA A 511 -8.87 -37.96 -30.72
N ALA A 512 -7.59 -37.67 -30.45
CA ALA A 512 -7.25 -36.47 -29.70
C ALA A 512 -7.75 -35.22 -30.40
N CYS A 513 -7.64 -35.18 -31.73
CA CYS A 513 -8.16 -34.04 -32.48
C CYS A 513 -9.68 -33.93 -32.33
N VAL A 514 -10.39 -35.05 -32.38
CA VAL A 514 -11.85 -35.02 -32.28
C VAL A 514 -12.26 -34.57 -30.88
N VAL A 515 -11.66 -35.17 -29.85
CA VAL A 515 -11.94 -34.73 -28.49
C VAL A 515 -11.58 -33.26 -28.34
N ASP A 516 -10.50 -32.85 -29.00
CA ASP A 516 -10.01 -31.49 -28.87
C ASP A 516 -11.06 -30.50 -29.38
N ARG A 517 -11.66 -30.78 -30.54
CA ARG A 517 -12.67 -29.88 -31.10
C ARG A 517 -14.00 -29.97 -30.36
N LEU A 518 -14.43 -31.19 -29.98
CA LEU A 518 -15.64 -31.29 -29.17
C LEU A 518 -15.53 -30.38 -27.94
N CYS A 519 -14.40 -30.44 -27.25
CA CYS A 519 -14.20 -29.57 -26.11
C CYS A 519 -14.23 -28.11 -26.52
N LEU A 520 -13.71 -27.80 -27.72
CA LEU A 520 -13.78 -26.43 -28.20
C LEU A 520 -15.22 -25.95 -28.26
N MET A 521 -16.10 -26.73 -28.87
CA MET A 521 -17.50 -26.32 -29.00
C MET A 521 -18.21 -26.38 -27.66
N ALA A 522 -18.02 -27.46 -26.91
CA ALA A 522 -18.65 -27.57 -25.60
C ALA A 522 -18.26 -26.41 -24.70
N PHE A 523 -16.97 -26.13 -24.59
CA PHE A 523 -16.52 -24.99 -23.79
C PHE A 523 -17.10 -23.68 -24.30
N SER A 524 -17.29 -23.56 -25.63
CA SER A 524 -17.85 -22.33 -26.18
C SER A 524 -19.25 -22.08 -25.66
N VAL A 525 -20.15 -23.07 -25.81
CA VAL A 525 -21.54 -22.86 -25.39
C VAL A 525 -21.61 -22.59 -23.90
N PHE A 526 -20.77 -23.27 -23.11
CA PHE A 526 -20.77 -23.06 -21.67
C PHE A 526 -20.48 -21.61 -21.33
N THR A 527 -19.47 -21.03 -21.98
CA THR A 527 -19.17 -19.62 -21.75
C THR A 527 -20.40 -18.76 -22.02
N ILE A 528 -21.09 -19.00 -23.13
CA ILE A 528 -22.23 -18.19 -23.51
C ILE A 528 -23.26 -18.13 -22.38
N ILE A 529 -23.72 -19.29 -21.93
CA ILE A 529 -24.79 -19.32 -20.93
C ILE A 529 -24.33 -18.65 -19.65
N CYS A 530 -23.12 -18.94 -19.19
CA CYS A 530 -22.60 -18.33 -17.97
C CYS A 530 -22.48 -16.83 -18.14
N GLU B 1 -38.58 32.72 30.99
CA GLU B 1 -38.70 33.49 32.26
C GLU B 1 -38.28 32.67 33.47
N PHE B 2 -38.86 31.47 33.56
CA PHE B 2 -38.52 30.57 34.65
C PHE B 2 -37.27 29.76 34.35
N GLN B 3 -37.08 29.40 33.09
CA GLN B 3 -35.82 28.75 32.69
C GLN B 3 -34.64 29.66 32.98
N ARG B 4 -34.77 30.95 32.65
CA ARG B 4 -33.69 31.91 32.93
C ARG B 4 -33.41 32.00 34.43
N LYS B 5 -34.47 32.15 35.22
CA LYS B 5 -34.32 32.28 36.66
C LYS B 5 -33.68 31.04 37.27
N LEU B 6 -34.10 29.86 36.83
CA LEU B 6 -33.51 28.63 37.34
C LEU B 6 -32.04 28.53 36.96
N TYR B 7 -31.72 28.81 35.70
CA TYR B 7 -30.30 28.75 35.30
C TYR B 7 -29.46 29.73 36.10
N LYS B 8 -30.01 30.88 36.47
CA LYS B 8 -29.23 31.82 37.27
C LYS B 8 -29.08 31.34 38.71
N GLU B 9 -30.12 30.71 39.25
CA GLU B 9 -30.08 30.28 40.64
C GLU B 9 -29.19 29.05 40.82
N LEU B 10 -29.18 28.15 39.84
CA LEU B 10 -28.48 26.89 40.01
C LEU B 10 -26.97 27.07 40.08
N VAL B 11 -26.41 28.04 39.35
CA VAL B 11 -24.95 28.18 39.31
C VAL B 11 -24.43 29.05 40.43
N LYS B 12 -25.29 29.69 41.20
CA LYS B 12 -24.87 30.53 42.32
C LYS B 12 -24.09 29.71 43.33
N ASN B 13 -22.78 29.92 43.41
CA ASN B 13 -21.85 29.22 44.29
C ASN B 13 -21.53 27.81 43.84
N TYR B 14 -22.01 27.37 42.68
CA TYR B 14 -21.66 26.04 42.21
C TYR B 14 -20.17 25.98 41.89
N ASN B 15 -19.57 24.83 42.14
CA ASN B 15 -18.15 24.60 41.93
C ASN B 15 -17.98 23.28 41.19
N PRO B 16 -17.64 23.30 39.90
CA PRO B 16 -17.42 22.03 39.18
C PRO B 16 -16.30 21.17 39.76
N LEU B 17 -15.52 21.67 40.72
CA LEU B 17 -14.50 20.85 41.35
C LEU B 17 -15.10 19.94 42.43
N GLU B 18 -16.20 20.36 43.04
CA GLU B 18 -16.80 19.65 44.17
C GLU B 18 -17.53 18.40 43.72
N ARG B 19 -17.12 17.25 44.23
CA ARG B 19 -17.91 16.03 44.06
C ARG B 19 -19.26 16.29 44.74
N PRO B 20 -20.39 16.23 44.01
CA PRO B 20 -21.65 16.80 44.52
C PRO B 20 -22.44 15.88 45.45
N VAL B 21 -21.85 15.55 46.60
CA VAL B 21 -22.50 14.73 47.61
C VAL B 21 -22.90 15.63 48.76
N ALA B 22 -23.93 15.22 49.50
CA ALA B 22 -24.36 15.97 50.67
C ALA B 22 -23.41 15.74 51.84
N ASN B 23 -23.08 14.48 52.10
CA ASN B 23 -22.13 14.10 53.14
C ASN B 23 -20.78 13.79 52.49
N ASP B 24 -19.73 14.47 52.96
CA ASP B 24 -18.43 14.35 52.30
C ASP B 24 -17.78 12.99 52.56
N SER B 25 -18.03 12.39 53.72
CA SER B 25 -17.44 11.11 54.04
C SER B 25 -18.02 9.97 53.21
N GLN B 26 -19.13 10.17 52.58
CA GLN B 26 -19.77 9.11 51.84
C GLN B 26 -19.29 9.09 50.39
N PRO B 27 -19.29 7.95 49.73
CA PRO B 27 -19.00 7.92 48.30
C PRO B 27 -20.22 8.32 47.49
N LEU B 28 -19.96 8.77 46.28
CA LEU B 28 -21.01 9.10 45.32
C LEU B 28 -21.21 7.90 44.41
N THR B 29 -22.45 7.43 44.32
CA THR B 29 -22.76 6.33 43.42
C THR B 29 -22.91 6.86 42.01
N VAL B 30 -22.25 6.18 41.07
CA VAL B 30 -22.34 6.51 39.66
C VAL B 30 -22.66 5.21 38.95
N TYR B 31 -23.80 5.17 38.27
CA TYR B 31 -24.17 4.01 37.47
C TYR B 31 -23.57 4.19 36.09
N PHE B 32 -22.90 3.16 35.60
CA PHE B 32 -22.22 3.21 34.33
C PHE B 32 -22.69 2.06 33.47
N SER B 33 -23.13 2.39 32.26
CA SER B 33 -23.45 1.40 31.25
C SER B 33 -23.04 1.99 29.92
N LEU B 34 -23.38 1.29 28.84
CA LEU B 34 -23.12 1.83 27.53
C LEU B 34 -24.11 1.22 26.54
N SER B 35 -24.28 1.91 25.42
CA SER B 35 -25.06 1.43 24.30
C SER B 35 -24.10 1.13 23.17
N LEU B 36 -24.09 -0.10 22.70
CA LEU B 36 -23.28 -0.47 21.55
C LEU B 36 -24.09 -0.22 20.30
N LEU B 37 -23.56 0.62 19.41
CA LEU B 37 -24.26 1.01 18.21
C LEU B 37 -23.72 0.32 16.97
N GLN B 38 -22.41 0.16 16.89
CA GLN B 38 -21.81 -0.46 15.72
C GLN B 38 -20.38 -0.83 16.02
N ILE B 39 -19.96 -2.00 15.56
CA ILE B 39 -18.56 -2.40 15.61
C ILE B 39 -17.96 -1.93 14.28
N MET B 40 -17.22 -0.82 14.33
CA MET B 40 -16.72 -0.20 13.12
C MET B 40 -15.61 -1.01 12.48
N ASP B 41 -14.63 -1.45 13.26
CA ASP B 41 -13.47 -2.11 12.67
C ASP B 41 -12.79 -2.99 13.72
N VAL B 42 -12.29 -4.13 13.26
CA VAL B 42 -11.50 -5.05 14.08
C VAL B 42 -10.13 -5.12 13.40
N ASP B 43 -9.17 -4.38 13.93
CA ASP B 43 -7.81 -4.32 13.38
C ASP B 43 -7.01 -5.45 13.98
N GLU B 44 -6.80 -6.52 13.22
CA GLU B 44 -6.05 -7.66 13.75
C GLU B 44 -4.56 -7.36 13.85
N LYS B 45 -4.01 -6.61 12.89
CA LYS B 45 -2.57 -6.37 12.89
C LYS B 45 -2.17 -5.38 13.98
N ASN B 46 -2.98 -4.37 14.23
CA ASN B 46 -2.70 -3.40 15.30
C ASN B 46 -3.36 -3.75 16.61
N GLN B 47 -4.18 -4.81 16.65
CA GLN B 47 -4.81 -5.27 17.89
C GLN B 47 -5.70 -4.19 18.48
N VAL B 48 -6.51 -3.55 17.63
CA VAL B 48 -7.35 -2.44 18.03
C VAL B 48 -8.79 -2.71 17.59
N LEU B 49 -9.72 -2.66 18.54
CA LEU B 49 -11.15 -2.66 18.26
C LEU B 49 -11.67 -1.23 18.19
N THR B 50 -12.33 -0.90 17.08
CA THR B 50 -13.02 0.39 16.92
C THR B 50 -14.51 0.18 17.05
N THR B 51 -15.16 0.96 17.91
CA THR B 51 -16.60 0.85 18.12
C THR B 51 -17.22 2.24 18.21
N ASN B 52 -18.47 2.33 17.77
CA ASN B 52 -19.32 3.50 18.01
C ASN B 52 -20.20 3.17 19.21
N ILE B 53 -20.05 3.92 20.28
CA ILE B 53 -20.68 3.62 21.56
C ILE B 53 -21.25 4.89 22.15
N TRP B 54 -22.38 4.76 22.82
CA TRP B 54 -22.91 5.82 23.66
C TRP B 54 -22.68 5.39 25.10
N LEU B 55 -21.82 6.11 25.80
CA LEU B 55 -21.59 5.85 27.21
C LEU B 55 -22.81 6.32 27.98
N GLN B 56 -23.11 5.66 29.09
CA GLN B 56 -24.23 6.06 29.93
C GLN B 56 -23.75 6.18 31.37
N MET B 57 -23.84 7.39 31.91
CA MET B 57 -23.45 7.66 33.27
C MET B 57 -24.60 8.37 33.96
N SER B 58 -24.90 7.95 35.18
CA SER B 58 -25.94 8.63 35.94
C SER B 58 -25.53 8.71 37.40
N TRP B 59 -25.80 9.87 37.99
CA TRP B 59 -25.52 10.12 39.38
C TRP B 59 -26.51 11.15 39.86
N THR B 60 -26.55 11.36 41.16
CA THR B 60 -27.34 12.41 41.75
C THR B 60 -26.43 13.56 42.15
N ASP B 61 -26.84 14.77 41.82
CA ASP B 61 -26.12 15.98 42.20
C ASP B 61 -26.97 16.67 43.26
N HIS B 62 -26.41 16.79 44.46
CA HIS B 62 -27.17 17.31 45.59
C HIS B 62 -27.57 18.77 45.39
N TYR B 63 -26.72 19.56 44.73
CA TYR B 63 -26.98 20.99 44.56
C TYR B 63 -27.92 21.31 43.41
N LEU B 64 -28.05 20.44 42.42
CA LEU B 64 -28.85 20.74 41.23
C LEU B 64 -30.27 20.22 41.41
N GLN B 65 -30.97 20.82 42.37
CA GLN B 65 -32.31 20.42 42.73
C GLN B 65 -33.21 21.64 42.82
N TRP B 66 -34.45 21.52 42.35
CA TRP B 66 -35.38 22.64 42.38
C TRP B 66 -36.79 22.11 42.48
N ASN B 67 -37.67 22.92 43.06
CA ASN B 67 -39.10 22.62 43.18
C ASN B 67 -39.82 23.14 41.95
N VAL B 68 -40.48 22.24 41.22
CA VAL B 68 -41.01 22.54 39.89
C VAL B 68 -42.38 23.20 40.01
N SER B 69 -42.76 23.64 41.21
CA SER B 69 -43.88 24.56 41.37
C SER B 69 -43.46 26.01 41.32
N GLU B 70 -42.21 26.30 41.70
CA GLU B 70 -41.68 27.65 41.61
C GLU B 70 -41.07 27.95 40.24
N TYR B 71 -40.93 26.94 39.38
CA TYR B 71 -40.42 27.12 38.02
C TYR B 71 -41.31 26.34 37.07
N PRO B 72 -42.58 26.72 36.96
CA PRO B 72 -43.53 25.94 36.18
C PRO B 72 -43.07 25.71 34.76
N GLY B 73 -43.18 24.46 34.30
CA GLY B 73 -42.78 24.08 32.98
C GLY B 73 -41.32 23.69 32.84
N VAL B 74 -40.47 24.15 33.75
CA VAL B 74 -39.04 23.84 33.70
C VAL B 74 -38.83 22.53 34.46
N LYS B 75 -38.77 21.43 33.73
CA LYS B 75 -38.64 20.11 34.35
C LYS B 75 -37.24 19.55 34.24
N THR B 76 -36.41 20.10 33.37
CA THR B 76 -35.03 19.66 33.22
C THR B 76 -34.18 20.85 32.80
N VAL B 77 -32.87 20.69 32.96
CA VAL B 77 -31.89 21.67 32.55
C VAL B 77 -30.71 20.90 31.98
N ARG B 78 -29.85 21.63 31.29
CA ARG B 78 -28.72 21.04 30.59
C ARG B 78 -27.49 21.90 30.85
N PHE B 79 -26.34 21.25 31.04
CA PHE B 79 -25.09 21.93 31.29
C PHE B 79 -23.99 21.35 30.40
N PRO B 80 -23.19 22.20 29.76
CA PRO B 80 -22.09 21.71 28.93
C PRO B 80 -20.84 21.43 29.77
N ASP B 81 -19.81 20.93 29.09
CA ASP B 81 -18.53 20.64 29.71
C ASP B 81 -17.97 21.87 30.44
N GLY B 82 -17.61 21.68 31.71
CA GLY B 82 -16.94 22.70 32.48
C GLY B 82 -17.81 23.47 33.44
N GLN B 83 -19.14 23.36 33.35
CA GLN B 83 -20.03 24.11 34.24
C GLN B 83 -20.75 23.21 35.23
N ILE B 84 -20.48 21.91 35.22
CA ILE B 84 -21.09 20.96 36.15
C ILE B 84 -20.03 19.92 36.50
N TRP B 85 -20.07 19.42 37.73
CA TRP B 85 -19.23 18.29 38.09
C TRP B 85 -19.66 17.07 37.30
N LYS B 86 -18.68 16.32 36.80
CA LYS B 86 -18.93 15.11 36.03
C LYS B 86 -17.93 14.05 36.45
N PRO B 87 -18.32 12.78 36.44
CA PRO B 87 -17.32 11.71 36.62
C PRO B 87 -16.27 11.72 35.52
N ASP B 88 -15.01 11.54 35.92
CA ASP B 88 -13.88 11.46 34.98
C ASP B 88 -13.61 10.01 34.59
N ILE B 89 -14.59 9.38 33.97
CA ILE B 89 -14.50 7.98 33.61
C ILE B 89 -13.84 7.86 32.24
N LEU B 90 -12.74 7.14 32.18
CA LEU B 90 -11.98 6.96 30.96
C LEU B 90 -11.95 5.49 30.58
N LEU B 91 -11.67 5.25 29.31
CA LEU B 91 -11.39 3.91 28.84
C LEU B 91 -9.92 3.61 29.10
N TYR B 92 -9.64 2.74 30.07
CA TYR B 92 -8.27 2.46 30.47
C TYR B 92 -7.44 1.95 29.31
N ASN B 93 -7.95 0.98 28.56
CA ASN B 93 -7.18 0.33 27.50
C ASN B 93 -7.46 0.97 26.15
N SER B 94 -7.36 2.29 26.14
CA SER B 94 -7.55 3.05 24.92
C SER B 94 -6.34 2.91 24.00
N ALA B 95 -6.60 2.86 22.70
CA ALA B 95 -5.58 2.88 21.68
C ALA B 95 -5.63 4.16 20.83
N ASP B 96 -6.29 5.20 21.35
CA ASP B 96 -6.45 6.45 20.62
C ASP B 96 -5.29 7.38 20.95
N GLU B 97 -4.73 8.01 19.91
CA GLU B 97 -3.61 8.92 20.12
C GLU B 97 -3.98 10.06 21.06
N ARG B 98 -5.27 10.38 21.18
CA ARG B 98 -5.73 11.38 22.15
C ARG B 98 -6.09 10.76 23.49
N PHE B 99 -6.20 9.43 23.54
CA PHE B 99 -6.55 8.63 24.70
C PHE B 99 -7.99 8.78 25.19
N ASP B 100 -8.60 9.94 25.06
CA ASP B 100 -10.01 10.13 25.41
C ASP B 100 -10.77 10.48 24.14
N ALA B 101 -11.55 9.53 23.63
CA ALA B 101 -12.26 9.73 22.37
C ALA B 101 -13.70 10.22 22.54
N THR B 102 -14.16 10.38 23.78
CA THR B 102 -15.55 10.76 24.02
C THR B 102 -15.82 12.18 23.53
N PHE B 103 -16.89 12.34 22.75
CA PHE B 103 -17.38 13.66 22.37
C PHE B 103 -18.24 14.21 23.49
N HIS B 104 -17.85 15.35 24.04
CA HIS B 104 -18.47 15.90 25.24
C HIS B 104 -19.78 16.58 24.89
N THR B 105 -20.87 16.12 25.50
CA THR B 105 -22.22 16.63 25.28
C THR B 105 -22.80 17.18 26.58
N ASN B 106 -24.08 17.51 26.56
CA ASN B 106 -24.75 18.08 27.73
C ASN B 106 -25.01 17.02 28.79
N VAL B 107 -24.95 17.44 30.04
CA VAL B 107 -25.52 16.68 31.15
C VAL B 107 -26.97 17.14 31.35
N LEU B 108 -27.90 16.20 31.30
CA LEU B 108 -29.32 16.49 31.52
C LEU B 108 -29.67 16.22 32.98
N VAL B 109 -30.19 17.23 33.66
CA VAL B 109 -30.52 17.16 35.09
C VAL B 109 -32.01 17.46 35.27
N ASN B 110 -32.72 16.59 36.01
CA ASN B 110 -34.11 16.85 36.29
C ASN B 110 -34.24 17.45 37.69
N SER B 111 -35.47 17.62 38.17
CA SER B 111 -35.70 18.54 39.27
C SER B 111 -35.27 17.98 40.62
N SER B 112 -35.11 16.67 40.72
CA SER B 112 -34.64 16.05 41.94
C SER B 112 -33.13 15.90 41.95
N GLY B 113 -32.46 16.37 40.91
CA GLY B 113 -31.01 16.39 40.87
C GLY B 113 -30.38 15.25 40.14
N HIS B 114 -31.15 14.41 39.45
CA HIS B 114 -30.59 13.25 38.80
CA HIS B 114 -30.59 13.25 38.80
C HIS B 114 -29.91 13.67 37.50
N CYS B 115 -28.62 13.37 37.39
CA CYS B 115 -27.79 13.80 36.28
C CYS B 115 -27.64 12.64 35.31
N GLN B 116 -27.94 12.89 34.06
CA GLN B 116 -27.77 11.91 33.00
C GLN B 116 -26.78 12.46 31.99
N TYR B 117 -25.88 11.61 31.53
CA TYR B 117 -24.78 12.05 30.68
C TYR B 117 -24.46 10.92 29.71
N LEU B 118 -24.72 11.14 28.42
CA LEU B 118 -24.57 10.11 27.40
C LEU B 118 -23.67 10.60 26.29
N PRO B 119 -22.38 10.75 26.57
CA PRO B 119 -21.47 11.19 25.53
C PRO B 119 -21.26 10.10 24.50
N PRO B 120 -21.35 10.42 23.21
CA PRO B 120 -21.00 9.44 22.19
C PRO B 120 -19.51 9.46 21.88
N GLY B 121 -19.08 8.60 20.98
CA GLY B 121 -17.69 8.60 20.59
C GLY B 121 -17.29 7.40 19.77
N ILE B 122 -16.28 7.57 18.93
CA ILE B 122 -15.65 6.47 18.23
C ILE B 122 -14.49 6.01 19.11
N PHE B 123 -14.65 4.87 19.76
CA PHE B 123 -13.69 4.41 20.75
C PHE B 123 -12.75 3.38 20.14
N LYS B 124 -11.45 3.61 20.29
CA LYS B 124 -10.43 2.64 19.97
C LYS B 124 -9.93 1.99 21.25
N SER B 125 -10.00 0.67 21.33
CA SER B 125 -9.53 -0.06 22.49
C SER B 125 -8.54 -1.12 22.05
N SER B 126 -7.57 -1.38 22.91
CA SER B 126 -6.57 -2.41 22.62
C SER B 126 -7.16 -3.76 22.95
N CYS B 127 -7.29 -4.62 21.93
CA CYS B 127 -7.87 -5.95 22.09
C CYS B 127 -6.90 -6.99 21.58
N TYR B 128 -6.60 -7.98 22.41
CA TYR B 128 -5.81 -9.12 21.97
C TYR B 128 -6.62 -9.99 21.01
N ILE B 129 -6.18 -10.07 19.77
CA ILE B 129 -6.92 -10.76 18.72
C ILE B 129 -6.22 -12.08 18.44
N ASP B 130 -6.89 -13.18 18.78
CA ASP B 130 -6.35 -14.53 18.60
C ASP B 130 -6.91 -15.12 17.32
N VAL B 131 -6.06 -15.32 16.32
CA VAL B 131 -6.48 -15.86 15.03
C VAL B 131 -6.07 -17.32 14.87
N ARG B 132 -5.86 -18.03 15.97
CA ARG B 132 -5.51 -19.47 15.92
C ARG B 132 -6.56 -20.19 15.08
N TRP B 133 -7.86 -19.98 15.33
CA TRP B 133 -8.92 -20.69 14.64
C TRP B 133 -9.51 -19.91 13.48
N PHE B 134 -8.85 -18.87 13.03
CA PHE B 134 -9.30 -18.12 11.86
C PHE B 134 -9.58 -19.08 10.71
N PRO B 135 -10.70 -18.94 9.99
CA PRO B 135 -11.72 -17.87 10.06
C PRO B 135 -12.85 -18.15 11.04
N PHE B 136 -12.86 -19.30 11.72
CA PHE B 136 -13.92 -19.63 12.67
C PHE B 136 -13.52 -19.22 14.08
N ASP B 137 -13.14 -17.96 14.25
CA ASP B 137 -12.53 -17.49 15.48
C ASP B 137 -13.48 -16.56 16.21
N VAL B 138 -13.44 -16.64 17.55
CA VAL B 138 -14.27 -15.83 18.42
C VAL B 138 -13.33 -14.95 19.24
N GLN B 139 -13.62 -13.65 19.27
CA GLN B 139 -12.77 -12.68 19.93
C GLN B 139 -13.49 -12.11 21.13
N HIS B 140 -12.77 -11.99 22.23
CA HIS B 140 -13.28 -11.39 23.46
C HIS B 140 -12.49 -10.11 23.70
N CYS B 141 -13.08 -8.97 23.36
CA CYS B 141 -12.42 -7.68 23.48
C CYS B 141 -12.95 -6.97 24.71
N LYS B 142 -12.04 -6.61 25.61
CA LYS B 142 -12.42 -5.99 26.87
C LYS B 142 -12.46 -4.48 26.71
N LEU B 143 -13.45 -3.86 27.34
CA LEU B 143 -13.56 -2.41 27.44
C LEU B 143 -13.57 -2.11 28.94
N LYS B 144 -12.46 -1.61 29.45
CA LYS B 144 -12.30 -1.35 30.88
C LYS B 144 -12.47 0.14 31.10
N PHE B 145 -13.53 0.50 31.82
CA PHE B 145 -13.82 1.89 32.16
C PHE B 145 -13.68 2.07 33.67
N GLY B 146 -13.22 3.25 34.07
CA GLY B 146 -13.17 3.56 35.48
C GLY B 146 -12.81 5.00 35.71
N SER B 147 -13.19 5.50 36.87
CA SER B 147 -12.77 6.82 37.29
C SER B 147 -11.25 6.86 37.41
N TRP B 148 -10.63 7.87 36.81
CA TRP B 148 -9.18 7.95 36.82
C TRP B 148 -8.65 8.36 38.18
N SER B 149 -9.22 9.42 38.77
CA SER B 149 -8.68 10.03 39.97
C SER B 149 -9.59 9.93 41.18
N TYR B 150 -10.79 9.35 41.05
CA TYR B 150 -11.68 9.11 42.19
C TYR B 150 -11.64 7.63 42.51
N GLY B 151 -11.15 7.31 43.70
CA GLY B 151 -11.09 5.94 44.15
C GLY B 151 -12.40 5.47 44.75
N GLY B 152 -12.36 4.24 45.26
CA GLY B 152 -13.56 3.60 45.78
C GLY B 152 -14.16 4.29 46.98
N TRP B 153 -13.34 5.01 47.75
CA TRP B 153 -13.87 5.76 48.89
C TRP B 153 -14.65 7.00 48.46
N SER B 154 -14.44 7.50 47.25
CA SER B 154 -15.11 8.72 46.80
C SER B 154 -16.15 8.50 45.73
N LEU B 155 -15.97 7.52 44.85
CA LEU B 155 -16.87 7.33 43.71
C LEU B 155 -17.16 5.84 43.59
N ASP B 156 -18.37 5.45 43.99
CA ASP B 156 -18.77 4.04 44.03
C ASP B 156 -19.35 3.66 42.68
N LEU B 157 -18.49 3.24 41.77
CA LEU B 157 -18.95 2.87 40.44
C LEU B 157 -19.83 1.63 40.52
N GLN B 158 -20.95 1.67 39.80
CA GLN B 158 -21.86 0.55 39.72
C GLN B 158 -22.23 0.32 38.26
N MET B 159 -22.47 -0.93 37.93
CA MET B 159 -22.69 -1.35 36.55
C MET B 159 -24.17 -1.59 36.28
N GLN B 160 -24.55 -1.38 35.03
CA GLN B 160 -25.85 -1.73 34.52
C GLN B 160 -25.65 -2.44 33.19
N GLU B 161 -26.58 -3.33 32.86
CA GLU B 161 -26.42 -4.15 31.67
C GLU B 161 -26.30 -3.29 30.42
N ALA B 162 -25.35 -3.66 29.57
CA ALA B 162 -25.15 -2.92 28.32
C ALA B 162 -26.38 -3.00 27.43
N ASP B 163 -26.61 -1.93 26.67
CA ASP B 163 -27.74 -1.82 25.76
C ASP B 163 -27.28 -2.18 24.35
N ILE B 164 -28.07 -3.02 23.67
CA ILE B 164 -27.76 -3.43 22.30
C ILE B 164 -29.00 -3.29 21.43
N SER B 165 -30.00 -2.58 21.93
CA SER B 165 -31.25 -2.43 21.16
C SER B 165 -31.00 -1.69 19.87
N GLY B 166 -30.14 -0.68 19.89
CA GLY B 166 -29.78 0.07 18.71
C GLY B 166 -28.66 -0.49 17.87
N TYR B 167 -28.14 -1.66 18.20
CA TYR B 167 -26.99 -2.20 17.50
C TYR B 167 -27.31 -2.40 16.01
N ILE B 168 -26.31 -2.15 15.16
CA ILE B 168 -26.41 -2.35 13.72
C ILE B 168 -25.45 -3.49 13.36
N PRO B 169 -25.95 -4.63 12.88
CA PRO B 169 -25.06 -5.78 12.66
C PRO B 169 -23.94 -5.48 11.70
N ASN B 170 -22.77 -6.01 12.02
CA ASN B 170 -21.60 -5.90 11.16
C ASN B 170 -21.65 -6.99 10.09
N GLY B 171 -21.13 -6.67 8.92
CA GLY B 171 -21.10 -7.64 7.85
C GLY B 171 -20.00 -8.65 7.94
N GLU B 172 -19.17 -8.59 8.98
CA GLU B 172 -18.05 -9.50 9.15
C GLU B 172 -17.96 -10.08 10.54
N TRP B 173 -18.71 -9.57 11.52
CA TRP B 173 -18.56 -9.97 12.91
C TRP B 173 -19.94 -10.06 13.54
N ASP B 174 -20.28 -11.25 14.03
CA ASP B 174 -21.55 -11.49 14.69
C ASP B 174 -21.40 -11.20 16.17
N LEU B 175 -22.22 -10.30 16.69
CA LEU B 175 -22.16 -9.92 18.10
C LEU B 175 -22.79 -11.02 18.94
N VAL B 176 -21.94 -11.81 19.60
CA VAL B 176 -22.45 -12.84 20.50
C VAL B 176 -23.10 -12.21 21.72
N GLY B 177 -22.45 -11.21 22.30
CA GLY B 177 -22.95 -10.58 23.50
C GLY B 177 -21.93 -9.63 24.11
N ILE B 178 -22.38 -8.77 25.02
CA ILE B 178 -21.50 -7.82 25.68
C ILE B 178 -21.70 -7.86 27.20
N PRO B 179 -21.36 -8.96 27.87
CA PRO B 179 -21.47 -8.99 29.33
C PRO B 179 -20.50 -8.03 30.02
N GLY B 180 -20.90 -7.60 31.22
CA GLY B 180 -20.09 -6.71 32.02
C GLY B 180 -19.79 -7.27 33.40
N LYS B 181 -18.76 -6.74 34.07
CA LYS B 181 -18.41 -7.21 35.41
C LYS B 181 -17.70 -6.06 36.12
N ARG B 182 -18.26 -5.61 37.23
CA ARG B 182 -17.64 -4.60 38.07
C ARG B 182 -16.60 -5.25 38.99
N SER B 183 -15.39 -4.68 39.01
CA SER B 183 -14.28 -5.15 39.82
C SER B 183 -13.73 -4.03 40.70
N GLU B 184 -13.13 -4.42 41.82
CA GLU B 184 -12.49 -3.50 42.77
C GLU B 184 -11.01 -3.86 42.84
N ARG B 185 -10.15 -3.08 42.18
CA ARG B 185 -8.74 -3.37 42.04
C ARG B 185 -7.85 -2.43 42.85
N PHE B 186 -6.64 -2.91 43.16
CA PHE B 186 -5.59 -2.12 43.78
C PHE B 186 -4.47 -1.86 42.78
N TYR B 187 -3.82 -0.71 42.93
CA TYR B 187 -2.73 -0.33 42.05
C TYR B 187 -1.53 0.12 42.89
N GLU B 188 -0.34 -0.11 42.37
CA GLU B 188 0.87 0.27 43.09
C GLU B 188 0.91 1.76 43.38
N CYS B 189 0.26 2.57 42.54
CA CYS B 189 0.19 4.00 42.78
C CYS B 189 -0.35 4.32 44.16
N CYS B 190 -1.41 3.62 44.56
CA CYS B 190 -2.32 4.11 45.57
C CYS B 190 -2.74 3.00 46.52
N LYS B 191 -2.87 3.32 47.80
CA LYS B 191 -3.38 2.35 48.76
C LYS B 191 -4.88 2.15 48.64
N GLU B 192 -5.60 3.15 48.14
CA GLU B 192 -7.03 3.04 47.95
C GLU B 192 -7.34 2.21 46.71
N PRO B 193 -8.41 1.40 46.74
CA PRO B 193 -8.77 0.63 45.55
C PRO B 193 -9.60 1.44 44.57
N TYR B 194 -9.47 1.10 43.30
CA TYR B 194 -10.15 1.84 42.23
C TYR B 194 -11.09 0.91 41.50
N PRO B 195 -12.40 1.01 41.71
CA PRO B 195 -13.32 0.11 41.00
C PRO B 195 -13.34 0.40 39.51
N ASP B 196 -13.73 -0.60 38.75
CA ASP B 196 -13.88 -0.44 37.32
C ASP B 196 -14.98 -1.35 36.82
N VAL B 197 -15.50 -1.01 35.66
CA VAL B 197 -16.52 -1.78 34.96
C VAL B 197 -15.92 -2.19 33.63
N THR B 198 -15.94 -3.48 33.33
CA THR B 198 -15.36 -4.01 32.12
C THR B 198 -16.44 -4.69 31.31
N PHE B 199 -16.63 -4.25 30.07
CA PHE B 199 -17.56 -4.86 29.15
C PHE B 199 -16.76 -5.68 28.13
N THR B 200 -17.04 -6.98 28.09
CA THR B 200 -16.37 -7.88 27.18
C THR B 200 -17.26 -8.07 25.95
N VAL B 201 -16.82 -7.59 24.81
CA VAL B 201 -17.57 -7.71 23.56
C VAL B 201 -17.12 -9.01 22.89
N THR B 202 -18.03 -9.97 22.81
CA THR B 202 -17.74 -11.27 22.20
C THR B 202 -18.25 -11.27 20.77
N MET B 203 -17.33 -11.46 19.82
CA MET B 203 -17.63 -11.39 18.40
C MET B 203 -17.33 -12.73 17.74
N ARG B 204 -18.12 -13.07 16.74
CA ARG B 204 -17.95 -14.31 15.99
C ARG B 204 -17.84 -13.98 14.51
N ARG B 205 -16.67 -14.27 13.92
CA ARG B 205 -16.41 -13.90 12.54
C ARG B 205 -17.28 -14.69 11.56
N ARG B 206 -17.87 -13.98 10.60
CA ARG B 206 -18.62 -14.60 9.51
C ARG B 206 -17.64 -14.98 8.41
N THR B 207 -17.39 -16.27 8.21
CA THR B 207 -16.23 -16.80 7.50
C THR B 207 -16.42 -16.92 5.99
N LEU B 208 -17.61 -16.59 5.46
CA LEU B 208 -17.89 -16.86 4.06
C LEU B 208 -16.80 -16.30 3.14
N TYR B 209 -16.62 -14.98 3.14
CA TYR B 209 -15.64 -14.35 2.25
C TYR B 209 -14.29 -15.05 2.31
N TYR B 210 -13.86 -15.43 3.51
CA TYR B 210 -12.53 -16.01 3.66
C TYR B 210 -12.50 -17.43 3.10
N GLY B 211 -13.56 -18.20 3.36
CA GLY B 211 -13.63 -19.53 2.80
C GLY B 211 -13.72 -19.52 1.29
N LEU B 212 -14.17 -18.41 0.71
CA LEU B 212 -14.31 -18.31 -0.73
C LEU B 212 -13.06 -17.77 -1.41
N ASN B 213 -12.29 -16.93 -0.72
CA ASN B 213 -11.10 -16.31 -1.29
C ASN B 213 -9.81 -17.04 -0.94
N LEU B 214 -9.78 -17.83 0.13
CA LEU B 214 -8.54 -18.44 0.61
C LEU B 214 -8.51 -19.95 0.51
N LEU B 215 -9.66 -20.64 0.58
CA LEU B 215 -9.60 -22.09 0.61
C LEU B 215 -9.74 -22.73 -0.76
N ILE B 216 -10.64 -22.23 -1.64
CA ILE B 216 -10.82 -22.87 -2.94
C ILE B 216 -9.54 -22.75 -3.77
N PRO B 217 -8.85 -21.62 -3.80
CA PRO B 217 -7.57 -21.55 -4.51
C PRO B 217 -6.58 -22.62 -4.10
N CYS B 218 -6.60 -23.06 -2.85
CA CYS B 218 -5.70 -24.13 -2.46
C CYS B 218 -6.13 -25.47 -3.01
N VAL B 219 -7.44 -25.68 -3.16
CA VAL B 219 -7.90 -26.93 -3.74
C VAL B 219 -7.60 -26.95 -5.23
N LEU B 220 -7.70 -25.80 -5.88
CA LEU B 220 -7.42 -25.74 -7.31
C LEU B 220 -5.92 -25.86 -7.59
N ILE B 221 -5.11 -25.30 -6.72
CA ILE B 221 -3.66 -25.47 -6.85
C ILE B 221 -3.28 -26.92 -6.62
N SER B 222 -3.78 -27.53 -5.55
CA SER B 222 -3.45 -28.92 -5.28
C SER B 222 -3.90 -29.82 -6.43
N ALA B 223 -5.09 -29.55 -6.97
CA ALA B 223 -5.58 -30.38 -8.07
C ALA B 223 -4.73 -30.21 -9.32
N LEU B 224 -4.34 -28.97 -9.64
CA LEU B 224 -3.52 -28.76 -10.82
C LEU B 224 -2.12 -29.31 -10.63
N ALA B 225 -1.64 -29.40 -9.39
CA ALA B 225 -0.36 -30.03 -9.13
C ALA B 225 -0.46 -31.54 -9.24
N LEU B 226 -1.62 -32.11 -8.91
CA LEU B 226 -1.78 -33.55 -9.05
C LEU B 226 -2.13 -33.97 -10.47
N LEU B 227 -2.37 -33.07 -11.39
CA LEU B 227 -2.60 -33.46 -12.81
C LEU B 227 -1.26 -33.73 -13.47
N VAL B 228 -0.14 -33.39 -12.84
CA VAL B 228 1.14 -33.73 -13.45
C VAL B 228 1.30 -35.24 -13.51
N PHE B 229 0.72 -35.95 -12.56
CA PHE B 229 0.86 -37.41 -12.53
C PHE B 229 0.05 -38.09 -13.62
N LEU B 230 -0.88 -37.39 -14.26
CA LEU B 230 -1.62 -37.91 -15.40
C LEU B 230 -1.05 -37.46 -16.73
N LEU B 231 -0.27 -36.40 -16.74
CA LEU B 231 0.37 -35.93 -17.96
C LEU B 231 1.41 -36.94 -18.43
N PRO B 232 1.38 -37.38 -19.68
CA PRO B 232 2.42 -38.29 -20.17
C PRO B 232 3.79 -37.63 -20.15
N ALA B 233 4.83 -38.47 -20.05
CA ALA B 233 6.20 -37.96 -20.09
C ALA B 233 6.62 -37.57 -21.49
N ASP B 234 6.05 -38.21 -22.51
CA ASP B 234 6.41 -37.88 -23.88
C ASP B 234 6.07 -36.43 -24.21
N SER B 235 5.05 -35.88 -23.56
CA SER B 235 4.67 -34.49 -23.81
C SER B 235 5.86 -33.54 -23.66
N GLY B 236 6.73 -33.83 -22.70
CA GLY B 236 7.82 -32.93 -22.38
C GLY B 236 7.36 -31.67 -21.67
N GLU B 237 6.37 -31.81 -20.80
CA GLU B 237 5.77 -30.65 -20.15
C GLU B 237 5.47 -30.87 -18.67
N LYS B 238 5.78 -32.04 -18.10
CA LYS B 238 5.50 -32.29 -16.69
C LYS B 238 6.15 -31.22 -15.81
N ILE B 239 7.43 -30.94 -16.05
CA ILE B 239 8.11 -29.94 -15.25
C ILE B 239 7.49 -28.57 -15.46
N SER B 240 7.16 -28.24 -16.70
CA SER B 240 6.52 -26.95 -16.95
C SER B 240 5.25 -26.82 -16.13
N LEU B 241 4.39 -27.85 -16.16
CA LEU B 241 3.15 -27.81 -15.40
C LEU B 241 3.42 -27.66 -13.91
N GLY B 242 4.25 -28.53 -13.35
CA GLY B 242 4.45 -28.52 -11.91
C GLY B 242 5.11 -27.24 -11.42
N ILE B 243 6.17 -26.81 -12.09
CA ILE B 243 6.88 -25.62 -11.66
C ILE B 243 6.02 -24.37 -11.86
N THR B 244 5.21 -24.33 -12.92
CA THR B 244 4.32 -23.18 -13.08
C THR B 244 3.20 -23.18 -12.06
N VAL B 245 2.72 -24.37 -11.66
CA VAL B 245 1.75 -24.43 -10.57
C VAL B 245 2.35 -23.92 -9.29
N LEU B 246 3.64 -24.20 -9.07
CA LEU B 246 4.31 -23.68 -7.88
C LEU B 246 4.49 -22.16 -7.96
N LEU B 247 4.79 -21.64 -9.16
CA LEU B 247 4.88 -20.20 -9.32
C LEU B 247 3.53 -19.54 -9.04
N SER B 248 2.45 -20.14 -9.54
CA SER B 248 1.12 -19.65 -9.22
C SER B 248 0.86 -19.73 -7.72
N LEU B 249 1.31 -20.79 -7.07
CA LEU B 249 1.22 -20.88 -5.62
C LEU B 249 1.93 -19.72 -4.94
N THR B 250 3.12 -19.37 -5.41
CA THR B 250 3.84 -18.23 -4.83
C THR B 250 3.04 -16.93 -4.97
N VAL B 251 2.43 -16.73 -6.14
CA VAL B 251 1.59 -15.53 -6.32
C VAL B 251 0.41 -15.58 -5.34
N PHE B 252 -0.22 -16.74 -5.22
CA PHE B 252 -1.29 -16.91 -4.25
C PHE B 252 -0.77 -16.72 -2.82
N MET B 253 0.50 -17.00 -2.56
CA MET B 253 1.06 -16.70 -1.24
C MET B 253 1.14 -15.19 -1.03
N LEU B 254 1.36 -14.42 -2.09
CA LEU B 254 1.28 -12.97 -1.93
C LEU B 254 -0.13 -12.56 -1.54
N LEU B 255 -1.10 -13.16 -2.24
CA LEU B 255 -2.49 -12.82 -1.95
C LEU B 255 -2.81 -13.19 -0.51
N VAL B 256 -2.45 -14.40 -0.09
CA VAL B 256 -2.74 -14.85 1.26
C VAL B 256 -2.02 -13.95 2.26
N ALA B 257 -0.81 -13.52 1.90
CA ALA B 257 -0.03 -12.63 2.76
C ALA B 257 -0.77 -11.33 3.01
N GLU B 258 -1.75 -11.02 2.16
CA GLU B 258 -2.52 -9.80 2.35
C GLU B 258 -3.89 -10.09 2.97
N ILE B 259 -4.65 -11.03 2.42
CA ILE B 259 -6.00 -11.31 2.92
C ILE B 259 -5.94 -11.82 4.35
N MET B 260 -5.06 -12.77 4.63
CA MET B 260 -5.03 -13.40 5.95
C MET B 260 -4.49 -12.45 7.02
N PRO B 261 -5.16 -12.34 8.17
CA PRO B 261 -4.65 -11.53 9.28
C PRO B 261 -3.61 -12.31 10.09
N ALA B 262 -2.42 -11.74 10.24
CA ALA B 262 -1.37 -12.33 11.03
C ALA B 262 -1.02 -11.41 12.19
N THR B 263 -0.99 -11.96 13.40
CA THR B 263 -0.63 -11.22 14.60
C THR B 263 0.59 -11.79 15.31
N SER B 264 1.19 -12.85 14.80
CA SER B 264 2.45 -13.43 15.28
C SER B 264 2.33 -14.05 16.67
N ASP B 265 1.12 -14.13 17.23
CA ASP B 265 0.96 -14.65 18.58
C ASP B 265 0.94 -16.18 18.60
N SER B 266 0.32 -16.78 17.57
CA SER B 266 0.12 -18.23 17.51
C SER B 266 0.43 -18.73 16.12
N VAL B 267 -0.19 -19.82 15.71
CA VAL B 267 0.00 -20.36 14.37
C VAL B 267 -1.38 -20.80 13.87
N PRO B 268 -2.09 -19.93 13.14
CA PRO B 268 -3.44 -20.28 12.67
C PRO B 268 -3.52 -21.67 12.08
N LEU B 269 -4.38 -22.51 12.67
CA LEU B 269 -4.56 -23.86 12.15
C LEU B 269 -4.76 -23.86 10.65
N ILE B 270 -5.52 -22.88 10.13
CA ILE B 270 -5.74 -22.77 8.69
C ILE B 270 -4.41 -22.82 7.94
N ALA B 271 -3.35 -22.24 8.51
CA ALA B 271 -2.08 -22.19 7.79
C ALA B 271 -1.42 -23.56 7.67
N GLN B 272 -1.91 -24.55 8.42
CA GLN B 272 -1.41 -25.91 8.24
C GLN B 272 -1.92 -26.48 6.93
N TYR B 273 -2.98 -25.90 6.37
CA TYR B 273 -3.45 -26.28 5.05
C TYR B 273 -2.61 -25.63 3.97
N PHE B 274 -2.23 -24.36 4.16
CA PHE B 274 -1.32 -23.72 3.23
C PHE B 274 -0.01 -24.48 3.16
N ALA B 275 0.45 -24.95 4.32
CA ALA B 275 1.69 -25.72 4.34
C ALA B 275 1.50 -27.08 3.70
N SER B 276 0.39 -27.76 3.98
CA SER B 276 0.14 -29.03 3.33
C SER B 276 0.12 -28.90 1.81
N THR B 277 -0.45 -27.81 1.29
CA THR B 277 -0.53 -27.66 -0.15
C THR B 277 0.81 -27.29 -0.77
N MET B 278 1.59 -26.43 -0.10
CA MET B 278 2.92 -26.14 -0.63
C MET B 278 3.80 -27.38 -0.62
N ILE B 279 3.61 -28.26 0.36
CA ILE B 279 4.44 -29.46 0.43
C ILE B 279 4.00 -30.48 -0.60
N ILE B 280 2.69 -30.62 -0.82
CA ILE B 280 2.23 -31.51 -1.89
C ILE B 280 2.73 -31.04 -3.25
N VAL B 281 2.76 -29.72 -3.47
CA VAL B 281 3.23 -29.24 -4.78
C VAL B 281 4.72 -29.47 -4.95
N GLY B 282 5.51 -29.18 -3.91
CA GLY B 282 6.95 -29.39 -4.02
C GLY B 282 7.31 -30.85 -4.12
N LEU B 283 6.55 -31.72 -3.46
CA LEU B 283 6.82 -33.15 -3.52
C LEU B 283 6.31 -33.77 -4.80
N SER B 284 5.30 -33.19 -5.45
CA SER B 284 4.95 -33.66 -6.78
C SER B 284 5.97 -33.21 -7.79
N VAL B 285 6.67 -32.11 -7.54
CA VAL B 285 7.77 -31.74 -8.43
C VAL B 285 8.96 -32.67 -8.23
N VAL B 286 9.23 -33.06 -6.97
CA VAL B 286 10.31 -34.00 -6.70
C VAL B 286 10.00 -35.36 -7.30
N VAL B 287 8.74 -35.79 -7.22
CA VAL B 287 8.38 -37.10 -7.73
C VAL B 287 8.27 -37.07 -9.24
N THR B 288 8.00 -35.91 -9.83
CA THR B 288 8.06 -35.79 -11.28
C THR B 288 9.49 -35.88 -11.76
N VAL B 289 10.43 -35.37 -10.97
CA VAL B 289 11.83 -35.53 -11.31
C VAL B 289 12.24 -37.00 -11.24
N ILE B 290 11.73 -37.72 -10.24
CA ILE B 290 12.04 -39.15 -10.14
C ILE B 290 11.43 -39.93 -11.31
N VAL B 291 10.18 -39.63 -11.66
CA VAL B 291 9.54 -40.28 -12.79
C VAL B 291 10.29 -39.98 -14.08
N LEU B 292 10.78 -38.74 -14.23
CA LEU B 292 11.54 -38.39 -15.42
C LEU B 292 12.86 -39.14 -15.49
N GLN B 293 13.53 -39.31 -14.35
CA GLN B 293 14.71 -40.17 -14.33
C GLN B 293 14.38 -41.57 -14.79
N TYR B 294 13.26 -42.12 -14.32
CA TYR B 294 12.86 -43.46 -14.76
C TYR B 294 12.59 -43.49 -16.26
N HIS B 295 11.82 -42.53 -16.77
CA HIS B 295 11.41 -42.54 -18.17
C HIS B 295 12.59 -42.34 -19.10
N HIS B 296 13.47 -41.40 -18.77
CA HIS B 296 14.62 -41.04 -19.59
C HIS B 296 15.84 -41.89 -19.28
N HIS B 297 15.67 -43.03 -18.63
CA HIS B 297 16.83 -43.84 -18.26
C HIS B 297 17.58 -44.29 -19.50
N ASP B 298 18.89 -44.41 -19.36
CA ASP B 298 19.75 -44.78 -20.48
C ASP B 298 19.74 -46.29 -20.67
N PRO B 299 19.34 -46.80 -21.83
CA PRO B 299 19.28 -48.26 -21.99
C PRO B 299 20.62 -48.95 -21.87
N ASP B 300 21.72 -48.24 -22.09
CA ASP B 300 23.05 -48.80 -22.00
C ASP B 300 23.70 -48.57 -20.65
N GLY B 301 22.97 -47.98 -19.71
CA GLY B 301 23.48 -47.77 -18.37
C GLY B 301 23.21 -48.97 -17.50
N GLY B 302 22.88 -48.74 -16.23
CA GLY B 302 22.61 -49.82 -15.32
C GLY B 302 21.44 -50.68 -15.75
N LYS B 303 21.17 -51.73 -15.00
CA LYS B 303 20.05 -52.63 -15.24
C LYS B 303 19.01 -52.42 -14.15
N MET B 304 17.75 -52.59 -14.51
CA MET B 304 16.67 -52.35 -13.56
C MET B 304 16.77 -53.36 -12.42
N PRO B 305 16.97 -52.93 -11.18
CA PRO B 305 17.09 -53.89 -10.07
C PRO B 305 15.93 -54.87 -10.06
N LYS B 306 16.28 -56.16 -9.99
CA LYS B 306 15.25 -57.18 -9.80
C LYS B 306 14.28 -56.77 -8.70
N TRP B 307 14.83 -56.15 -7.67
CA TRP B 307 14.05 -55.64 -6.57
C TRP B 307 12.92 -54.78 -7.03
N THR B 308 13.23 -53.80 -7.87
CA THR B 308 12.20 -52.92 -8.41
C THR B 308 11.46 -53.57 -9.57
N ARG B 309 12.12 -54.46 -10.32
CA ARG B 309 11.44 -55.18 -11.40
C ARG B 309 10.29 -56.02 -10.88
N VAL B 310 10.28 -56.33 -9.58
CA VAL B 310 9.19 -57.09 -8.97
C VAL B 310 8.29 -56.18 -8.13
N ILE B 311 8.87 -55.18 -7.47
CA ILE B 311 8.06 -54.28 -6.64
C ILE B 311 7.11 -53.46 -7.52
N LEU B 312 7.55 -53.06 -8.72
CA LEU B 312 6.76 -52.18 -9.57
C LEU B 312 6.17 -52.90 -10.77
N LEU B 313 7.01 -53.50 -11.61
CA LEU B 313 6.51 -54.09 -12.84
C LEU B 313 5.59 -55.27 -12.59
N ASN B 314 5.62 -55.85 -11.39
CA ASN B 314 4.81 -57.02 -11.07
C ASN B 314 3.74 -56.71 -10.02
N TRP B 315 4.15 -56.26 -8.83
CA TRP B 315 3.21 -56.12 -7.73
C TRP B 315 2.32 -54.90 -7.91
N CYS B 316 2.91 -53.71 -7.83
CA CYS B 316 2.15 -52.49 -8.08
C CYS B 316 1.49 -52.51 -9.44
N ALA B 317 2.21 -52.96 -10.46
CA ALA B 317 1.64 -53.05 -11.80
C ALA B 317 0.38 -53.89 -11.82
N TRP B 318 0.37 -55.02 -11.10
CA TRP B 318 -0.82 -55.86 -11.09
C TRP B 318 -1.92 -55.25 -10.23
N PHE B 319 -1.56 -54.63 -9.11
CA PHE B 319 -2.57 -54.03 -8.24
C PHE B 319 -3.34 -52.93 -8.97
N LEU B 320 -2.68 -52.19 -9.85
CA LEU B 320 -3.33 -51.13 -10.60
C LEU B 320 -3.96 -51.62 -11.89
N ARG B 321 -4.00 -52.94 -12.11
CA ARG B 321 -4.54 -53.51 -13.34
C ARG B 321 -3.93 -52.81 -14.56
N MET B 322 -2.60 -52.87 -14.64
CA MET B 322 -1.84 -52.26 -15.71
C MET B 322 -1.00 -53.30 -16.41
N LYS B 323 -0.92 -53.21 -17.73
CA LYS B 323 -0.15 -54.15 -18.53
C LYS B 323 0.86 -53.43 -19.40
N PRO B 479 32.00 -65.51 -54.11
CA PRO B 479 32.70 -64.58 -53.21
C PRO B 479 31.94 -63.27 -53.03
N ASP B 480 31.71 -62.56 -54.12
CA ASP B 480 30.99 -61.29 -54.05
C ASP B 480 29.64 -61.47 -53.36
N LEU B 481 28.97 -62.60 -53.62
CA LEU B 481 27.68 -62.83 -52.99
C LEU B 481 27.82 -62.94 -51.48
N ALA B 482 28.86 -63.61 -51.00
CA ALA B 482 29.07 -63.71 -49.56
C ALA B 482 29.43 -62.35 -48.96
N LYS B 483 30.26 -61.57 -49.67
CA LYS B 483 30.56 -60.22 -49.20
C LYS B 483 29.29 -59.41 -49.04
N ILE B 484 28.30 -59.63 -49.91
CA ILE B 484 27.04 -58.91 -49.77
C ILE B 484 26.28 -59.40 -48.56
N LEU B 485 26.38 -60.70 -48.24
CA LEU B 485 25.67 -61.25 -47.10
C LEU B 485 26.15 -60.60 -45.81
N GLU B 486 27.46 -60.47 -45.63
CA GLU B 486 27.99 -59.85 -44.43
C GLU B 486 27.47 -58.43 -44.28
N GLU B 487 27.42 -57.67 -45.38
CA GLU B 487 26.94 -56.30 -45.30
C GLU B 487 25.51 -56.24 -44.80
N VAL B 488 24.64 -57.11 -45.32
CA VAL B 488 23.23 -57.07 -44.95
C VAL B 488 23.05 -57.59 -43.52
N ARG B 489 23.83 -58.60 -43.14
CA ARG B 489 23.73 -59.14 -41.79
C ARG B 489 24.05 -58.06 -40.77
N TYR B 490 25.10 -57.27 -41.02
CA TYR B 490 25.41 -56.16 -40.12
C TYR B 490 24.17 -55.30 -39.94
N ILE B 491 23.57 -54.86 -41.05
CA ILE B 491 22.42 -53.98 -40.97
C ILE B 491 21.31 -54.64 -40.16
N ALA B 492 21.03 -55.92 -40.48
CA ALA B 492 19.96 -56.63 -39.78
C ALA B 492 20.26 -56.70 -38.28
N ASN B 493 21.51 -56.99 -37.92
CA ASN B 493 21.84 -57.14 -36.51
C ASN B 493 21.82 -55.78 -35.83
N ARG B 494 22.24 -54.73 -36.54
CA ARG B 494 22.15 -53.40 -35.98
C ARG B 494 20.71 -53.11 -35.62
N PHE B 495 19.78 -53.48 -36.51
CA PHE B 495 18.37 -53.28 -36.26
C PHE B 495 17.95 -54.09 -35.05
N ARG B 496 18.33 -55.37 -35.01
CA ARG B 496 17.93 -56.26 -33.94
C ARG B 496 18.51 -55.83 -32.59
N CYS B 497 19.58 -55.02 -32.61
CA CYS B 497 20.20 -54.59 -31.37
C CYS B 497 19.54 -53.31 -30.85
N GLN B 498 19.16 -52.40 -31.74
CA GLN B 498 18.45 -51.22 -31.28
C GLN B 498 17.08 -51.62 -30.78
N ASP B 499 16.47 -52.63 -31.40
CA ASP B 499 15.17 -53.13 -30.96
C ASP B 499 15.26 -53.64 -29.54
N GLU B 500 16.29 -54.43 -29.23
CA GLU B 500 16.49 -54.90 -27.87
C GLU B 500 16.61 -53.73 -26.91
N SER B 501 17.40 -52.73 -27.28
CA SER B 501 17.57 -51.55 -26.43
C SER B 501 16.27 -50.78 -26.29
N GLU B 502 15.42 -50.80 -27.33
CA GLU B 502 14.11 -50.16 -27.26
C GLU B 502 13.19 -50.89 -26.29
N ALA B 503 13.28 -52.21 -26.24
CA ALA B 503 12.49 -52.98 -25.27
C ALA B 503 12.93 -52.67 -23.85
N VAL B 504 14.23 -52.71 -23.59
CA VAL B 504 14.73 -52.32 -22.26
C VAL B 504 14.21 -50.94 -21.91
N CYS B 505 14.25 -50.01 -22.88
CA CYS B 505 13.72 -48.67 -22.62
C CYS B 505 12.25 -48.69 -22.30
N SER B 506 11.49 -49.61 -22.91
CA SER B 506 10.05 -49.66 -22.70
C SER B 506 9.69 -50.09 -21.27
N GLU B 507 10.52 -50.90 -20.64
CA GLU B 507 10.28 -51.25 -19.24
C GLU B 507 10.52 -50.06 -18.33
N TRP B 508 11.60 -49.32 -18.57
CA TRP B 508 11.84 -48.10 -17.81
C TRP B 508 10.73 -47.09 -18.06
N LYS B 509 10.26 -46.99 -19.30
CA LYS B 509 9.13 -46.11 -19.59
C LYS B 509 7.86 -46.64 -18.93
N PHE B 510 7.72 -47.97 -18.86
CA PHE B 510 6.58 -48.56 -18.18
C PHE B 510 6.66 -48.32 -16.67
N ALA B 511 7.82 -48.57 -16.08
CA ALA B 511 7.99 -48.34 -14.65
C ALA B 511 7.64 -46.91 -14.28
N ALA B 512 8.03 -45.94 -15.12
CA ALA B 512 7.69 -44.56 -14.85
C ALA B 512 6.18 -44.37 -14.77
N CYS B 513 5.44 -45.03 -15.65
CA CYS B 513 3.98 -44.96 -15.59
C CYS B 513 3.45 -45.54 -14.28
N VAL B 514 4.00 -46.67 -13.84
CA VAL B 514 3.51 -47.29 -12.62
C VAL B 514 3.83 -46.41 -11.41
N VAL B 515 5.07 -45.94 -11.32
CA VAL B 515 5.42 -45.02 -10.24
C VAL B 515 4.55 -43.78 -10.34
N ASP B 516 4.24 -43.36 -11.56
CA ASP B 516 3.47 -42.13 -11.75
C ASP B 516 2.07 -42.27 -11.15
N ARG B 517 1.41 -43.41 -11.40
CA ARG B 517 0.07 -43.61 -10.85
C ARG B 517 0.08 -43.92 -9.35
N LEU B 518 1.05 -44.71 -8.88
CA LEU B 518 1.16 -44.91 -7.44
C LEU B 518 1.22 -43.58 -6.72
N CYS B 519 2.06 -42.66 -7.21
CA CYS B 519 2.13 -41.34 -6.62
C CYS B 519 0.80 -40.62 -6.73
N LEU B 520 0.07 -40.83 -7.83
CA LEU B 520 -1.25 -40.24 -7.96
C LEU B 520 -2.14 -40.65 -6.81
N MET B 521 -2.22 -41.96 -6.54
CA MET B 521 -3.10 -42.43 -5.47
C MET B 521 -2.54 -42.06 -4.09
N ALA B 522 -1.24 -42.27 -3.89
CA ALA B 522 -0.64 -41.91 -2.61
C ALA B 522 -0.86 -40.43 -2.29
N PHE B 523 -0.55 -39.56 -3.24
CA PHE B 523 -0.77 -38.14 -3.02
C PHE B 523 -2.24 -37.83 -2.77
N SER B 524 -3.15 -38.59 -3.39
CA SER B 524 -4.57 -38.35 -3.19
C SER B 524 -4.97 -38.59 -1.74
N VAL B 525 -4.65 -39.76 -1.19
CA VAL B 525 -5.05 -40.07 0.18
C VAL B 525 -4.42 -39.09 1.15
N PHE B 526 -3.17 -38.68 0.90
CA PHE B 526 -2.51 -37.73 1.79
C PHE B 526 -3.29 -36.42 1.87
N THR B 527 -3.74 -35.92 0.73
CA THR B 527 -4.55 -34.70 0.73
C THR B 527 -5.78 -34.88 1.61
N ILE B 528 -6.47 -36.02 1.48
CA ILE B 528 -7.70 -36.25 2.23
C ILE B 528 -7.46 -36.08 3.73
N ILE B 529 -6.51 -36.82 4.28
CA ILE B 529 -6.30 -36.79 5.72
C ILE B 529 -5.91 -35.40 6.18
N CYS B 530 -5.01 -34.75 5.46
CA CYS B 530 -4.58 -33.40 5.82
C CYS B 530 -5.75 -32.43 5.75
N GLU C 1 -20.40 20.37 51.85
CA GLU C 1 -20.29 21.54 52.76
C GLU C 1 -18.84 21.88 53.08
N PHE C 2 -18.10 20.85 53.50
CA PHE C 2 -16.69 21.04 53.83
C PHE C 2 -15.82 20.94 52.59
N GLN C 3 -16.20 20.08 51.65
CA GLN C 3 -15.50 20.03 50.37
C GLN C 3 -15.59 21.39 49.66
N ARG C 4 -16.78 21.99 49.66
CA ARG C 4 -16.95 23.31 49.05
C ARG C 4 -16.07 24.35 49.74
N LYS C 5 -16.12 24.38 51.06
CA LYS C 5 -15.33 25.36 51.82
C LYS C 5 -13.85 25.19 51.57
N LEU C 6 -13.36 23.95 51.56
CA LEU C 6 -11.95 23.70 51.30
C LEU C 6 -11.57 24.15 49.89
N TYR C 7 -12.38 23.78 48.89
CA TYR C 7 -12.06 24.21 47.53
C TYR C 7 -12.04 25.72 47.41
N LYS C 8 -12.87 26.43 48.17
CA LYS C 8 -12.84 27.88 48.09
C LYS C 8 -11.61 28.45 48.80
N GLU C 9 -11.21 27.83 49.91
CA GLU C 9 -10.08 28.36 50.67
C GLU C 9 -8.75 28.07 49.97
N LEU C 10 -8.64 26.92 49.31
CA LEU C 10 -7.35 26.52 48.75
C LEU C 10 -6.91 27.43 47.61
N VAL C 11 -7.84 27.92 46.80
CA VAL C 11 -7.47 28.71 45.63
C VAL C 11 -7.28 30.19 45.95
N LYS C 12 -7.63 30.62 47.16
CA LYS C 12 -7.46 32.01 47.55
C LYS C 12 -5.99 32.41 47.47
N ASN C 13 -5.66 33.25 46.49
CA ASN C 13 -4.31 33.73 46.22
C ASN C 13 -3.40 32.69 45.58
N TYR C 14 -3.90 31.52 45.24
CA TYR C 14 -3.05 30.54 44.58
C TYR C 14 -2.67 31.04 43.20
N ASN C 15 -1.46 30.71 42.78
CA ASN C 15 -0.90 31.13 41.50
C ASN C 15 -0.28 29.93 40.82
N PRO C 16 -0.90 29.37 39.77
CA PRO C 16 -0.29 28.24 39.06
C PRO C 16 1.07 28.54 38.45
N LEU C 17 1.52 29.80 38.45
CA LEU C 17 2.86 30.10 37.96
C LEU C 17 3.92 29.82 39.01
N GLU C 18 3.57 29.90 40.29
CA GLU C 18 4.53 29.77 41.38
C GLU C 18 4.94 28.32 41.60
N ARG C 19 6.23 28.04 41.49
CA ARG C 19 6.77 26.76 41.93
C ARG C 19 6.48 26.65 43.43
N PRO C 20 5.70 25.66 43.88
CA PRO C 20 5.13 25.70 45.24
C PRO C 20 6.06 25.22 46.35
N VAL C 21 7.16 25.93 46.55
CA VAL C 21 8.11 25.65 47.61
C VAL C 21 7.95 26.70 48.69
N ALA C 22 8.32 26.34 49.92
CA ALA C 22 8.27 27.29 51.02
C ALA C 22 9.44 28.26 50.95
N ASN C 23 10.64 27.73 50.74
CA ASN C 23 11.85 28.53 50.57
C ASN C 23 12.19 28.61 49.10
N ASP C 24 12.33 29.84 48.58
CA ASP C 24 12.50 30.03 47.14
C ASP C 24 13.88 29.59 46.68
N SER C 25 14.90 29.73 47.53
CA SER C 25 16.25 29.34 47.15
C SER C 25 16.42 27.83 47.02
N GLN C 26 15.52 27.07 47.55
CA GLN C 26 15.66 25.63 47.52
C GLN C 26 15.01 25.04 46.28
N PRO C 27 15.51 23.91 45.79
CA PRO C 27 14.81 23.22 44.70
C PRO C 27 13.62 22.43 45.22
N LEU C 28 12.69 22.18 44.32
CA LEU C 28 11.53 21.34 44.60
C LEU C 28 11.83 19.93 44.13
N THR C 29 11.69 18.95 45.03
CA THR C 29 11.89 17.58 44.64
C THR C 29 10.64 17.05 43.96
N VAL C 30 10.84 16.39 42.82
CA VAL C 30 9.77 15.77 42.07
C VAL C 30 10.21 14.34 41.81
N TYR C 31 9.45 13.38 42.30
CA TYR C 31 9.72 11.99 42.02
C TYR C 31 9.02 11.62 40.72
N PHE C 32 9.75 10.98 39.83
CA PHE C 32 9.23 10.63 38.51
C PHE C 32 9.42 9.15 38.30
N SER C 33 8.34 8.48 37.94
CA SER C 33 8.39 7.10 37.51
C SER C 33 7.34 6.93 36.44
N LEU C 34 7.13 5.69 36.01
CA LEU C 34 6.07 5.43 35.05
C LEU C 34 5.61 4.00 35.20
N SER C 35 4.41 3.74 34.73
CA SER C 35 3.85 2.39 34.63
C SER C 35 3.77 2.04 33.16
N LEU C 36 4.42 0.95 32.78
CA LEU C 36 4.34 0.46 31.42
C LEU C 36 3.14 -0.47 31.34
N LEU C 37 2.21 -0.16 30.45
CA LEU C 37 0.98 -0.92 30.31
C LEU C 37 1.00 -1.81 29.08
N GLN C 38 1.52 -1.33 27.97
CA GLN C 38 1.54 -2.11 26.76
C GLN C 38 2.49 -1.47 25.77
N ILE C 39 3.25 -2.31 25.06
CA ILE C 39 4.06 -1.87 23.94
C ILE C 39 3.18 -2.01 22.71
N MET C 40 2.65 -0.88 22.24
CA MET C 40 1.67 -0.91 21.16
C MET C 40 2.30 -1.26 19.83
N ASP C 41 3.43 -0.63 19.48
CA ASP C 41 4.00 -0.84 18.17
C ASP C 41 5.48 -0.50 18.17
N VAL C 42 6.25 -1.27 17.41
CA VAL C 42 7.66 -1.03 17.20
C VAL C 42 7.83 -0.79 15.70
N ASP C 43 7.91 0.47 15.31
CA ASP C 43 8.04 0.86 13.91
C ASP C 43 9.51 0.85 13.53
N GLU C 44 9.94 -0.20 12.82
CA GLU C 44 11.35 -0.30 12.46
C GLU C 44 11.72 0.70 11.36
N LYS C 45 10.82 0.92 10.40
CA LYS C 45 11.14 1.79 9.28
C LYS C 45 11.19 3.25 9.69
N ASN C 46 10.28 3.67 10.57
CA ASN C 46 10.27 5.05 11.05
C ASN C 46 11.03 5.24 12.34
N GLN C 47 11.56 4.17 12.93
CA GLN C 47 12.37 4.23 14.14
C GLN C 47 11.58 4.87 15.29
N VAL C 48 10.35 4.40 15.47
CA VAL C 48 9.45 4.96 16.48
C VAL C 48 8.89 3.83 17.33
N LEU C 49 9.06 3.94 18.64
CA LEU C 49 8.39 3.08 19.61
C LEU C 49 7.10 3.74 20.10
N THR C 50 6.00 3.02 19.99
CA THR C 50 4.71 3.45 20.53
C THR C 50 4.41 2.64 21.79
N THR C 51 4.09 3.33 22.88
CA THR C 51 3.77 2.68 24.14
C THR C 51 2.57 3.35 24.80
N ASN C 52 1.81 2.55 25.54
CA ASN C 52 0.78 3.04 26.44
C ASN C 52 1.39 3.06 27.84
N ILE C 53 1.50 4.24 28.43
CA ILE C 53 2.23 4.45 29.66
C ILE C 53 1.41 5.35 30.58
N TRP C 54 1.49 5.09 31.87
CA TRP C 54 0.98 6.01 32.87
C TRP C 54 2.21 6.65 33.52
N LEU C 55 2.37 7.95 33.31
CA LEU C 55 3.45 8.68 33.96
C LEU C 55 3.11 8.84 35.43
N GLN C 56 4.12 8.88 36.28
CA GLN C 56 3.91 9.06 37.71
C GLN C 56 4.80 10.19 38.20
N MET C 57 4.18 11.25 38.69
CA MET C 57 4.90 12.40 39.21
C MET C 57 4.35 12.69 40.60
N SER C 58 5.24 12.95 41.54
CA SER C 58 4.81 13.32 42.87
C SER C 58 5.71 14.39 43.42
N TRP C 59 5.09 15.37 44.08
CA TRP C 59 5.79 16.47 44.71
C TRP C 59 4.95 16.93 45.87
N THR C 60 5.52 17.78 46.70
CA THR C 60 4.79 18.43 47.77
C THR C 60 4.49 19.87 47.37
N ASP C 61 3.24 20.29 47.59
CA ASP C 61 2.83 21.65 47.35
C ASP C 61 2.62 22.29 48.71
N HIS C 62 3.40 23.33 48.99
CA HIS C 62 3.39 23.93 50.31
C HIS C 62 2.05 24.60 50.62
N TYR C 63 1.39 25.16 49.62
CA TYR C 63 0.15 25.89 49.82
C TYR C 63 -1.09 25.00 49.92
N LEU C 64 -1.05 23.80 49.35
CA LEU C 64 -2.23 22.94 49.30
C LEU C 64 -2.25 22.00 50.50
N GLN C 65 -2.39 22.60 51.68
CA GLN C 65 -2.37 21.87 52.94
C GLN C 65 -3.54 22.31 53.80
N TRP C 66 -4.16 21.35 54.49
CA TRP C 66 -5.30 21.66 55.34
C TRP C 66 -5.35 20.66 56.49
N ASN C 67 -5.93 21.11 57.60
CA ASN C 67 -6.16 20.28 58.78
C ASN C 67 -7.50 19.57 58.65
N VAL C 68 -7.48 18.23 58.69
CA VAL C 68 -8.65 17.43 58.32
C VAL C 68 -9.56 17.25 59.54
N SER C 69 -9.33 18.05 60.59
CA SER C 69 -10.32 18.20 61.66
C SER C 69 -11.27 19.34 61.41
N GLU C 70 -10.84 20.37 60.66
CA GLU C 70 -11.70 21.46 60.28
C GLU C 70 -12.48 21.19 59.00
N TYR C 71 -12.17 20.11 58.29
CA TYR C 71 -12.88 19.71 57.09
C TYR C 71 -13.17 18.22 57.17
N PRO C 72 -13.97 17.79 58.14
CA PRO C 72 -14.17 16.36 58.38
C PRO C 72 -14.64 15.63 57.13
N GLY C 73 -14.01 14.50 56.85
CA GLY C 73 -14.34 13.68 55.71
C GLY C 73 -13.61 14.06 54.44
N VAL C 74 -13.13 15.30 54.33
CA VAL C 74 -12.42 15.76 53.15
C VAL C 74 -10.95 15.43 53.34
N LYS C 75 -10.51 14.31 52.77
CA LYS C 75 -9.14 13.85 52.93
C LYS C 75 -8.29 14.10 51.71
N THR C 76 -8.90 14.39 50.56
CA THR C 76 -8.16 14.67 49.34
C THR C 76 -8.98 15.63 48.50
N VAL C 77 -8.31 16.27 47.55
CA VAL C 77 -8.92 17.17 46.58
C VAL C 77 -8.26 16.92 45.25
N ARG C 78 -8.89 17.43 44.20
CA ARG C 78 -8.45 17.21 42.84
C ARG C 78 -8.50 18.52 42.08
N PHE C 79 -7.50 18.75 41.24
CA PHE C 79 -7.42 19.96 40.44
C PHE C 79 -7.11 19.61 38.99
N PRO C 80 -7.81 20.20 38.03
CA PRO C 80 -7.53 19.96 36.62
C PRO C 80 -6.41 20.85 36.10
N ASP C 81 -6.06 20.64 34.84
CA ASP C 81 -5.04 21.43 34.17
C ASP C 81 -5.33 22.93 34.27
N GLY C 82 -4.34 23.70 34.71
CA GLY C 82 -4.42 25.14 34.72
C GLY C 82 -4.76 25.77 36.05
N GLN C 83 -5.20 25.00 37.04
CA GLN C 83 -5.57 25.54 38.34
C GLN C 83 -4.59 25.16 39.45
N ILE C 84 -3.54 24.43 39.13
CA ILE C 84 -2.51 24.01 40.08
C ILE C 84 -1.17 24.04 39.37
N TRP C 85 -0.11 24.38 40.11
CA TRP C 85 1.23 24.25 39.57
C TRP C 85 1.53 22.78 39.34
N LYS C 86 2.15 22.48 38.21
CA LYS C 86 2.52 21.13 37.84
C LYS C 86 3.90 21.14 37.21
N PRO C 87 4.70 20.10 37.42
CA PRO C 87 5.96 19.98 36.66
C PRO C 87 5.69 19.88 35.16
N ASP C 88 6.50 20.60 34.38
CA ASP C 88 6.43 20.57 32.92
C ASP C 88 7.38 19.52 32.35
N ILE C 89 7.14 18.26 32.71
CA ILE C 89 8.02 17.17 32.31
C ILE C 89 7.55 16.65 30.96
N LEU C 90 8.45 16.67 29.98
CA LEU C 90 8.16 16.24 28.63
C LEU C 90 9.05 15.06 28.27
N LEU C 91 8.60 14.32 27.27
CA LEU C 91 9.44 13.29 26.66
C LEU C 91 10.33 13.96 25.62
N TYR C 92 11.63 14.08 25.91
CA TYR C 92 12.55 14.78 25.04
C TYR C 92 12.57 14.20 23.63
N ASN C 93 12.68 12.89 23.52
CA ASN C 93 12.84 12.23 22.23
C ASN C 93 11.49 11.75 21.69
N SER C 94 10.54 12.67 21.70
CA SER C 94 9.22 12.40 21.18
C SER C 94 9.22 12.38 19.65
N ALA C 95 8.42 11.49 19.09
CA ALA C 95 8.20 11.43 17.65
C ALA C 95 6.76 11.77 17.30
N ASP C 96 6.03 12.42 18.21
CA ASP C 96 4.64 12.77 18.01
C ASP C 96 4.54 14.14 17.34
N GLU C 97 3.69 14.25 16.32
CA GLU C 97 3.52 15.53 15.63
C GLU C 97 3.08 16.63 16.57
N ARG C 98 2.45 16.29 17.69
CA ARG C 98 2.09 17.26 18.72
C ARG C 98 3.19 17.43 19.77
N PHE C 99 4.16 16.52 19.78
CA PHE C 99 5.30 16.48 20.69
C PHE C 99 4.96 16.15 22.14
N ASP C 100 3.80 16.55 22.65
CA ASP C 100 3.37 16.18 23.98
C ASP C 100 2.11 15.33 23.86
N ALA C 101 2.24 14.02 24.10
CA ALA C 101 1.12 13.10 23.93
C ALA C 101 0.36 12.82 25.21
N THR C 102 0.77 13.39 26.33
CA THR C 102 0.14 13.10 27.60
C THR C 102 -1.29 13.64 27.64
N PHE C 103 -2.24 12.79 28.04
CA PHE C 103 -3.61 13.21 28.31
C PHE C 103 -3.69 13.78 29.72
N HIS C 104 -4.07 15.04 29.82
CA HIS C 104 -4.02 15.78 31.07
C HIS C 104 -5.19 15.40 31.96
N THR C 105 -4.90 14.90 33.15
CA THR C 105 -5.88 14.44 34.13
C THR C 105 -5.75 15.27 35.43
N ASN C 106 -6.46 14.85 36.46
CA ASN C 106 -6.47 15.56 37.74
C ASN C 106 -5.17 15.33 38.50
N VAL C 107 -4.75 16.34 39.24
CA VAL C 107 -3.75 16.18 40.30
C VAL C 107 -4.50 15.89 41.59
N LEU C 108 -4.16 14.78 42.25
CA LEU C 108 -4.75 14.40 43.53
C LEU C 108 -3.85 14.87 44.67
N VAL C 109 -4.39 15.68 45.56
CA VAL C 109 -3.65 16.26 46.67
C VAL C 109 -4.30 15.85 47.98
N ASN C 110 -3.48 15.34 48.93
CA ASN C 110 -4.01 14.99 50.23
C ASN C 110 -3.71 16.12 51.22
N SER C 111 -4.00 15.90 52.49
CA SER C 111 -4.15 17.01 53.42
C SER C 111 -2.80 17.62 53.84
N SER C 112 -1.72 16.88 53.67
CA SER C 112 -0.39 17.38 53.98
C SER C 112 0.25 18.03 52.77
N GLY C 113 -0.45 18.09 51.65
CA GLY C 113 0.03 18.78 50.47
C GLY C 113 0.70 17.92 49.44
N HIS C 114 0.65 16.60 49.58
CA HIS C 114 1.34 15.73 48.65
CA HIS C 114 1.34 15.73 48.65
C HIS C 114 0.53 15.62 47.37
N CYS C 115 1.15 15.98 46.25
CA CYS C 115 0.50 16.05 44.95
C CYS C 115 0.86 14.81 44.17
N GLN C 116 -0.15 14.12 43.67
CA GLN C 116 0.04 12.95 42.83
C GLN C 116 -0.59 13.23 41.47
N TYR C 117 0.11 12.85 40.41
CA TYR C 117 -0.32 13.20 39.06
C TYR C 117 0.08 12.06 38.14
N LEU C 118 -0.90 11.36 37.58
CA LEU C 118 -0.65 10.16 36.78
C LEU C 118 -1.34 10.30 35.43
N PRO C 119 -0.84 11.18 34.58
CA PRO C 119 -1.43 11.35 33.27
C PRO C 119 -1.13 10.14 32.39
N PRO C 120 -2.13 9.59 31.73
CA PRO C 120 -1.86 8.52 30.76
C PRO C 120 -1.52 9.09 29.39
N GLY C 121 -1.24 8.23 28.43
CA GLY C 121 -0.96 8.69 27.09
C GLY C 121 -0.40 7.62 26.20
N ILE C 122 -0.64 7.76 24.90
CA ILE C 122 0.00 6.93 23.89
C ILE C 122 1.25 7.69 23.45
N PHE C 123 2.41 7.22 23.89
CA PHE C 123 3.67 7.94 23.68
C PHE C 123 4.41 7.38 22.48
N LYS C 124 4.78 8.26 21.57
CA LYS C 124 5.69 7.92 20.48
C LYS C 124 7.07 8.46 20.80
N SER C 125 8.06 7.59 20.80
CA SER C 125 9.43 7.99 21.07
C SER C 125 10.33 7.53 19.94
N SER C 126 11.36 8.31 19.65
CA SER C 126 12.30 7.95 18.60
C SER C 126 13.30 6.95 19.16
N CYS C 127 13.30 5.75 18.59
CA CYS C 127 14.17 4.67 19.04
C CYS C 127 15.01 4.16 17.87
N TYR C 128 16.32 4.10 18.07
CA TYR C 128 17.19 3.49 17.08
C TYR C 128 17.01 1.98 17.09
N ILE C 129 16.52 1.44 15.99
CA ILE C 129 16.17 0.02 15.89
C ILE C 129 17.24 -0.67 15.06
N ASP C 130 18.02 -1.54 15.71
CA ASP C 130 19.11 -2.26 15.07
C ASP C 130 18.61 -3.66 14.71
N VAL C 131 18.50 -3.94 13.41
CA VAL C 131 18.02 -5.23 12.94
C VAL C 131 19.16 -6.08 12.39
N ARG C 132 20.39 -5.83 12.83
CA ARG C 132 21.56 -6.66 12.41
C ARG C 132 21.24 -8.13 12.70
N TRP C 133 20.75 -8.47 13.89
CA TRP C 133 20.52 -9.87 14.26
C TRP C 133 19.08 -10.29 14.10
N PHE C 134 18.28 -9.52 13.38
CA PHE C 134 16.90 -9.90 13.11
C PHE C 134 16.87 -11.33 12.55
N PRO C 135 15.95 -12.19 13.04
CA PRO C 135 14.84 -11.94 13.97
C PRO C 135 15.20 -12.12 15.44
N PHE C 136 16.43 -12.51 15.75
CA PHE C 136 16.83 -12.71 17.15
C PHE C 136 17.48 -11.44 17.71
N ASP C 137 16.78 -10.33 17.60
CA ASP C 137 17.34 -9.03 17.89
C ASP C 137 16.73 -8.46 19.17
N VAL C 138 17.56 -7.74 19.92
CA VAL C 138 17.16 -7.11 21.16
C VAL C 138 17.30 -5.61 20.99
N GLN C 139 16.26 -4.87 21.32
CA GLN C 139 16.20 -3.44 21.12
C GLN C 139 16.22 -2.74 22.46
N HIS C 140 17.01 -1.67 22.57
CA HIS C 140 17.07 -0.82 23.75
C HIS C 140 16.54 0.55 23.36
N CYS C 141 15.29 0.82 23.72
CA CYS C 141 14.63 2.06 23.36
C CYS C 141 14.62 2.98 24.58
N LYS C 142 15.18 4.17 24.43
CA LYS C 142 15.30 5.10 25.52
C LYS C 142 14.07 6.00 25.59
N LEU C 143 13.63 6.28 26.80
CA LEU C 143 12.58 7.25 27.05
C LEU C 143 13.19 8.29 27.98
N LYS C 144 13.51 9.46 27.45
CA LYS C 144 14.17 10.50 28.19
C LYS C 144 13.14 11.54 28.59
N PHE C 145 12.90 11.68 29.89
CA PHE C 145 11.97 12.65 30.43
C PHE C 145 12.73 13.68 31.24
N GLY C 146 12.25 14.92 31.22
CA GLY C 146 12.84 15.95 32.03
C GLY C 146 12.01 17.21 31.99
N SER C 147 12.18 18.01 33.04
CA SER C 147 11.58 19.34 33.05
C SER C 147 12.16 20.16 31.92
N TRP C 148 11.29 20.80 31.14
CA TRP C 148 11.75 21.57 29.99
C TRP C 148 12.40 22.88 30.43
N SER C 149 11.75 23.62 31.30
CA SER C 149 12.17 24.98 31.65
C SER C 149 12.61 25.14 33.10
N TYR C 150 12.55 24.09 33.92
CA TYR C 150 13.05 24.15 35.29
C TYR C 150 14.35 23.37 35.34
N GLY C 151 15.43 24.06 35.65
CA GLY C 151 16.73 23.43 35.76
C GLY C 151 16.95 22.82 37.13
N GLY C 152 18.18 22.31 37.31
CA GLY C 152 18.51 21.58 38.51
C GLY C 152 18.47 22.43 39.78
N TRP C 153 18.66 23.74 39.64
CA TRP C 153 18.56 24.62 40.80
C TRP C 153 17.13 24.83 41.27
N SER C 154 16.14 24.58 40.42
CA SER C 154 14.75 24.81 40.77
C SER C 154 13.93 23.55 40.94
N LEU C 155 14.22 22.49 40.19
CA LEU C 155 13.40 21.28 40.21
C LEU C 155 14.33 20.08 40.25
N ASP C 156 14.42 19.45 41.43
CA ASP C 156 15.35 18.35 41.66
C ASP C 156 14.66 17.05 41.28
N LEU C 157 14.76 16.67 40.02
CA LEU C 157 14.11 15.45 39.56
C LEU C 157 14.77 14.24 40.21
N GLN C 158 13.93 13.32 40.68
CA GLN C 158 14.38 12.07 41.27
C GLN C 158 13.60 10.93 40.67
N MET C 159 14.26 9.78 40.56
CA MET C 159 13.71 8.63 39.88
C MET C 159 13.21 7.59 40.88
N GLN C 160 12.21 6.84 40.45
CA GLN C 160 11.72 5.67 41.15
C GLN C 160 11.56 4.55 40.13
N GLU C 161 11.71 3.32 40.60
CA GLU C 161 11.70 2.17 39.70
C GLU C 161 10.39 2.12 38.92
N ALA C 162 10.51 1.84 37.63
CA ALA C 162 9.33 1.74 36.78
C ALA C 162 8.45 0.58 37.22
N ASP C 163 7.14 0.75 37.02
CA ASP C 163 6.14 -0.25 37.38
C ASP C 163 5.76 -1.06 36.16
N ILE C 164 5.72 -2.38 36.31
CA ILE C 164 5.37 -3.28 35.21
C ILE C 164 4.33 -4.28 35.68
N SER C 165 3.73 -4.03 36.83
CA SER C 165 2.75 -4.96 37.38
C SER C 165 1.54 -5.08 36.45
N GLY C 166 1.11 -3.98 35.86
CA GLY C 166 0.00 -3.96 34.93
C GLY C 166 0.35 -4.25 33.49
N TYR C 167 1.59 -4.60 33.19
CA TYR C 167 2.00 -4.80 31.81
C TYR C 167 1.19 -5.91 31.16
N ILE C 168 0.88 -5.75 29.88
CA ILE C 168 0.17 -6.73 29.07
C ILE C 168 1.15 -7.23 28.01
N PRO C 169 1.55 -8.51 28.03
CA PRO C 169 2.59 -8.96 27.10
C PRO C 169 2.22 -8.75 25.65
N ASN C 170 3.21 -8.35 24.86
CA ASN C 170 3.05 -8.19 23.43
C ASN C 170 3.25 -9.54 22.74
N GLY C 171 2.53 -9.74 21.65
CA GLY C 171 2.65 -10.97 20.91
C GLY C 171 3.85 -11.06 20.00
N GLU C 172 4.68 -10.02 19.98
CA GLU C 172 5.85 -9.98 19.12
C GLU C 172 7.12 -9.54 19.84
N TRP C 173 7.01 -9.02 21.06
CA TRP C 173 8.15 -8.42 21.74
C TRP C 173 8.09 -8.80 23.21
N ASP C 174 9.13 -9.48 23.68
CA ASP C 174 9.23 -9.89 25.06
C ASP C 174 9.92 -8.78 25.87
N LEU C 175 9.25 -8.30 26.90
CA LEU C 175 9.79 -7.22 27.72
C LEU C 175 10.86 -7.79 28.64
N VAL C 176 12.12 -7.54 28.30
CA VAL C 176 13.22 -7.96 29.16
C VAL C 176 13.20 -7.17 30.47
N GLY C 177 13.03 -5.86 30.37
CA GLY C 177 13.06 -5.00 31.54
C GLY C 177 13.06 -3.53 31.17
N ILE C 178 12.78 -2.67 32.14
CA ILE C 178 12.76 -1.22 31.91
C ILE C 178 13.59 -0.50 32.98
N PRO C 179 14.90 -0.67 33.02
CA PRO C 179 15.72 0.07 33.98
C PRO C 179 15.73 1.57 33.71
N GLY C 180 15.96 2.34 34.76
CA GLY C 180 16.05 3.78 34.67
C GLY C 180 17.35 4.33 35.21
N LYS C 181 17.70 5.55 34.84
CA LYS C 181 18.93 6.18 35.33
C LYS C 181 18.73 7.68 35.27
N ARG C 182 18.83 8.33 36.43
CA ARG C 182 18.79 9.79 36.51
C ARG C 182 20.15 10.39 36.20
N SER C 183 20.17 11.36 35.27
CA SER C 183 21.38 12.05 34.84
C SER C 183 21.23 13.56 35.01
N GLU C 184 22.37 14.23 35.18
CA GLU C 184 22.45 15.69 35.32
C GLU C 184 23.29 16.21 34.14
N ARG C 185 22.64 16.79 33.13
CA ARG C 185 23.29 17.21 31.89
C ARG C 185 23.36 18.73 31.75
N PHE C 186 24.32 19.16 30.94
CA PHE C 186 24.46 20.55 30.54
C PHE C 186 24.10 20.71 29.06
N TYR C 187 23.56 21.88 28.72
CA TYR C 187 23.16 22.17 27.35
C TYR C 187 23.73 23.53 26.94
N GLU C 188 24.03 23.67 25.65
CA GLU C 188 24.59 24.93 25.16
C GLU C 188 23.66 26.09 25.42
N CYS C 189 22.35 25.84 25.49
CA CYS C 189 21.39 26.89 25.80
C CYS C 189 21.75 27.61 27.09
N CYS C 190 22.12 26.86 28.11
CA CYS C 190 22.00 27.32 29.49
C CYS C 190 23.22 26.90 30.29
N LYS C 191 23.67 27.78 31.19
CA LYS C 191 24.75 27.42 32.09
C LYS C 191 24.29 26.48 33.21
N GLU C 192 23.03 26.52 33.55
CA GLU C 192 22.48 25.65 34.58
C GLU C 192 22.29 24.23 34.02
N PRO C 193 22.52 23.19 34.82
CA PRO C 193 22.29 21.83 34.34
C PRO C 193 20.84 21.41 34.47
N TYR C 194 20.41 20.53 33.57
CA TYR C 194 19.02 20.09 33.55
C TYR C 194 18.96 18.59 33.78
N PRO C 195 18.54 18.13 34.96
CA PRO C 195 18.48 16.69 35.20
C PRO C 195 17.41 16.04 34.34
N ASP C 196 17.59 14.74 34.12
CA ASP C 196 16.60 13.97 33.39
C ASP C 196 16.61 12.55 33.91
N VAL C 197 15.49 11.87 33.65
CA VAL C 197 15.32 10.46 33.97
C VAL C 197 15.07 9.73 32.66
N THR C 198 15.86 8.70 32.41
CA THR C 198 15.77 7.94 31.16
C THR C 198 15.44 6.50 31.50
N PHE C 199 14.34 6.01 30.95
CA PHE C 199 13.94 4.62 31.08
C PHE C 199 14.26 3.90 29.78
N THR C 200 15.09 2.87 29.87
CA THR C 200 15.49 2.08 28.71
C THR C 200 14.61 0.83 28.68
N VAL C 201 13.76 0.72 27.67
CA VAL C 201 12.88 -0.43 27.51
C VAL C 201 13.62 -1.45 26.66
N THR C 202 13.97 -2.58 27.27
CA THR C 202 14.69 -3.64 26.56
C THR C 202 13.69 -4.70 26.11
N MET C 203 13.62 -4.92 24.79
CA MET C 203 12.67 -5.81 24.18
C MET C 203 13.39 -6.93 23.44
N ARG C 204 12.79 -8.12 23.44
CA ARG C 204 13.35 -9.29 22.76
C ARG C 204 12.29 -9.83 21.81
N ARG C 205 12.59 -9.79 20.52
CA ARG C 205 11.62 -10.19 19.50
C ARG C 205 11.35 -11.69 19.55
N ARG C 206 10.07 -12.06 19.49
CA ARG C 206 9.64 -13.45 19.39
C ARG C 206 9.64 -13.84 17.92
N THR C 207 10.59 -14.69 17.50
CA THR C 207 10.99 -14.88 16.11
C THR C 207 10.14 -15.90 15.33
N LEU C 208 9.18 -16.56 16.00
CA LEU C 208 8.48 -17.67 15.36
C LEU C 208 7.93 -17.27 13.99
N TYR C 209 7.02 -16.30 13.94
CA TYR C 209 6.39 -15.92 12.68
C TYR C 209 7.43 -15.69 11.59
N TYR C 210 8.54 -15.05 11.94
CA TYR C 210 9.53 -14.71 10.92
C TYR C 210 10.27 -15.96 10.46
N GLY C 211 10.62 -16.84 11.39
CA GLY C 211 11.27 -18.07 11.01
C GLY C 211 10.37 -18.96 10.18
N LEU C 212 9.06 -18.77 10.27
CA LEU C 212 8.10 -19.59 9.52
C LEU C 212 7.77 -19.00 8.16
N ASN C 213 7.81 -17.67 8.04
CA ASN C 213 7.46 -16.99 6.80
C ASN C 213 8.65 -16.65 5.91
N LEU C 214 9.86 -16.56 6.48
CA LEU C 214 11.03 -16.09 5.73
C LEU C 214 12.10 -17.14 5.52
N LEU C 215 12.24 -18.12 6.42
CA LEU C 215 13.36 -19.04 6.29
C LEU C 215 13.00 -20.31 5.52
N ILE C 216 11.82 -20.90 5.74
CA ILE C 216 11.49 -22.16 5.06
C ILE C 216 11.38 -21.92 3.56
N PRO C 217 10.76 -20.84 3.08
CA PRO C 217 10.76 -20.58 1.65
C PRO C 217 12.14 -20.57 1.02
N CYS C 218 13.18 -20.16 1.75
CA CYS C 218 14.52 -20.20 1.18
C CYS C 218 15.04 -21.63 1.09
N VAL C 219 14.65 -22.50 2.02
CA VAL C 219 15.09 -23.88 1.95
C VAL C 219 14.36 -24.59 0.81
N LEU C 220 13.10 -24.22 0.59
CA LEU C 220 12.34 -24.86 -0.49
C LEU C 220 12.81 -24.37 -1.85
N ILE C 221 13.17 -23.10 -1.93
CA ILE C 221 13.74 -22.58 -3.18
C ILE C 221 15.08 -23.23 -3.46
N SER C 222 15.97 -23.27 -2.46
CA SER C 222 17.27 -23.89 -2.68
C SER C 222 17.13 -25.35 -3.07
N ALA C 223 16.20 -26.07 -2.43
CA ALA C 223 16.01 -27.48 -2.76
C ALA C 223 15.48 -27.65 -4.18
N LEU C 224 14.52 -26.81 -4.58
CA LEU C 224 13.98 -26.94 -5.93
C LEU C 224 15.00 -26.52 -6.98
N ALA C 225 15.93 -25.64 -6.62
CA ALA C 225 17.00 -25.28 -7.53
C ALA C 225 18.03 -26.40 -7.63
N LEU C 226 18.23 -27.16 -6.56
CA LEU C 226 19.16 -28.27 -6.62
C LEU C 226 18.54 -29.52 -7.23
N LEU C 227 17.26 -29.56 -7.53
CA LEU C 227 16.67 -30.74 -8.21
C LEU C 227 16.96 -30.63 -9.71
N VAL C 228 17.46 -29.50 -10.19
CA VAL C 228 17.83 -29.45 -11.60
C VAL C 228 18.97 -30.40 -11.89
N PHE C 229 19.84 -30.64 -10.91
CA PHE C 229 20.99 -31.51 -11.11
C PHE C 229 20.59 -32.98 -11.18
N LEU C 230 19.37 -33.33 -10.76
CA LEU C 230 18.85 -34.67 -10.89
C LEU C 230 17.96 -34.85 -12.11
N LEU C 231 17.44 -33.77 -12.66
CA LEU C 231 16.63 -33.84 -13.87
C LEU C 231 17.48 -34.25 -15.06
N PRO C 232 17.09 -35.29 -15.81
CA PRO C 232 17.86 -35.65 -17.01
C PRO C 232 17.87 -34.53 -18.03
N ALA C 233 18.92 -34.52 -18.86
CA ALA C 233 19.00 -33.53 -19.94
C ALA C 233 18.05 -33.85 -21.08
N ASP C 234 17.76 -35.13 -21.30
CA ASP C 234 16.86 -35.52 -22.38
C ASP C 234 15.48 -34.90 -22.19
N SER C 235 15.07 -34.66 -20.95
CA SER C 235 13.77 -34.07 -20.69
C SER C 235 13.57 -32.77 -21.47
N GLY C 236 14.63 -31.99 -21.61
CA GLY C 236 14.53 -30.68 -22.22
C GLY C 236 13.85 -29.68 -21.33
N GLU C 237 14.08 -29.76 -20.02
CA GLU C 237 13.39 -28.92 -19.07
C GLU C 237 14.27 -28.37 -17.96
N LYS C 238 15.58 -28.68 -17.95
CA LYS C 238 16.46 -28.18 -16.91
C LYS C 238 16.41 -26.67 -16.81
N ILE C 239 16.51 -25.98 -17.95
CA ILE C 239 16.47 -24.53 -17.94
C ILE C 239 15.11 -24.04 -17.47
N SER C 240 14.04 -24.69 -17.92
CA SER C 240 12.72 -24.27 -17.46
C SER C 240 12.63 -24.36 -15.94
N LEU C 241 13.08 -25.47 -15.36
CA LEU C 241 13.03 -25.63 -13.91
C LEU C 241 13.87 -24.56 -13.22
N GLY C 242 15.13 -24.42 -13.62
CA GLY C 242 16.01 -23.49 -12.91
C GLY C 242 15.57 -22.04 -13.04
N ILE C 243 15.25 -21.62 -14.25
CA ILE C 243 14.86 -20.23 -14.47
C ILE C 243 13.51 -19.94 -13.81
N THR C 244 12.59 -20.91 -13.79
CA THR C 244 11.33 -20.67 -13.09
C THR C 244 11.52 -20.64 -11.59
N VAL C 245 12.44 -21.44 -11.06
CA VAL C 245 12.77 -21.35 -9.64
C VAL C 245 13.34 -19.99 -9.31
N LEU C 246 14.13 -19.41 -10.23
CA LEU C 246 14.65 -18.07 -10.00
C LEU C 246 13.54 -17.02 -10.08
N LEU C 247 12.59 -17.20 -10.99
CA LEU C 247 11.45 -16.30 -11.06
C LEU C 247 10.64 -16.35 -9.76
N SER C 248 10.42 -17.55 -9.25
CA SER C 248 9.76 -17.71 -7.96
C SER C 248 10.58 -17.04 -6.85
N LEU C 249 11.91 -17.16 -6.91
CA LEU C 249 12.77 -16.45 -5.98
C LEU C 249 12.53 -14.95 -6.04
N THR C 250 12.44 -14.39 -7.24
CA THR C 250 12.17 -12.95 -7.37
C THR C 250 10.83 -12.56 -6.74
N VAL C 251 9.81 -13.39 -6.92
CA VAL C 251 8.53 -13.11 -6.27
C VAL C 251 8.69 -13.17 -4.75
N PHE C 252 9.42 -14.18 -4.27
CA PHE C 252 9.70 -14.26 -2.85
C PHE C 252 10.55 -13.08 -2.38
N MET C 253 11.36 -12.49 -3.27
CA MET C 253 12.08 -11.28 -2.89
C MET C 253 11.12 -10.11 -2.71
N LEU C 254 10.02 -10.09 -3.46
CA LEU C 254 9.00 -9.07 -3.20
C LEU C 254 8.42 -9.27 -1.80
N LEU C 255 8.12 -10.53 -1.50
CA LEU C 255 7.54 -10.83 -0.19
C LEU C 255 8.51 -10.43 0.90
N VAL C 256 9.79 -10.82 0.77
CA VAL C 256 10.78 -10.50 1.78
C VAL C 256 10.94 -8.98 1.88
N ALA C 257 10.84 -8.30 0.73
CA ALA C 257 10.95 -6.84 0.68
C ALA C 257 9.86 -6.20 1.52
N GLU C 258 8.80 -6.96 1.82
CA GLU C 258 7.73 -6.42 2.65
C GLU C 258 7.81 -6.93 4.09
N ILE C 259 7.93 -8.24 4.28
CA ILE C 259 7.94 -8.80 5.63
C ILE C 259 9.16 -8.30 6.42
N MET C 260 10.32 -8.35 5.81
CA MET C 260 11.55 -8.01 6.53
C MET C 260 11.66 -6.51 6.80
N PRO C 261 11.98 -6.11 8.04
CA PRO C 261 12.19 -4.70 8.37
C PRO C 261 13.59 -4.25 7.96
N ALA C 262 13.67 -3.20 7.15
CA ALA C 262 14.95 -2.64 6.73
C ALA C 262 15.05 -1.20 7.21
N THR C 263 16.15 -0.87 7.89
CA THR C 263 16.40 0.48 8.37
C THR C 263 17.67 1.10 7.79
N SER C 264 18.38 0.39 6.91
CA SER C 264 19.52 0.90 6.17
C SER C 264 20.73 1.21 7.04
N ASP C 265 20.68 0.88 8.34
CA ASP C 265 21.79 1.21 9.23
C ASP C 265 22.91 0.19 9.13
N SER C 266 22.57 -1.08 8.95
CA SER C 266 23.54 -2.17 8.99
C SER C 266 23.23 -3.14 7.85
N VAL C 267 23.59 -4.41 8.03
CA VAL C 267 23.30 -5.43 7.02
C VAL C 267 22.84 -6.67 7.79
N PRO C 268 21.54 -6.86 7.99
CA PRO C 268 21.05 -8.01 8.75
C PRO C 268 21.72 -9.31 8.35
N LEU C 269 22.36 -9.96 9.33
CA LEU C 269 23.02 -11.23 9.06
C LEU C 269 22.08 -12.18 8.31
N ILE C 270 20.81 -12.20 8.69
CA ILE C 270 19.82 -13.03 8.00
C ILE C 270 19.90 -12.85 6.49
N ALA C 271 20.17 -11.62 6.04
CA ALA C 271 20.17 -11.37 4.60
C ALA C 271 21.36 -12.02 3.89
N GLN C 272 22.34 -12.50 4.64
CA GLN C 272 23.43 -13.26 4.04
C GLN C 272 22.93 -14.64 3.61
N TYR C 273 21.80 -15.08 4.18
CA TYR C 273 21.17 -16.30 3.73
C TYR C 273 20.37 -16.07 2.46
N PHE C 274 19.68 -14.94 2.37
CA PHE C 274 18.98 -14.60 1.13
C PHE C 274 19.98 -14.48 -0.01
N ALA C 275 21.15 -13.93 0.27
CA ALA C 275 22.18 -13.82 -0.75
C ALA C 275 22.75 -15.18 -1.10
N SER C 276 23.03 -16.02 -0.10
CA SER C 276 23.52 -17.36 -0.38
C SER C 276 22.54 -18.13 -1.26
N THR C 277 21.24 -17.96 -1.04
CA THR C 277 20.28 -18.74 -1.83
C THR C 277 20.13 -18.17 -3.24
N MET C 278 20.16 -16.85 -3.39
CA MET C 278 20.10 -16.30 -4.74
C MET C 278 21.34 -16.69 -5.53
N ILE C 279 22.48 -16.81 -4.87
CA ILE C 279 23.71 -17.15 -5.58
C ILE C 279 23.74 -18.63 -5.92
N ILE C 280 23.24 -19.49 -5.03
CA ILE C 280 23.14 -20.91 -5.36
C ILE C 280 22.18 -21.12 -6.54
N VAL C 281 21.09 -20.37 -6.60
CA VAL C 281 20.15 -20.55 -7.72
C VAL C 281 20.77 -20.07 -9.02
N GLY C 282 21.42 -18.89 -9.01
CA GLY C 282 22.02 -18.40 -10.24
C GLY C 282 23.18 -19.25 -10.70
N LEU C 283 23.93 -19.83 -9.76
CA LEU C 283 25.05 -20.68 -10.12
C LEU C 283 24.61 -22.07 -10.55
N SER C 284 23.45 -22.54 -10.08
CA SER C 284 22.93 -23.77 -10.63
C SER C 284 22.37 -23.55 -12.02
N VAL C 285 21.95 -22.32 -12.34
CA VAL C 285 21.55 -22.05 -13.72
C VAL C 285 22.79 -21.97 -14.62
N VAL C 286 23.87 -21.39 -14.10
CA VAL C 286 25.11 -21.33 -14.89
C VAL C 286 25.69 -22.73 -15.10
N VAL C 287 25.59 -23.58 -14.08
CA VAL C 287 26.15 -24.92 -14.20
C VAL C 287 25.23 -25.81 -15.03
N THR C 288 23.93 -25.50 -15.06
CA THR C 288 23.05 -26.22 -15.97
C THR C 288 23.35 -25.84 -17.41
N VAL C 289 23.75 -24.58 -17.64
CA VAL C 289 24.18 -24.21 -18.99
C VAL C 289 25.45 -24.94 -19.37
N ILE C 290 26.37 -25.11 -18.42
CA ILE C 290 27.60 -25.86 -18.73
C ILE C 290 27.30 -27.32 -19.00
N VAL C 291 26.44 -27.94 -18.18
CA VAL C 291 26.05 -29.32 -18.41
C VAL C 291 25.36 -29.47 -19.76
N LEU C 292 24.53 -28.51 -20.14
CA LEU C 292 23.86 -28.57 -21.42
C LEU C 292 24.85 -28.46 -22.58
N GLN C 293 25.87 -27.60 -22.44
CA GLN C 293 26.93 -27.58 -23.44
C GLN C 293 27.59 -28.94 -23.56
N TYR C 294 27.88 -29.58 -22.42
CA TYR C 294 28.47 -30.92 -22.48
C TYR C 294 27.55 -31.92 -23.17
N HIS C 295 26.28 -31.94 -22.78
CA HIS C 295 25.34 -32.94 -23.30
C HIS C 295 25.09 -32.76 -24.78
N HIS C 296 24.87 -31.51 -25.21
CA HIS C 296 24.56 -31.18 -26.59
C HIS C 296 25.80 -30.96 -27.45
N HIS C 297 26.96 -31.44 -27.01
CA HIS C 297 28.18 -31.21 -27.76
C HIS C 297 28.07 -31.83 -29.15
N ASP C 298 28.71 -31.19 -30.12
CA ASP C 298 28.65 -31.65 -31.50
C ASP C 298 29.66 -32.77 -31.72
N PRO C 299 29.24 -33.97 -32.14
CA PRO C 299 30.21 -35.06 -32.31
C PRO C 299 31.27 -34.78 -33.35
N ASP C 300 31.01 -33.90 -34.30
CA ASP C 300 31.94 -33.58 -35.36
C ASP C 300 32.77 -32.34 -35.05
N GLY C 301 32.61 -31.77 -33.86
CA GLY C 301 33.40 -30.63 -33.44
C GLY C 301 34.69 -31.07 -32.80
N GLY C 302 35.11 -30.36 -31.75
CA GLY C 302 36.35 -30.70 -31.08
C GLY C 302 36.32 -32.09 -30.47
N LYS C 303 37.43 -32.50 -29.88
CA LYS C 303 37.56 -33.77 -29.20
C LYS C 303 37.66 -33.52 -27.70
N MET C 304 37.13 -34.46 -26.93
CA MET C 304 37.11 -34.29 -25.48
C MET C 304 38.53 -34.28 -24.96
N PRO C 305 38.99 -33.18 -24.34
CA PRO C 305 40.37 -33.14 -23.85
C PRO C 305 40.71 -34.36 -22.99
N LYS C 306 41.83 -35.01 -23.33
CA LYS C 306 42.33 -36.09 -22.48
C LYS C 306 42.30 -35.67 -21.01
N TRP C 307 42.62 -34.40 -20.80
CA TRP C 307 42.59 -33.82 -19.47
C TRP C 307 41.28 -34.06 -18.77
N THR C 308 40.20 -33.73 -19.45
CA THR C 308 38.87 -33.96 -18.89
C THR C 308 38.43 -35.41 -19.04
N ARG C 309 38.90 -36.10 -20.09
CA ARG C 309 38.58 -37.51 -20.24
C ARG C 309 39.10 -38.34 -19.08
N VAL C 310 40.06 -37.82 -18.32
CA VAL C 310 40.57 -38.52 -17.15
C VAL C 310 40.07 -37.87 -15.86
N ILE C 311 39.90 -36.56 -15.83
CA ILE C 311 39.41 -35.89 -14.64
C ILE C 311 37.97 -36.30 -14.34
N LEU C 312 37.15 -36.51 -15.37
CA LEU C 312 35.73 -36.77 -15.18
C LEU C 312 35.37 -38.22 -15.49
N LEU C 313 35.64 -38.68 -16.71
CA LEU C 313 35.20 -40.02 -17.10
C LEU C 313 35.90 -41.12 -16.31
N ASN C 314 37.03 -40.81 -15.66
CA ASN C 314 37.77 -41.81 -14.91
C ASN C 314 37.76 -41.52 -13.41
N TRP C 315 38.25 -40.37 -12.98
CA TRP C 315 38.45 -40.11 -11.55
C TRP C 315 37.12 -39.83 -10.86
N CYS C 316 36.49 -38.70 -11.20
CA CYS C 316 35.17 -38.39 -10.64
C CYS C 316 34.18 -39.51 -10.94
N ALA C 317 34.19 -40.03 -12.16
CA ALA C 317 33.29 -41.12 -12.51
C ALA C 317 33.46 -42.31 -11.58
N TRP C 318 34.70 -42.66 -11.24
CA TRP C 318 34.91 -43.80 -10.35
C TRP C 318 34.56 -43.45 -8.91
N PHE C 319 34.86 -42.22 -8.47
CA PHE C 319 34.54 -41.83 -7.10
C PHE C 319 33.05 -41.89 -6.84
N LEU C 320 32.23 -41.56 -7.83
CA LEU C 320 30.78 -41.60 -7.68
C LEU C 320 30.19 -42.97 -8.01
N ARG C 321 31.03 -43.98 -8.19
CA ARG C 321 30.56 -45.32 -8.56
C ARG C 321 29.57 -45.25 -9.71
N MET C 322 30.04 -44.68 -10.82
CA MET C 322 29.24 -44.51 -12.02
C MET C 322 29.93 -45.19 -13.20
N LYS C 323 29.13 -45.82 -14.04
CA LYS C 323 29.66 -46.54 -15.21
C LYS C 323 28.99 -46.04 -16.48
N PRO C 479 29.30 -58.41 -63.03
CA PRO C 479 29.37 -56.95 -62.98
C PRO C 479 28.24 -56.34 -62.17
N ASP C 480 26.99 -56.60 -62.58
CA ASP C 480 25.84 -56.06 -61.86
C ASP C 480 25.89 -56.45 -60.39
N LEU C 481 26.34 -57.68 -60.10
CA LEU C 481 26.41 -58.12 -58.71
C LEU C 481 27.40 -57.27 -57.92
N ALA C 482 28.54 -56.94 -58.52
CA ALA C 482 29.51 -56.08 -57.83
C ALA C 482 28.97 -54.67 -57.65
N LYS C 483 28.28 -54.14 -58.67
CA LYS C 483 27.65 -52.83 -58.53
C LYS C 483 26.69 -52.81 -57.36
N ILE C 484 26.01 -53.94 -57.11
CA ILE C 484 25.10 -54.00 -55.97
C ILE C 484 25.89 -54.03 -54.67
N LEU C 485 27.06 -54.65 -54.67
CA LEU C 485 27.87 -54.72 -53.46
C LEU C 485 28.29 -53.33 -53.01
N GLU C 486 28.77 -52.50 -53.95
CA GLU C 486 29.18 -51.14 -53.60
C GLU C 486 28.02 -50.37 -52.98
N GLU C 487 26.81 -50.51 -53.55
CA GLU C 487 25.67 -49.79 -53.01
C GLU C 487 25.41 -50.17 -51.56
N VAL C 488 25.44 -51.47 -51.25
CA VAL C 488 25.13 -51.92 -49.90
C VAL C 488 26.25 -51.55 -48.95
N ARG C 489 27.50 -51.63 -49.41
CA ARG C 489 28.62 -51.28 -48.56
C ARG C 489 28.52 -49.82 -48.13
N TYR C 490 28.16 -48.93 -49.04
CA TYR C 490 27.97 -47.54 -48.67
C TYR C 490 26.99 -47.46 -47.51
N ILE C 491 25.82 -48.09 -47.65
CA ILE C 491 24.80 -48.02 -46.62
C ILE C 491 25.36 -48.56 -45.31
N ALA C 492 26.02 -49.72 -45.37
CA ALA C 492 26.57 -50.31 -44.16
C ALA C 492 27.58 -49.38 -43.51
N ASN C 493 28.45 -48.75 -44.31
CA ASN C 493 29.47 -47.88 -43.74
C ASN C 493 28.84 -46.61 -43.20
N ARG C 494 27.81 -46.12 -43.89
CA ARG C 494 27.10 -44.95 -43.37
C ARG C 494 26.58 -45.26 -41.98
N PHE C 495 26.03 -46.46 -41.81
CA PHE C 495 25.51 -46.88 -40.52
C PHE C 495 26.66 -46.94 -39.52
N ARG C 496 27.76 -47.59 -39.91
CA ARG C 496 28.89 -47.77 -39.01
C ARG C 496 29.53 -46.44 -38.65
N CYS C 497 29.31 -45.39 -39.43
CA CYS C 497 29.92 -44.09 -39.15
C CYS C 497 29.03 -43.29 -38.22
N GLN C 498 27.71 -43.36 -38.38
CA GLN C 498 26.83 -42.66 -37.44
C GLN C 498 26.93 -43.31 -36.08
N ASP C 499 27.12 -44.64 -36.05
CA ASP C 499 27.28 -45.36 -34.79
C ASP C 499 28.50 -44.85 -34.04
N GLU C 500 29.62 -44.70 -34.75
CA GLU C 500 30.82 -44.16 -34.12
C GLU C 500 30.53 -42.77 -33.55
N SER C 501 29.85 -41.93 -34.32
CA SER C 501 29.53 -40.59 -33.86
C SER C 501 28.57 -40.63 -32.68
N GLU C 502 27.70 -41.64 -32.63
CA GLU C 502 26.80 -41.81 -31.49
C GLU C 502 27.57 -42.20 -30.23
N ALA C 503 28.61 -43.02 -30.38
CA ALA C 503 29.43 -43.36 -29.23
C ALA C 503 30.17 -42.14 -28.70
N VAL C 504 30.82 -41.39 -29.58
CA VAL C 504 31.45 -40.14 -29.16
C VAL C 504 30.45 -39.27 -28.42
N CYS C 505 29.23 -39.18 -28.96
CA CYS C 505 28.18 -38.40 -28.29
C CYS C 505 27.86 -38.96 -26.91
N SER C 506 27.93 -40.28 -26.75
CA SER C 506 27.58 -40.90 -25.48
C SER C 506 28.57 -40.56 -24.38
N GLU C 507 29.83 -40.33 -24.73
CA GLU C 507 30.80 -39.89 -23.72
C GLU C 507 30.51 -38.47 -23.28
N TRP C 508 30.21 -37.58 -24.22
CA TRP C 508 29.83 -36.23 -23.85
C TRP C 508 28.54 -36.23 -23.04
N LYS C 509 27.59 -37.11 -23.40
CA LYS C 509 26.39 -37.24 -22.61
C LYS C 509 26.69 -37.84 -21.24
N PHE C 510 27.67 -38.75 -21.19
CA PHE C 510 28.09 -39.31 -19.92
C PHE C 510 28.80 -38.27 -19.06
N ALA C 511 29.74 -37.53 -19.66
CA ALA C 511 30.44 -36.48 -18.91
C ALA C 511 29.45 -35.49 -18.30
N ALA C 512 28.40 -35.15 -19.04
CA ALA C 512 27.40 -34.23 -18.50
C ALA C 512 26.78 -34.79 -17.23
N CYS C 513 26.50 -36.10 -17.22
CA CYS C 513 25.96 -36.74 -16.02
C CYS C 513 26.94 -36.64 -14.86
N VAL C 514 28.23 -36.88 -15.12
CA VAL C 514 29.22 -36.83 -14.05
C VAL C 514 29.36 -35.42 -13.51
N VAL C 515 29.50 -34.44 -14.40
CA VAL C 515 29.55 -33.05 -13.96
C VAL C 515 28.27 -32.71 -13.23
N ASP C 516 27.15 -33.26 -13.69
CA ASP C 516 25.86 -32.94 -13.10
C ASP C 516 25.81 -33.37 -11.64
N ARG C 517 26.28 -34.59 -11.34
CA ARG C 517 26.27 -35.08 -9.96
C ARG C 517 27.35 -34.43 -9.11
N LEU C 518 28.55 -34.22 -9.64
CA LEU C 518 29.55 -33.48 -8.88
C LEU C 518 29.00 -32.16 -8.39
N CYS C 519 28.33 -31.42 -9.28
CA CYS C 519 27.72 -30.17 -8.89
C CYS C 519 26.64 -30.41 -7.84
N LEU C 520 25.92 -31.52 -7.94
CA LEU C 520 24.93 -31.84 -6.92
C LEU C 520 25.57 -31.91 -5.54
N MET C 521 26.67 -32.67 -5.41
CA MET C 521 27.31 -32.81 -4.12
C MET C 521 28.02 -31.53 -3.71
N ALA C 522 28.75 -30.90 -4.64
CA ALA C 522 29.43 -29.65 -4.32
C ALA C 522 28.44 -28.59 -3.84
N PHE C 523 27.36 -28.39 -4.59
CA PHE C 523 26.34 -27.43 -4.17
C PHE C 523 25.74 -27.81 -2.82
N SER C 524 25.62 -29.11 -2.54
CA SER C 524 25.06 -29.53 -1.26
C SER C 524 25.92 -29.07 -0.08
N VAL C 525 27.21 -29.38 -0.12
CA VAL C 525 28.08 -29.01 1.01
C VAL C 525 28.12 -27.50 1.16
N PHE C 526 28.12 -26.76 0.05
CA PHE C 526 28.16 -25.30 0.12
C PHE C 526 26.96 -24.77 0.90
N THR C 527 25.77 -25.30 0.61
CA THR C 527 24.58 -24.89 1.36
C THR C 527 24.78 -25.10 2.85
N ILE C 528 25.30 -26.28 3.24
CA ILE C 528 25.46 -26.60 4.65
C ILE C 528 26.27 -25.53 5.37
N ILE C 529 27.47 -25.26 4.88
CA ILE C 529 28.36 -24.32 5.58
C ILE C 529 27.71 -22.93 5.66
N CYS C 530 27.14 -22.46 4.56
CA CYS C 530 26.50 -21.16 4.54
C CYS C 530 25.31 -21.13 5.49
N GLU D 1 7.09 32.82 48.91
CA GLU D 1 6.77 34.17 49.46
C GLU D 1 7.21 35.28 48.54
N PHE D 2 8.48 35.21 48.11
CA PHE D 2 9.03 36.20 47.20
C PHE D 2 8.70 35.85 45.76
N GLN D 3 8.67 34.57 45.42
CA GLN D 3 8.22 34.16 44.10
C GLN D 3 6.79 34.61 43.85
N ARG D 4 5.91 34.44 44.84
CA ARG D 4 4.53 34.88 44.71
C ARG D 4 4.46 36.38 44.51
N LYS D 5 5.17 37.14 45.35
CA LYS D 5 5.15 38.60 45.25
C LYS D 5 5.66 39.08 43.90
N LEU D 6 6.75 38.48 43.41
CA LEU D 6 7.28 38.86 42.11
C LEU D 6 6.29 38.55 41.00
N TYR D 7 5.71 37.34 41.01
CA TYR D 7 4.73 37.01 39.99
C TYR D 7 3.54 37.97 40.00
N LYS D 8 3.15 38.45 41.18
CA LYS D 8 2.03 39.40 41.22
C LYS D 8 2.45 40.77 40.72
N GLU D 9 3.69 41.18 41.01
CA GLU D 9 4.13 42.52 40.60
C GLU D 9 4.41 42.58 39.11
N LEU D 10 4.94 41.50 38.53
CA LEU D 10 5.37 41.54 37.14
C LEU D 10 4.20 41.72 36.18
N VAL D 11 3.04 41.13 36.48
CA VAL D 11 1.93 41.18 35.53
C VAL D 11 1.08 42.43 35.68
N LYS D 12 1.32 43.23 36.73
CA LYS D 12 0.57 44.46 36.94
C LYS D 12 0.74 45.40 35.75
N ASN D 13 -0.31 45.57 34.96
CA ASN D 13 -0.35 46.40 33.76
C ASN D 13 0.39 45.79 32.57
N TYR D 14 0.88 44.57 32.69
CA TYR D 14 1.53 43.96 31.53
C TYR D 14 0.51 43.71 30.43
N ASN D 15 0.95 43.84 29.19
CA ASN D 15 0.11 43.67 28.01
C ASN D 15 0.84 42.78 27.02
N PRO D 16 0.43 41.53 26.84
CA PRO D 16 1.10 40.67 25.85
C PRO D 16 1.01 41.19 24.42
N LEU D 17 0.23 42.25 24.16
CA LEU D 17 0.19 42.83 22.82
C LEU D 17 1.37 43.75 22.58
N GLU D 18 1.92 44.36 23.64
CA GLU D 18 2.98 45.36 23.52
C GLU D 18 4.32 44.72 23.20
N ARG D 19 4.92 45.10 22.08
CA ARG D 19 6.32 44.76 21.83
C ARG D 19 7.15 45.39 22.94
N PRO D 20 7.86 44.61 23.75
CA PRO D 20 8.40 45.13 25.03
C PRO D 20 9.72 45.89 24.91
N VAL D 21 9.69 47.02 24.21
CA VAL D 21 10.84 47.89 24.07
C VAL D 21 10.62 49.13 24.92
N ALA D 22 11.72 49.76 25.33
CA ALA D 22 11.61 50.99 26.11
C ALA D 22 11.27 52.17 25.21
N ASN D 23 11.96 52.28 24.09
CA ASN D 23 11.71 53.31 23.09
C ASN D 23 10.92 52.69 21.94
N ASP D 24 9.77 53.29 21.62
CA ASP D 24 8.87 52.69 20.63
C ASP D 24 9.43 52.81 19.22
N SER D 25 10.16 53.88 18.93
CA SER D 25 10.73 54.07 17.59
C SER D 25 11.82 53.07 17.26
N GLN D 26 12.36 52.43 18.24
CA GLN D 26 13.49 51.53 18.00
C GLN D 26 12.98 50.11 17.73
N PRO D 27 13.72 49.32 16.95
CA PRO D 27 13.36 47.92 16.79
C PRO D 27 13.83 47.11 18.00
N LEU D 28 13.17 45.97 18.18
CA LEU D 28 13.54 45.01 19.20
C LEU D 28 14.43 43.94 18.57
N THR D 29 15.61 43.74 19.14
CA THR D 29 16.50 42.70 18.65
C THR D 29 16.05 41.35 19.19
N VAL D 30 15.97 40.37 18.30
CA VAL D 30 15.62 39.01 18.65
C VAL D 30 16.69 38.13 18.03
N TYR D 31 17.42 37.40 18.86
CA TYR D 31 18.39 36.44 18.37
C TYR D 31 17.68 35.13 18.12
N PHE D 32 17.91 34.55 16.95
CA PHE D 32 17.23 33.33 16.55
C PHE D 32 18.28 32.31 16.15
N SER D 33 18.20 31.13 16.76
CA SER D 33 19.00 30.00 16.35
C SER D 33 18.14 28.77 16.53
N LEU D 34 18.73 27.60 16.34
CA LEU D 34 18.02 26.37 16.59
C LEU D 34 19.01 25.27 16.94
N SER D 35 18.50 24.24 17.59
CA SER D 35 19.26 23.03 17.87
C SER D 35 18.65 21.92 17.03
N LEU D 36 19.46 21.30 16.20
CA LEU D 36 19.03 20.16 15.42
C LEU D 36 19.26 18.90 16.24
N LEU D 37 18.19 18.16 16.47
CA LEU D 37 18.24 16.97 17.31
C LEU D 37 18.22 15.70 16.50
N GLN D 38 17.41 15.65 15.45
CA GLN D 38 17.31 14.45 14.65
C GLN D 38 16.61 14.79 13.34
N ILE D 39 17.10 14.20 12.26
CA ILE D 39 16.42 14.26 10.97
C ILE D 39 15.51 13.04 10.92
N MET D 40 14.22 13.26 11.15
CA MET D 40 13.28 12.16 11.28
C MET D 40 13.01 11.47 9.94
N ASP D 41 12.74 12.25 8.90
CA ASP D 41 12.36 11.65 7.64
C ASP D 41 12.63 12.60 6.49
N VAL D 42 13.04 12.04 5.36
CA VAL D 42 13.25 12.77 4.11
C VAL D 42 12.28 12.17 3.12
N ASP D 43 11.15 12.83 2.91
CA ASP D 43 10.10 12.35 2.00
C ASP D 43 10.42 12.85 0.61
N GLU D 44 10.95 11.96 -0.25
CA GLU D 44 11.31 12.39 -1.60
C GLU D 44 10.08 12.61 -2.47
N LYS D 45 9.05 11.77 -2.31
CA LYS D 45 7.89 11.88 -3.17
C LYS D 45 7.05 13.10 -2.84
N ASN D 46 6.91 13.43 -1.56
CA ASN D 46 6.15 14.61 -1.16
C ASN D 46 7.02 15.85 -0.98
N GLN D 47 8.34 15.71 -1.13
CA GLN D 47 9.26 16.85 -1.05
C GLN D 47 9.17 17.53 0.31
N VAL D 48 9.18 16.72 1.37
CA VAL D 48 9.01 17.21 2.74
C VAL D 48 10.14 16.67 3.61
N LEU D 49 10.86 17.57 4.26
CA LEU D 49 11.82 17.22 5.30
C LEU D 49 11.15 17.31 6.67
N THR D 50 11.23 16.22 7.44
CA THR D 50 10.77 16.19 8.83
C THR D 50 11.97 16.21 9.76
N THR D 51 11.97 17.13 10.72
CA THR D 51 13.05 17.25 11.68
C THR D 51 12.51 17.48 13.08
N ASN D 52 13.25 16.99 14.07
CA ASN D 52 13.04 17.33 15.46
C ASN D 52 14.03 18.44 15.82
N ILE D 53 13.51 19.60 16.17
CA ILE D 53 14.33 20.79 16.35
C ILE D 53 13.88 21.50 17.62
N TRP D 54 14.83 22.10 18.31
CA TRP D 54 14.56 23.04 19.39
C TRP D 54 14.88 24.43 18.84
N LEU D 55 13.85 25.24 18.69
CA LEU D 55 14.05 26.62 18.29
C LEU D 55 14.65 27.39 19.45
N GLN D 56 15.45 28.39 19.15
CA GLN D 56 16.05 29.22 20.19
C GLN D 56 15.81 30.68 19.87
N MET D 57 15.08 31.36 20.72
CA MET D 57 14.78 32.77 20.57
C MET D 57 15.17 33.47 21.85
N SER D 58 15.82 34.61 21.73
CA SER D 58 16.15 35.40 22.90
C SER D 58 15.98 36.88 22.59
N TRP D 59 15.40 37.59 23.55
CA TRP D 59 15.20 39.02 23.46
C TRP D 59 15.21 39.57 24.87
N THR D 60 15.26 40.89 24.97
CA THR D 60 15.12 41.56 26.25
C THR D 60 13.72 42.14 26.35
N ASP D 61 13.10 41.94 27.51
CA ASP D 61 11.79 42.51 27.81
C ASP D 61 12.02 43.59 28.84
N HIS D 62 11.69 44.82 28.46
CA HIS D 62 11.98 45.97 29.31
C HIS D 62 11.19 45.93 30.62
N TYR D 63 9.96 45.41 30.58
CA TYR D 63 9.10 45.41 31.76
C TYR D 63 9.37 44.26 32.73
N LEU D 64 9.97 43.17 32.27
CA LEU D 64 10.15 41.98 33.11
C LEU D 64 11.53 42.03 33.77
N GLN D 65 11.71 43.02 34.64
CA GLN D 65 12.96 43.26 35.32
C GLN D 65 12.72 43.47 36.80
N TRP D 66 13.60 42.91 37.62
CA TRP D 66 13.45 43.04 39.07
C TRP D 66 14.82 43.00 39.72
N ASN D 67 14.93 43.63 40.89
CA ASN D 67 16.12 43.65 41.71
C ASN D 67 16.10 42.44 42.65
N VAL D 68 17.12 41.59 42.54
CA VAL D 68 17.10 40.28 43.19
C VAL D 68 17.60 40.41 44.63
N SER D 69 17.68 41.63 45.15
CA SER D 69 17.84 41.85 46.58
C SER D 69 16.49 42.00 47.29
N GLU D 70 15.48 42.48 46.57
CA GLU D 70 14.13 42.56 47.12
C GLU D 70 13.33 41.28 46.94
N TYR D 71 13.85 40.32 46.20
CA TYR D 71 13.20 39.02 46.01
C TYR D 71 14.26 37.94 46.17
N PRO D 72 14.85 37.81 47.36
CA PRO D 72 15.98 36.89 47.54
C PRO D 72 15.64 35.46 47.12
N GLY D 73 16.55 34.87 46.36
CA GLY D 73 16.39 33.53 45.88
C GLY D 73 15.64 33.41 44.56
N VAL D 74 14.84 34.41 44.21
CA VAL D 74 14.07 34.40 42.97
C VAL D 74 14.95 35.01 41.89
N LYS D 75 15.60 34.15 41.11
CA LYS D 75 16.52 34.61 40.09
C LYS D 75 15.95 34.50 38.68
N THR D 76 14.87 33.75 38.52
CA THR D 76 14.22 33.60 37.22
C THR D 76 12.74 33.38 37.44
N VAL D 77 11.97 33.59 36.38
CA VAL D 77 10.53 33.34 36.36
C VAL D 77 10.20 32.74 35.01
N ARG D 78 9.00 32.18 34.92
CA ARG D 78 8.55 31.48 33.74
C ARG D 78 7.12 31.91 33.44
N PHE D 79 6.83 32.06 32.15
CA PHE D 79 5.50 32.46 31.70
C PHE D 79 5.04 31.56 30.56
N PRO D 80 3.81 31.07 30.59
CA PRO D 80 3.29 30.24 29.51
C PRO D 80 2.73 31.10 28.37
N ASP D 81 2.30 30.42 27.32
CA ASP D 81 1.69 31.06 26.16
C ASP D 81 0.53 31.96 26.57
N GLY D 82 0.56 33.22 26.11
CA GLY D 82 -0.53 34.14 26.30
C GLY D 82 -0.36 35.14 27.41
N GLN D 83 0.62 34.97 28.29
CA GLN D 83 0.82 35.89 29.41
C GLN D 83 2.07 36.74 29.26
N ILE D 84 2.81 36.59 28.17
CA ILE D 84 4.02 37.35 27.90
C ILE D 84 4.08 37.62 26.40
N TRP D 85 4.62 38.79 26.04
CA TRP D 85 4.88 39.06 24.62
C TRP D 85 5.95 38.09 24.13
N LYS D 86 5.75 37.56 22.94
CA LYS D 86 6.67 36.64 22.32
C LYS D 86 6.80 36.97 20.84
N PRO D 87 7.97 36.78 20.25
CA PRO D 87 8.07 36.88 18.78
C PRO D 87 7.20 35.84 18.08
N ASP D 88 6.51 36.28 17.03
CA ASP D 88 5.68 35.40 16.21
C ASP D 88 6.48 34.84 15.03
N ILE D 89 7.53 34.10 15.34
CA ILE D 89 8.42 33.58 14.31
C ILE D 89 7.88 32.24 13.84
N LEU D 90 7.63 32.14 12.54
CA LEU D 90 7.08 30.95 11.92
C LEU D 90 8.06 30.39 10.90
N LEU D 91 7.89 29.12 10.60
CA LEU D 91 8.60 28.50 9.49
C LEU D 91 7.82 28.80 8.21
N TYR D 92 8.38 29.67 7.37
CA TYR D 92 7.67 30.09 6.16
C TYR D 92 7.32 28.92 5.26
N ASN D 93 8.26 28.04 5.00
CA ASN D 93 8.07 26.95 4.05
C ASN D 93 7.65 25.67 4.76
N SER D 94 6.63 25.83 5.60
CA SER D 94 6.07 24.70 6.33
C SER D 94 5.23 23.84 5.39
N ALA D 95 5.28 22.53 5.62
CA ALA D 95 4.43 21.56 4.95
C ALA D 95 3.47 20.89 5.91
N ASP D 96 3.25 21.48 7.08
CA ASP D 96 2.37 20.92 8.10
C ASP D 96 0.94 21.40 7.87
N GLU D 97 -0.02 20.48 7.96
CA GLU D 97 -1.42 20.86 7.78
C GLU D 97 -1.86 21.91 8.79
N ARG D 98 -1.19 22.01 9.93
CA ARG D 98 -1.46 23.06 10.90
C ARG D 98 -0.60 24.30 10.66
N PHE D 99 0.43 24.18 9.83
CA PHE D 99 1.38 25.22 9.47
C PHE D 99 2.33 25.65 10.58
N ASP D 100 1.90 25.64 11.84
CA ASP D 100 2.79 25.94 12.95
C ASP D 100 2.91 24.68 13.82
N ALA D 101 4.06 24.01 13.76
CA ALA D 101 4.25 22.76 14.47
C ALA D 101 4.92 22.92 15.83
N THR D 102 5.27 24.14 16.21
CA THR D 102 5.99 24.36 17.46
C THR D 102 5.11 24.03 18.66
N PHE D 103 5.63 23.22 19.58
CA PHE D 103 4.98 22.99 20.87
C PHE D 103 5.32 24.12 21.82
N HIS D 104 4.30 24.83 22.29
CA HIS D 104 4.49 26.06 23.06
C HIS D 104 4.86 25.73 24.49
N THR D 105 6.02 26.22 24.93
CA THR D 105 6.56 25.99 26.26
C THR D 105 6.73 27.32 27.00
N ASN D 106 7.38 27.28 28.16
CA ASN D 106 7.58 28.47 28.98
C ASN D 106 8.64 29.39 28.39
N VAL D 107 8.46 30.69 28.57
CA VAL D 107 9.53 31.66 28.41
C VAL D 107 10.22 31.84 29.75
N LEU D 108 11.53 31.63 29.78
CA LEU D 108 12.33 31.82 31.00
C LEU D 108 12.95 33.21 31.00
N VAL D 109 12.66 33.99 32.03
CA VAL D 109 13.12 35.37 32.14
C VAL D 109 13.95 35.52 33.41
N ASN D 110 15.15 36.10 33.29
CA ASN D 110 15.96 36.36 34.47
C ASN D 110 15.79 37.80 34.90
N SER D 111 16.57 38.24 35.88
CA SER D 111 16.22 39.44 36.64
C SER D 111 16.48 40.73 35.87
N SER D 112 17.32 40.67 34.85
CA SER D 112 17.60 41.83 34.01
C SER D 112 16.65 41.90 32.82
N GLY D 113 15.72 40.96 32.71
CA GLY D 113 14.71 40.99 31.68
C GLY D 113 15.01 40.16 30.47
N HIS D 114 16.04 39.34 30.49
CA HIS D 114 16.40 38.57 29.31
CA HIS D 114 16.41 38.57 29.31
C HIS D 114 15.48 37.38 29.17
N CYS D 115 14.79 37.30 28.05
CA CYS D 115 13.77 36.29 27.79
C CYS D 115 14.38 35.19 26.93
N GLN D 116 14.25 33.97 27.39
CA GLN D 116 14.71 32.81 26.64
C GLN D 116 13.51 31.92 26.35
N TYR D 117 13.44 31.40 25.13
CA TYR D 117 12.26 30.66 24.68
C TYR D 117 12.73 29.58 23.74
N LEU D 118 12.58 28.31 24.12
CA LEU D 118 13.09 27.19 23.35
C LEU D 118 11.99 26.20 23.10
N PRO D 119 11.03 26.54 22.26
CA PRO D 119 9.96 25.61 21.96
C PRO D 119 10.46 24.47 21.11
N PRO D 120 10.14 23.23 21.46
CA PRO D 120 10.48 22.12 20.57
C PRO D 120 9.40 21.89 19.53
N GLY D 121 9.59 20.91 18.67
CA GLY D 121 8.58 20.59 17.68
C GLY D 121 9.07 19.66 16.61
N ILE D 122 8.15 18.90 16.04
CA ILE D 122 8.42 18.09 14.86
C ILE D 122 8.04 18.96 13.66
N PHE D 123 9.04 19.46 12.96
CA PHE D 123 8.85 20.44 11.89
C PHE D 123 8.84 19.74 10.55
N LYS D 124 7.81 20.00 9.76
CA LYS D 124 7.76 19.60 8.36
C LYS D 124 8.02 20.83 7.50
N SER D 125 9.02 20.73 6.64
CA SER D 125 9.37 21.82 5.74
C SER D 125 9.38 21.31 4.31
N SER D 126 9.01 22.16 3.38
CA SER D 126 9.01 21.81 1.97
C SER D 126 10.42 21.93 1.43
N CYS D 127 11.00 20.82 0.99
CA CYS D 127 12.36 20.79 0.49
C CYS D 127 12.37 20.19 -0.92
N TYR D 128 12.98 20.91 -1.86
CA TYR D 128 13.19 20.38 -3.19
C TYR D 128 14.25 19.28 -3.15
N ILE D 129 13.86 18.06 -3.46
CA ILE D 129 14.73 16.90 -3.36
C ILE D 129 15.16 16.49 -4.76
N ASP D 130 16.44 16.66 -5.06
CA ASP D 130 17.01 16.36 -6.37
C ASP D 130 17.66 14.98 -6.30
N VAL D 131 17.10 14.00 -7.01
CA VAL D 131 17.61 12.64 -7.02
C VAL D 131 18.35 12.32 -8.32
N ARG D 132 18.84 13.35 -9.02
CA ARG D 132 19.63 13.13 -10.25
C ARG D 132 20.77 12.16 -9.94
N TRP D 133 21.53 12.37 -8.88
CA TRP D 133 22.70 11.54 -8.58
C TRP D 133 22.41 10.45 -7.55
N PHE D 134 21.14 10.17 -7.28
CA PHE D 134 20.79 9.09 -6.38
C PHE D 134 21.52 7.81 -6.79
N PRO D 135 22.11 7.07 -5.84
CA PRO D 135 22.06 7.21 -4.39
C PRO D 135 23.16 8.10 -3.80
N PHE D 136 24.06 8.62 -4.62
CA PHE D 136 25.15 9.47 -4.13
C PHE D 136 24.75 10.95 -4.20
N ASP D 137 23.61 11.28 -3.62
CA ASP D 137 23.01 12.59 -3.80
C ASP D 137 23.10 13.39 -2.50
N VAL D 138 23.28 14.70 -2.66
CA VAL D 138 23.38 15.62 -1.54
C VAL D 138 22.21 16.60 -1.65
N GLN D 139 21.48 16.76 -0.55
CA GLN D 139 20.29 17.57 -0.53
C GLN D 139 20.53 18.80 0.33
N HIS D 140 20.08 19.95 -0.16
CA HIS D 140 20.15 21.21 0.57
C HIS D 140 18.71 21.65 0.87
N CYS D 141 18.27 21.42 2.09
CA CYS D 141 16.92 21.72 2.50
C CYS D 141 16.92 23.00 3.31
N LYS D 142 16.15 23.99 2.87
CA LYS D 142 16.12 25.29 3.50
C LYS D 142 15.05 25.31 4.58
N LEU D 143 15.37 25.97 5.69
CA LEU D 143 14.42 26.24 6.76
C LEU D 143 14.40 27.75 6.92
N LYS D 144 13.34 28.39 6.43
CA LYS D 144 13.22 29.83 6.41
C LYS D 144 12.30 30.24 7.57
N PHE D 145 12.86 30.94 8.55
CA PHE D 145 12.11 31.45 9.69
C PHE D 145 12.08 32.96 9.65
N GLY D 146 10.98 33.52 10.10
CA GLY D 146 10.88 34.97 10.21
C GLY D 146 9.62 35.37 10.94
N SER D 147 9.68 36.58 11.50
CA SER D 147 8.50 37.17 12.09
C SER D 147 7.44 37.37 11.01
N TRP D 148 6.22 36.93 11.29
CA TRP D 148 5.16 37.01 10.30
C TRP D 148 4.66 38.45 10.13
N SER D 149 4.37 39.12 11.24
CA SER D 149 3.72 40.42 11.22
C SER D 149 4.58 41.56 11.75
N TYR D 150 5.80 41.30 12.21
CA TYR D 150 6.71 42.35 12.64
C TYR D 150 7.78 42.50 11.57
N GLY D 151 7.82 43.67 10.94
CA GLY D 151 8.82 43.95 9.93
C GLY D 151 10.12 44.42 10.52
N GLY D 152 11.03 44.78 9.61
CA GLY D 152 12.38 45.14 10.01
C GLY D 152 12.45 46.40 10.87
N TRP D 153 11.47 47.29 10.73
CA TRP D 153 11.44 48.48 11.58
C TRP D 153 11.04 48.18 13.02
N SER D 154 10.39 47.05 13.27
CA SER D 154 9.92 46.72 14.62
C SER D 154 10.67 45.57 15.27
N LEU D 155 11.13 44.59 14.50
CA LEU D 155 11.75 43.40 15.08
C LEU D 155 13.01 43.08 14.27
N ASP D 156 14.16 43.37 14.86
CA ASP D 156 15.44 43.22 14.17
C ASP D 156 15.96 41.80 14.39
N LEU D 157 15.55 40.89 13.52
CA LEU D 157 15.97 39.51 13.67
C LEU D 157 17.47 39.38 13.45
N GLN D 158 18.12 38.63 14.32
CA GLN D 158 19.55 38.35 14.20
C GLN D 158 19.79 36.87 14.38
N MET D 159 20.80 36.38 13.71
CA MET D 159 21.08 34.96 13.64
C MET D 159 22.24 34.58 14.55
N GLN D 160 22.20 33.35 15.04
CA GLN D 160 23.30 32.74 15.76
C GLN D 160 23.49 31.33 15.20
N GLU D 161 24.73 30.86 15.25
CA GLU D 161 25.07 29.58 14.64
C GLU D 161 24.21 28.46 15.20
N ALA D 162 23.71 27.60 14.32
CA ALA D 162 22.89 26.48 14.73
C ALA D 162 23.70 25.53 15.62
N ASP D 163 23.00 24.90 16.55
CA ASP D 163 23.58 23.94 17.49
C ASP D 163 23.37 22.52 16.98
N ILE D 164 24.41 21.72 17.01
CA ILE D 164 24.33 20.33 16.56
C ILE D 164 24.97 19.41 17.59
N SER D 165 25.24 19.94 18.79
CA SER D 165 25.89 19.15 19.83
C SER D 165 25.03 17.95 20.23
N GLY D 166 23.72 18.15 20.30
CA GLY D 166 22.78 17.09 20.62
C GLY D 166 22.31 16.25 19.47
N TYR D 167 22.84 16.46 18.26
CA TYR D 167 22.34 15.74 17.09
C TYR D 167 22.51 14.24 17.27
N ILE D 168 21.55 13.48 16.76
CA ILE D 168 21.58 12.02 16.76
C ILE D 168 21.68 11.56 15.30
N PRO D 169 22.78 10.93 14.90
CA PRO D 169 22.97 10.62 13.48
C PRO D 169 21.86 9.75 12.92
N ASN D 170 21.46 10.06 11.69
CA ASN D 170 20.47 9.28 10.97
C ASN D 170 21.15 8.09 10.30
N GLY D 171 20.43 6.98 10.20
CA GLY D 171 20.97 5.81 9.57
C GLY D 171 20.94 5.83 8.06
N GLU D 172 20.44 6.91 7.46
CA GLU D 172 20.34 7.03 6.02
C GLU D 172 20.88 8.34 5.47
N TRP D 173 21.14 9.33 6.33
CA TRP D 173 21.48 10.67 5.88
C TRP D 173 22.58 11.21 6.77
N ASP D 174 23.72 11.53 6.18
CA ASP D 174 24.86 12.10 6.89
C ASP D 174 24.73 13.61 6.91
N LEU D 175 24.72 14.20 8.11
CA LEU D 175 24.58 15.64 8.26
C LEU D 175 25.90 16.31 7.90
N VAL D 176 25.97 16.91 6.71
CA VAL D 176 27.16 17.65 6.32
C VAL D 176 27.30 18.90 7.18
N GLY D 177 26.21 19.63 7.36
CA GLY D 177 26.25 20.87 8.10
C GLY D 177 24.95 21.64 7.99
N ILE D 178 24.75 22.63 8.86
CA ILE D 178 23.55 23.45 8.85
C ILE D 178 23.91 24.93 8.90
N PRO D 179 24.53 25.48 7.86
CA PRO D 179 24.80 26.92 7.85
C PRO D 179 23.54 27.77 7.79
N GLY D 180 23.66 28.98 8.30
CA GLY D 180 22.56 29.94 8.28
C GLY D 180 22.92 31.25 7.62
N LYS D 181 21.92 32.03 7.21
CA LYS D 181 22.16 33.32 6.57
C LYS D 181 20.94 34.19 6.80
N ARG D 182 21.16 35.32 7.47
CA ARG D 182 20.11 36.31 7.67
C ARG D 182 19.95 37.20 6.44
N SER D 183 18.73 37.33 5.95
CA SER D 183 18.39 38.14 4.78
C SER D 183 17.31 39.17 5.12
N GLU D 184 17.31 40.27 4.37
CA GLU D 184 16.34 41.36 4.49
C GLU D 184 15.58 41.44 3.17
N ARG D 185 14.35 40.94 3.13
CA ARG D 185 13.57 40.84 1.90
C ARG D 185 12.39 41.80 1.88
N PHE D 186 11.94 42.11 0.65
CA PHE D 186 10.72 42.87 0.41
C PHE D 186 9.64 41.96 -0.17
N TYR D 187 8.39 42.28 0.14
CA TYR D 187 7.24 41.51 -0.34
C TYR D 187 6.21 42.45 -0.92
N GLU D 188 5.48 41.97 -1.93
CA GLU D 188 4.47 42.80 -2.57
C GLU D 188 3.41 43.26 -1.58
N CYS D 189 3.18 42.50 -0.52
CA CYS D 189 2.23 42.90 0.52
C CYS D 189 2.56 44.28 1.06
N CYS D 190 3.84 44.54 1.32
CA CYS D 190 4.23 45.57 2.27
C CYS D 190 5.43 46.34 1.75
N LYS D 191 5.44 47.65 2.00
CA LYS D 191 6.61 48.45 1.65
C LYS D 191 7.77 48.24 2.61
N GLU D 192 7.49 47.83 3.83
CA GLU D 192 8.53 47.56 4.81
C GLU D 192 9.20 46.21 4.52
N PRO D 193 10.51 46.09 4.73
CA PRO D 193 11.16 44.80 4.52
C PRO D 193 11.04 43.88 5.73
N TYR D 194 11.03 42.59 5.46
CA TYR D 194 10.85 41.60 6.51
C TYR D 194 12.07 40.70 6.58
N PRO D 195 12.93 40.85 7.59
CA PRO D 195 14.12 40.00 7.66
C PRO D 195 13.75 38.57 7.95
N ASP D 196 14.64 37.67 7.58
CA ASP D 196 14.45 36.26 7.87
C ASP D 196 15.80 35.60 8.07
N VAL D 197 15.77 34.46 8.73
CA VAL D 197 16.94 33.63 8.96
C VAL D 197 16.65 32.29 8.32
N THR D 198 17.56 31.83 7.46
CA THR D 198 17.38 30.59 6.73
C THR D 198 18.52 29.66 7.08
N PHE D 199 18.18 28.48 7.58
CA PHE D 199 19.14 27.43 7.88
C PHE D 199 19.06 26.38 6.79
N THR D 200 20.17 26.16 6.10
CA THR D 200 20.24 25.17 5.03
C THR D 200 20.84 23.89 5.60
N VAL D 201 20.05 22.84 5.67
CA VAL D 201 20.50 21.55 6.19
C VAL D 201 21.04 20.75 5.01
N THR D 202 22.35 20.51 5.00
CA THR D 202 22.99 19.77 3.93
C THR D 202 23.16 18.32 4.37
N MET D 203 22.55 17.40 3.62
CA MET D 203 22.53 15.98 3.95
C MET D 203 23.19 15.18 2.84
N ARG D 204 23.87 14.10 3.22
CA ARG D 204 24.55 13.21 2.28
C ARG D 204 24.05 11.79 2.51
N ARG D 205 23.38 11.24 1.50
CA ARG D 205 22.77 9.92 1.62
C ARG D 205 23.80 8.82 1.76
N ARG D 206 23.60 7.92 2.72
CA ARG D 206 24.42 6.72 2.89
C ARG D 206 23.88 5.64 1.97
N THR D 207 24.60 5.30 0.91
CA THR D 207 24.10 4.58 -0.26
C THR D 207 24.12 3.06 -0.13
N LEU D 208 24.65 2.52 0.99
CA LEU D 208 24.85 1.08 1.08
C LEU D 208 23.60 0.29 0.71
N TYR D 209 22.53 0.47 1.50
CA TYR D 209 21.30 -0.30 1.26
C TYR D 209 20.87 -0.25 -0.19
N TYR D 210 21.00 0.91 -0.83
CA TYR D 210 20.52 1.05 -2.19
C TYR D 210 21.44 0.33 -3.15
N GLY D 211 22.75 0.44 -2.95
CA GLY D 211 23.67 -0.28 -3.79
C GLY D 211 23.55 -1.78 -3.65
N LEU D 212 22.99 -2.24 -2.52
CA LEU D 212 22.84 -3.67 -2.28
C LEU D 212 21.51 -4.22 -2.77
N ASN D 213 20.46 -3.38 -2.78
CA ASN D 213 19.14 -3.80 -3.19
C ASN D 213 18.81 -3.50 -4.65
N LEU D 214 19.48 -2.52 -5.26
CA LEU D 214 19.12 -2.06 -6.60
C LEU D 214 20.16 -2.36 -7.66
N LEU D 215 21.44 -2.42 -7.32
CA LEU D 215 22.45 -2.56 -8.35
C LEU D 215 22.83 -4.02 -8.63
N ILE D 216 22.99 -4.87 -7.60
CA ILE D 216 23.41 -6.25 -7.84
C ILE D 216 22.35 -6.98 -8.64
N PRO D 217 21.06 -6.84 -8.35
CA PRO D 217 20.04 -7.48 -9.18
C PRO D 217 20.17 -7.15 -10.66
N CYS D 218 20.65 -5.96 -11.01
CA CYS D 218 20.82 -5.66 -12.43
C CYS D 218 22.02 -6.39 -13.01
N VAL D 219 23.05 -6.64 -12.21
CA VAL D 219 24.19 -7.39 -12.71
C VAL D 219 23.82 -8.85 -12.87
N LEU D 220 22.98 -9.36 -11.96
CA LEU D 220 22.57 -10.76 -12.06
C LEU D 220 21.60 -10.97 -13.20
N ILE D 221 20.73 -10.01 -13.44
CA ILE D 221 19.84 -10.08 -14.60
C ILE D 221 20.64 -10.01 -15.90
N SER D 222 21.55 -9.05 -16.00
CA SER D 222 22.34 -8.94 -17.23
C SER D 222 23.17 -10.21 -17.46
N ALA D 223 23.73 -10.78 -16.39
CA ALA D 223 24.53 -11.99 -16.54
C ALA D 223 23.66 -13.17 -16.99
N LEU D 224 22.47 -13.31 -16.40
CA LEU D 224 21.62 -14.41 -16.79
C LEU D 224 21.06 -14.23 -18.19
N ALA D 225 20.94 -12.98 -18.65
CA ALA D 225 20.55 -12.74 -20.03
C ALA D 225 21.68 -13.03 -20.99
N LEU D 226 22.92 -12.83 -20.57
CA LEU D 226 24.04 -13.15 -21.43
C LEU D 226 24.41 -14.63 -21.40
N LEU D 227 23.81 -15.45 -20.56
CA LEU D 227 24.08 -16.91 -20.59
C LEU D 227 23.27 -17.53 -21.72
N VAL D 228 22.32 -16.81 -22.32
CA VAL D 228 21.61 -17.40 -23.45
C VAL D 228 22.56 -17.63 -24.61
N PHE D 229 23.60 -16.81 -24.73
CA PHE D 229 24.54 -16.96 -25.83
C PHE D 229 25.46 -18.15 -25.66
N LEU D 230 25.51 -18.75 -24.47
CA LEU D 230 26.26 -19.97 -24.24
C LEU D 230 25.39 -21.21 -24.28
N LEU D 231 24.09 -21.06 -24.12
CA LEU D 231 23.16 -22.18 -24.20
C LEU D 231 23.11 -22.72 -25.62
N PRO D 232 23.30 -24.02 -25.83
CA PRO D 232 23.16 -24.56 -27.19
C PRO D 232 21.75 -24.39 -27.73
N ALA D 233 21.65 -24.33 -29.06
CA ALA D 233 20.34 -24.24 -29.70
C ALA D 233 19.59 -25.56 -29.65
N ASP D 234 20.31 -26.68 -29.65
CA ASP D 234 19.67 -27.99 -29.61
C ASP D 234 18.82 -28.15 -28.34
N SER D 235 19.21 -27.49 -27.25
CA SER D 235 18.45 -27.59 -26.02
C SER D 235 16.98 -27.27 -26.23
N GLY D 236 16.69 -26.30 -27.09
CA GLY D 236 15.34 -25.82 -27.28
C GLY D 236 14.85 -24.99 -26.12
N GLU D 237 15.74 -24.19 -25.53
CA GLU D 237 15.41 -23.44 -24.33
C GLU D 237 15.96 -22.02 -24.35
N LYS D 238 16.64 -21.58 -25.41
CA LYS D 238 17.18 -20.22 -25.44
C LYS D 238 16.09 -19.19 -25.22
N ILE D 239 14.96 -19.33 -25.93
CA ILE D 239 13.87 -18.37 -25.78
C ILE D 239 13.30 -18.45 -24.38
N SER D 240 13.15 -19.66 -23.84
CA SER D 240 12.63 -19.77 -22.48
C SER D 240 13.53 -19.01 -21.51
N LEU D 241 14.84 -19.21 -21.61
CA LEU D 241 15.76 -18.52 -20.71
C LEU D 241 15.66 -17.00 -20.88
N GLY D 242 15.77 -16.51 -22.12
CA GLY D 242 15.80 -15.07 -22.32
C GLY D 242 14.50 -14.40 -21.93
N ILE D 243 13.38 -14.96 -22.37
CA ILE D 243 12.08 -14.35 -22.08
C ILE D 243 11.76 -14.43 -20.59
N THR D 244 12.17 -15.53 -19.91
CA THR D 244 11.94 -15.59 -18.48
C THR D 244 12.85 -14.63 -17.72
N VAL D 245 14.07 -14.41 -18.21
CA VAL D 245 14.93 -13.39 -17.61
C VAL D 245 14.29 -12.01 -17.77
N LEU D 246 13.63 -11.77 -18.88
CA LEU D 246 12.94 -10.49 -19.07
C LEU D 246 11.72 -10.38 -18.15
N LEU D 247 11.01 -11.48 -17.95
CA LEU D 247 9.89 -11.47 -17.01
C LEU D 247 10.38 -11.17 -15.59
N SER D 248 11.50 -11.79 -15.20
CA SER D 248 12.11 -11.49 -13.92
C SER D 248 12.53 -10.03 -13.85
N LEU D 249 13.05 -9.49 -14.96
CA LEU D 249 13.35 -8.07 -15.03
C LEU D 249 12.12 -7.22 -14.76
N THR D 250 10.98 -7.57 -15.36
CA THR D 250 9.75 -6.82 -15.12
C THR D 250 9.35 -6.85 -13.64
N VAL D 251 9.49 -8.01 -12.99
CA VAL D 251 9.21 -8.08 -11.56
C VAL D 251 10.16 -7.18 -10.79
N PHE D 252 11.44 -7.23 -11.16
CA PHE D 252 12.42 -6.34 -10.54
C PHE D 252 12.11 -4.88 -10.84
N MET D 253 11.46 -4.59 -11.98
CA MET D 253 11.02 -3.22 -12.23
C MET D 253 9.92 -2.81 -11.26
N LEU D 254 9.09 -3.76 -10.84
CA LEU D 254 8.12 -3.44 -9.79
C LEU D 254 8.85 -3.07 -8.50
N LEU D 255 9.86 -3.88 -8.18
CA LEU D 255 10.62 -3.63 -6.96
C LEU D 255 11.28 -2.25 -7.05
N VAL D 256 11.95 -1.97 -8.17
CA VAL D 256 12.64 -0.70 -8.33
C VAL D 256 11.61 0.44 -8.29
N ALA D 257 10.42 0.20 -8.85
CA ALA D 257 9.36 1.20 -8.84
C ALA D 257 8.98 1.56 -7.42
N GLU D 258 9.32 0.71 -6.46
CA GLU D 258 9.01 1.00 -5.06
C GLU D 258 10.23 1.53 -4.31
N ILE D 259 11.36 0.82 -4.39
CA ILE D 259 12.56 1.21 -3.63
C ILE D 259 13.06 2.58 -4.09
N MET D 260 13.16 2.78 -5.39
CA MET D 260 13.74 4.02 -5.91
C MET D 260 12.84 5.22 -5.71
N PRO D 261 13.35 6.34 -5.20
CA PRO D 261 12.55 7.57 -5.06
C PRO D 261 12.50 8.33 -6.39
N ALA D 262 11.28 8.59 -6.85
CA ALA D 262 11.08 9.36 -8.08
C ALA D 262 10.32 10.63 -7.75
N THR D 263 10.85 11.78 -8.20
CA THR D 263 10.20 13.07 -8.01
C THR D 263 9.86 13.77 -9.32
N SER D 264 10.14 13.15 -10.47
CA SER D 264 9.74 13.63 -11.79
C SER D 264 10.44 14.92 -12.20
N ASP D 265 11.40 15.41 -11.41
CA ASP D 265 12.06 16.67 -11.73
C ASP D 265 13.16 16.50 -12.76
N SER D 266 13.88 15.38 -12.70
CA SER D 266 15.05 15.14 -13.53
C SER D 266 15.02 13.71 -14.04
N VAL D 267 16.18 13.14 -14.32
CA VAL D 267 16.28 11.76 -14.77
C VAL D 267 17.47 11.13 -14.06
N PRO D 268 17.26 10.49 -12.90
CA PRO D 268 18.37 9.91 -12.15
C PRO D 268 19.36 9.16 -13.03
N LEU D 269 20.62 9.59 -13.00
CA LEU D 269 21.65 8.91 -13.78
C LEU D 269 21.58 7.40 -13.57
N ILE D 270 21.37 6.98 -12.32
CA ILE D 270 21.25 5.56 -12.01
C ILE D 270 20.28 4.86 -12.97
N ALA D 271 19.21 5.55 -13.35
CA ALA D 271 18.21 4.91 -14.20
C ALA D 271 18.71 4.66 -15.62
N GLN D 272 19.84 5.25 -15.99
CA GLN D 272 20.44 4.93 -17.27
C GLN D 272 21.06 3.53 -17.24
N TYR D 273 21.30 3.01 -16.04
CA TYR D 273 21.73 1.62 -15.90
C TYR D 273 20.55 0.67 -16.00
N PHE D 274 19.41 1.04 -15.42
CA PHE D 274 18.22 0.23 -15.58
C PHE D 274 17.84 0.14 -17.05
N ALA D 275 18.00 1.25 -17.77
CA ALA D 275 17.70 1.25 -19.20
C ALA D 275 18.72 0.42 -19.96
N SER D 276 20.01 0.57 -19.65
CA SER D 276 21.01 -0.25 -20.31
C SER D 276 20.73 -1.74 -20.13
N THR D 277 20.29 -2.13 -18.94
CA THR D 277 20.07 -3.56 -18.71
C THR D 277 18.80 -4.06 -19.39
N MET D 278 17.73 -3.25 -19.40
CA MET D 278 16.54 -3.67 -20.12
C MET D 278 16.82 -3.78 -21.62
N ILE D 279 17.70 -2.92 -22.13
CA ILE D 279 17.98 -2.95 -23.57
C ILE D 279 18.89 -4.12 -23.90
N ILE D 280 19.87 -4.43 -23.05
CA ILE D 280 20.69 -5.60 -23.27
C ILE D 280 19.84 -6.87 -23.24
N VAL D 281 18.85 -6.94 -22.35
CA VAL D 281 18.03 -8.15 -22.27
C VAL D 281 17.14 -8.26 -23.52
N GLY D 282 16.51 -7.17 -23.93
CA GLY D 282 15.66 -7.23 -25.11
C GLY D 282 16.44 -7.50 -26.37
N LEU D 283 17.67 -6.98 -26.46
CA LEU D 283 18.48 -7.20 -27.64
C LEU D 283 19.13 -8.58 -27.65
N SER D 284 19.33 -9.19 -26.47
CA SER D 284 19.75 -10.58 -26.48
C SER D 284 18.60 -11.49 -26.87
N VAL D 285 17.36 -11.06 -26.62
CA VAL D 285 16.23 -11.85 -27.11
C VAL D 285 16.10 -11.70 -28.62
N VAL D 286 16.35 -10.50 -29.14
CA VAL D 286 16.29 -10.29 -30.59
C VAL D 286 17.41 -11.06 -31.28
N VAL D 287 18.59 -11.11 -30.66
CA VAL D 287 19.72 -11.78 -31.28
C VAL D 287 19.58 -13.29 -31.11
N THR D 288 18.87 -13.74 -30.07
CA THR D 288 18.58 -15.16 -29.98
C THR D 288 17.59 -15.58 -31.05
N VAL D 289 16.67 -14.68 -31.41
CA VAL D 289 15.78 -14.98 -32.52
C VAL D 289 16.55 -15.06 -33.83
N ILE D 290 17.54 -14.19 -33.99
CA ILE D 290 18.36 -14.25 -35.22
C ILE D 290 19.18 -15.53 -35.26
N VAL D 291 19.80 -15.89 -34.13
CA VAL D 291 20.56 -17.13 -34.06
C VAL D 291 19.67 -18.33 -34.33
N LEU D 292 18.43 -18.31 -33.84
CA LEU D 292 17.52 -19.41 -34.07
C LEU D 292 17.14 -19.50 -35.54
N GLN D 293 16.93 -18.35 -36.20
CA GLN D 293 16.72 -18.39 -37.65
C GLN D 293 17.91 -19.03 -38.35
N TYR D 294 19.12 -18.68 -37.94
CA TYR D 294 20.30 -19.31 -38.56
C TYR D 294 20.32 -20.82 -38.32
N HIS D 295 20.10 -21.23 -37.07
CA HIS D 295 20.23 -22.64 -36.71
C HIS D 295 19.15 -23.49 -37.38
N HIS D 296 17.92 -23.00 -37.38
CA HIS D 296 16.78 -23.72 -37.93
C HIS D 296 16.57 -23.45 -39.40
N HIS D 297 17.58 -22.95 -40.11
CA HIS D 297 17.40 -22.63 -41.51
C HIS D 297 17.05 -23.88 -42.31
N ASP D 298 16.25 -23.68 -43.35
CA ASP D 298 15.78 -24.80 -44.16
C ASP D 298 16.85 -25.18 -45.19
N PRO D 299 17.35 -26.41 -45.20
CA PRO D 299 18.42 -26.76 -46.15
C PRO D 299 17.99 -26.64 -47.60
N ASP D 300 16.69 -26.72 -47.89
CA ASP D 300 16.19 -26.64 -49.26
C ASP D 300 15.75 -25.25 -49.62
N GLY D 301 15.94 -24.27 -48.74
CA GLY D 301 15.60 -22.90 -49.02
C GLY D 301 16.76 -22.18 -49.71
N GLY D 302 16.96 -20.92 -49.36
CA GLY D 302 18.04 -20.16 -49.98
C GLY D 302 19.41 -20.75 -49.69
N LYS D 303 20.44 -20.15 -50.27
CA LYS D 303 21.81 -20.54 -50.05
C LYS D 303 22.52 -19.49 -49.21
N MET D 304 23.47 -19.93 -48.41
CA MET D 304 24.15 -19.02 -47.51
C MET D 304 24.95 -18.01 -48.33
N PRO D 305 24.65 -16.71 -48.24
CA PRO D 305 25.39 -15.73 -49.04
C PRO D 305 26.90 -15.89 -48.89
N LYS D 306 27.59 -15.97 -50.03
CA LYS D 306 29.04 -15.96 -50.00
C LYS D 306 29.55 -14.86 -49.08
N TRP D 307 28.85 -13.74 -49.10
CA TRP D 307 29.16 -12.62 -48.24
C TRP D 307 29.27 -13.02 -46.79
N THR D 308 28.27 -13.73 -46.30
CA THR D 308 28.28 -14.20 -44.93
C THR D 308 29.12 -15.47 -44.79
N ARG D 309 29.20 -16.29 -45.84
CA ARG D 309 30.05 -17.47 -45.79
C ARG D 309 31.51 -17.12 -45.57
N VAL D 310 31.90 -15.87 -45.84
CA VAL D 310 33.26 -15.42 -45.60
C VAL D 310 33.33 -14.51 -44.37
N ILE D 311 32.31 -13.70 -44.13
CA ILE D 311 32.32 -12.83 -42.97
C ILE D 311 32.28 -13.63 -41.68
N LEU D 312 31.56 -14.76 -41.66
CA LEU D 312 31.37 -15.52 -40.43
C LEU D 312 32.14 -16.83 -40.44
N LEU D 313 31.89 -17.70 -41.42
CA LEU D 313 32.50 -19.02 -41.41
C LEU D 313 34.01 -18.96 -41.58
N ASN D 314 34.55 -17.84 -42.07
CA ASN D 314 35.98 -17.71 -42.29
C ASN D 314 36.62 -16.68 -41.36
N TRP D 315 36.17 -15.43 -41.41
CA TRP D 315 36.86 -14.36 -40.68
C TRP D 315 36.58 -14.43 -39.18
N CYS D 316 35.32 -14.18 -38.80
CA CYS D 316 34.95 -14.30 -37.40
C CYS D 316 35.26 -15.70 -36.87
N ALA D 317 34.96 -16.73 -37.65
CA ALA D 317 35.24 -18.10 -37.23
C ALA D 317 36.72 -18.28 -36.89
N TRP D 318 37.61 -17.71 -37.71
CA TRP D 318 39.04 -17.85 -37.43
C TRP D 318 39.48 -16.99 -36.26
N PHE D 319 38.90 -15.78 -36.15
CA PHE D 319 39.28 -14.90 -35.04
C PHE D 319 38.95 -15.52 -33.69
N LEU D 320 37.86 -16.26 -33.62
CA LEU D 320 37.46 -16.91 -32.37
C LEU D 320 38.08 -18.30 -32.20
N ARG D 321 39.03 -18.67 -33.06
CA ARG D 321 39.66 -19.99 -33.01
C ARG D 321 38.59 -21.08 -32.90
N MET D 322 37.70 -21.09 -33.90
CA MET D 322 36.60 -22.05 -33.97
C MET D 322 36.69 -22.83 -35.28
N LYS D 323 36.40 -24.12 -35.19
CA LYS D 323 36.46 -24.99 -36.37
C LYS D 323 35.12 -25.72 -36.55
N PRO D 479 18.00 -60.07 -65.66
CA PRO D 479 16.97 -59.03 -65.57
C PRO D 479 16.58 -58.72 -64.13
N ASP D 480 16.09 -59.74 -63.41
CA ASP D 480 15.70 -59.54 -62.02
C ASP D 480 16.84 -58.95 -61.20
N LEU D 481 18.08 -59.38 -61.49
CA LEU D 481 19.22 -58.85 -60.75
C LEU D 481 19.38 -57.36 -60.99
N ALA D 482 19.20 -56.91 -62.23
CA ALA D 482 19.30 -55.48 -62.53
C ALA D 482 18.16 -54.71 -61.87
N LYS D 483 16.94 -55.27 -61.90
CA LYS D 483 15.82 -54.63 -61.21
C LYS D 483 16.14 -54.42 -59.74
N ILE D 484 16.87 -55.36 -59.14
CA ILE D 484 17.25 -55.21 -57.73
C ILE D 484 18.28 -54.10 -57.59
N LEU D 485 19.17 -53.94 -58.57
CA LEU D 485 20.19 -52.90 -58.50
C LEU D 485 19.56 -51.53 -58.45
N GLU D 486 18.58 -51.28 -59.33
CA GLU D 486 17.92 -49.98 -59.33
C GLU D 486 17.28 -49.67 -57.99
N GLU D 487 16.64 -50.68 -57.38
CA GLU D 487 15.99 -50.46 -56.09
C GLU D 487 17.02 -50.03 -55.03
N VAL D 488 18.17 -50.69 -54.99
CA VAL D 488 19.16 -50.39 -53.96
C VAL D 488 19.82 -49.05 -54.25
N ARG D 489 20.06 -48.75 -55.53
CA ARG D 489 20.67 -47.49 -55.90
C ARG D 489 19.80 -46.33 -55.44
N TYR D 490 18.49 -46.43 -55.63
CA TYR D 490 17.60 -45.39 -55.14
C TYR D 490 17.85 -45.16 -53.66
N ILE D 491 17.83 -46.23 -52.87
CA ILE D 491 18.00 -46.10 -51.43
C ILE D 491 19.34 -45.44 -51.14
N ALA D 492 20.40 -45.92 -51.79
CA ALA D 492 21.73 -45.36 -51.55
C ALA D 492 21.76 -43.89 -51.88
N ASN D 493 21.15 -43.50 -53.01
CA ASN D 493 21.19 -42.10 -53.42
C ASN D 493 20.33 -41.26 -52.49
N ARG D 494 19.20 -41.81 -52.04
CA ARG D 494 18.38 -41.10 -51.08
C ARG D 494 19.22 -40.78 -49.85
N PHE D 495 20.01 -41.75 -49.40
CA PHE D 495 20.88 -41.55 -48.25
C PHE D 495 21.89 -40.47 -48.57
N ARG D 496 22.54 -40.58 -49.73
CA ARG D 496 23.59 -39.63 -50.11
C ARG D 496 23.04 -38.22 -50.31
N CYS D 497 21.73 -38.09 -50.51
CA CYS D 497 21.14 -36.77 -50.72
C CYS D 497 20.75 -36.14 -49.40
N GLN D 498 20.25 -36.92 -48.45
CA GLN D 498 19.95 -36.36 -47.13
C GLN D 498 21.25 -35.98 -46.45
N ASP D 499 22.31 -36.75 -46.68
CA ASP D 499 23.62 -36.44 -46.11
C ASP D 499 24.10 -35.08 -46.60
N GLU D 500 23.99 -34.83 -47.90
CA GLU D 500 24.37 -33.53 -48.44
C GLU D 500 23.56 -32.43 -47.76
N SER D 501 22.25 -32.63 -47.61
CA SER D 501 21.40 -31.65 -46.97
C SER D 501 21.76 -31.47 -45.51
N GLU D 502 22.23 -32.54 -44.86
CA GLU D 502 22.68 -32.45 -43.48
C GLU D 502 23.96 -31.62 -43.36
N ALA D 503 24.86 -31.74 -44.34
CA ALA D 503 26.06 -30.91 -44.34
C ALA D 503 25.71 -29.44 -44.52
N VAL D 504 24.87 -29.12 -45.51
CA VAL D 504 24.42 -27.74 -45.66
C VAL D 504 23.83 -27.24 -44.34
N CYS D 505 23.03 -28.08 -43.69
CA CYS D 505 22.46 -27.70 -42.40
C CYS D 505 23.54 -27.45 -41.35
N SER D 506 24.64 -28.20 -41.42
CA SER D 506 25.70 -28.07 -40.42
C SER D 506 26.42 -26.74 -40.53
N GLU D 507 26.50 -26.16 -41.72
CA GLU D 507 27.09 -24.83 -41.85
C GLU D 507 26.19 -23.77 -41.25
N TRP D 508 24.88 -23.87 -41.51
CA TRP D 508 23.94 -22.95 -40.87
C TRP D 508 23.96 -23.12 -39.36
N LYS D 509 24.07 -24.37 -38.90
CA LYS D 509 24.18 -24.61 -37.46
C LYS D 509 25.51 -24.07 -36.94
N PHE D 510 26.57 -24.17 -37.75
CA PHE D 510 27.86 -23.62 -37.38
C PHE D 510 27.82 -22.10 -37.35
N ALA D 511 27.26 -21.49 -38.39
CA ALA D 511 27.16 -20.03 -38.42
C ALA D 511 26.42 -19.50 -37.20
N ALA D 512 25.37 -20.21 -36.77
CA ALA D 512 24.64 -19.78 -35.58
C ALA D 512 25.56 -19.76 -34.37
N CYS D 513 26.44 -20.75 -34.24
CA CYS D 513 27.40 -20.75 -33.14
C CYS D 513 28.33 -19.55 -33.22
N VAL D 514 28.83 -19.22 -34.43
CA VAL D 514 29.75 -18.11 -34.57
C VAL D 514 29.05 -16.80 -34.25
N VAL D 515 27.87 -16.58 -34.82
CA VAL D 515 27.10 -15.39 -34.48
C VAL D 515 26.81 -15.37 -32.99
N ASP D 516 26.57 -16.54 -32.43
CA ASP D 516 26.20 -16.63 -31.02
C ASP D 516 27.34 -16.12 -30.13
N ARG D 517 28.59 -16.52 -30.43
CA ARG D 517 29.72 -16.07 -29.63
C ARG D 517 30.11 -14.63 -29.93
N LEU D 518 30.06 -14.22 -31.19
CA LEU D 518 30.31 -12.80 -31.47
C LEU D 518 29.40 -11.92 -30.63
N CYS D 519 28.12 -12.26 -30.59
CA CYS D 519 27.19 -11.51 -29.75
C CYS D 519 27.59 -11.60 -28.28
N LEU D 520 28.10 -12.74 -27.86
CA LEU D 520 28.57 -12.88 -26.49
C LEU D 520 29.63 -11.83 -26.19
N MET D 521 30.65 -11.71 -27.04
CA MET D 521 31.71 -10.76 -26.79
C MET D 521 31.24 -9.33 -27.01
N ALA D 522 30.52 -9.07 -28.10
CA ALA D 522 29.99 -7.74 -28.35
C ALA D 522 29.14 -7.25 -27.18
N PHE D 523 28.18 -8.07 -26.76
CA PHE D 523 27.35 -7.69 -25.62
C PHE D 523 28.18 -7.48 -24.36
N SER D 524 29.28 -8.24 -24.21
CA SER D 524 30.11 -8.08 -23.02
C SER D 524 30.73 -6.69 -22.97
N VAL D 525 31.41 -6.27 -24.04
CA VAL D 525 32.08 -4.96 -24.04
C VAL D 525 31.06 -3.85 -23.85
N PHE D 526 29.88 -3.99 -24.45
CA PHE D 526 28.85 -2.97 -24.33
C PHE D 526 28.48 -2.76 -22.87
N THR D 527 28.27 -3.85 -22.14
CA THR D 527 27.98 -3.74 -20.71
C THR D 527 29.06 -2.95 -19.99
N ILE D 528 30.32 -3.25 -20.27
CA ILE D 528 31.44 -2.60 -19.58
C ILE D 528 31.32 -1.08 -19.70
N ILE D 529 31.27 -0.58 -20.94
CA ILE D 529 31.28 0.87 -21.15
C ILE D 529 30.07 1.52 -20.48
N CYS D 530 28.89 0.93 -20.64
CA CYS D 530 27.68 1.47 -20.04
C CYS D 530 27.79 1.45 -18.53
N GLU E 1 5.88 52.89 26.22
CA GLU E 1 5.08 53.94 26.92
C GLU E 1 3.89 54.37 26.08
N PHE E 2 4.15 54.70 24.82
CA PHE E 2 3.08 55.11 23.92
C PHE E 2 2.40 53.91 23.28
N GLN E 3 3.16 52.86 23.00
CA GLN E 3 2.56 51.62 22.53
C GLN E 3 1.57 51.07 23.56
N ARG E 4 1.95 51.09 24.84
CA ARG E 4 1.06 50.63 25.90
C ARG E 4 -0.20 51.49 25.96
N LYS E 5 -0.04 52.81 25.94
CA LYS E 5 -1.17 53.72 26.01
C LYS E 5 -2.12 53.53 24.84
N LEU E 6 -1.57 53.38 23.63
CA LEU E 6 -2.40 53.16 22.46
C LEU E 6 -3.15 51.84 22.57
N TYR E 7 -2.45 50.76 22.93
CA TYR E 7 -3.14 49.48 23.07
C TYR E 7 -4.26 49.54 24.10
N LYS E 8 -4.09 50.35 25.16
CA LYS E 8 -5.16 50.45 26.15
C LYS E 8 -6.32 51.28 25.62
N GLU E 9 -6.02 52.32 24.85
CA GLU E 9 -7.08 53.20 24.35
C GLU E 9 -7.88 52.53 23.23
N LEU E 10 -7.23 51.74 22.39
CA LEU E 10 -7.89 51.20 21.21
C LEU E 10 -8.98 50.21 21.58
N VAL E 11 -8.78 49.42 22.64
CA VAL E 11 -9.76 48.37 22.96
C VAL E 11 -10.89 48.87 23.83
N LYS E 12 -10.81 50.11 24.32
CA LYS E 12 -11.87 50.68 25.15
C LYS E 12 -13.18 50.72 24.37
N ASN E 13 -14.13 49.87 24.75
CA ASN E 13 -15.45 49.73 24.12
C ASN E 13 -15.41 49.01 22.78
N TYR E 14 -14.26 48.50 22.35
CA TYR E 14 -14.23 47.77 21.09
C TYR E 14 -15.03 46.48 21.23
N ASN E 15 -15.68 46.08 20.15
CA ASN E 15 -16.53 44.89 20.10
C ASN E 15 -16.16 44.11 18.85
N PRO E 16 -15.47 42.97 18.97
CA PRO E 16 -15.17 42.15 17.78
C PRO E 16 -16.41 41.66 17.03
N LEU E 17 -17.60 41.83 17.58
CA LEU E 17 -18.81 41.45 16.85
C LEU E 17 -19.22 42.50 15.84
N GLU E 18 -18.88 43.76 16.08
CA GLU E 18 -19.31 44.88 15.25
C GLU E 18 -18.54 44.93 13.93
N ARG E 19 -19.24 44.85 12.82
CA ARG E 19 -18.64 45.16 11.53
C ARG E 19 -18.18 46.61 11.58
N PRO E 20 -16.89 46.91 11.44
CA PRO E 20 -16.35 48.24 11.81
C PRO E 20 -16.52 49.32 10.75
N VAL E 21 -17.77 49.66 10.44
CA VAL E 21 -18.09 50.72 9.51
C VAL E 21 -18.60 51.92 10.30
N ALA E 22 -18.45 53.11 9.72
CA ALA E 22 -18.95 54.31 10.36
C ALA E 22 -20.47 54.42 10.19
N ASN E 23 -20.94 54.20 8.97
CA ASN E 23 -22.36 54.19 8.66
C ASN E 23 -22.84 52.75 8.55
N ASP E 24 -23.87 52.40 9.32
CA ASP E 24 -24.30 51.01 9.39
C ASP E 24 -25.00 50.56 8.11
N SER E 25 -25.70 51.47 7.43
CA SER E 25 -26.40 51.12 6.21
C SER E 25 -25.45 50.81 5.06
N GLN E 26 -24.23 51.19 5.16
CA GLN E 26 -23.30 51.00 4.05
C GLN E 26 -22.58 49.67 4.18
N PRO E 27 -22.17 49.07 3.06
CA PRO E 27 -21.34 47.87 3.14
C PRO E 27 -19.89 48.24 3.43
N LEU E 28 -19.18 47.26 3.97
CA LEU E 28 -17.74 47.39 4.22
C LEU E 28 -17.01 46.76 3.04
N THR E 29 -16.11 47.52 2.43
CA THR E 29 -15.30 46.98 1.35
C THR E 29 -14.15 46.18 1.93
N VAL E 30 -13.96 44.98 1.38
CA VAL E 30 -12.87 44.10 1.77
C VAL E 30 -12.19 43.69 0.47
N TYR E 31 -10.92 44.03 0.34
CA TYR E 31 -10.14 43.60 -0.81
C TYR E 31 -9.55 42.23 -0.49
N PHE E 32 -9.71 41.29 -1.42
CA PHE E 32 -9.27 39.93 -1.22
C PHE E 32 -8.37 39.54 -2.38
N SER E 33 -7.19 39.06 -2.04
CA SER E 33 -6.28 38.47 -3.01
C SER E 33 -5.57 37.33 -2.31
N LEU E 34 -4.60 36.74 -2.98
CA LEU E 34 -3.80 35.70 -2.36
C LEU E 34 -2.45 35.66 -3.03
N SER E 35 -1.48 35.09 -2.31
CA SER E 35 -0.15 34.82 -2.84
C SER E 35 -0.02 33.31 -2.95
N LEU E 36 0.26 32.83 -4.15
CA LEU E 36 0.50 31.42 -4.36
C LEU E 36 1.98 31.16 -4.15
N LEU E 37 2.30 30.27 -3.21
CA LEU E 37 3.67 29.98 -2.84
C LEU E 37 4.14 28.67 -3.41
N GLN E 38 3.29 27.65 -3.40
CA GLN E 38 3.70 26.35 -3.89
C GLN E 38 2.46 25.49 -4.08
N ILE E 39 2.45 24.72 -5.17
CA ILE E 39 1.44 23.70 -5.40
C ILE E 39 2.00 22.42 -4.80
N MET E 40 1.51 22.06 -3.62
CA MET E 40 2.06 20.95 -2.87
C MET E 40 1.72 19.61 -3.52
N ASP E 41 0.45 19.40 -3.87
CA ASP E 41 0.05 18.10 -4.36
C ASP E 41 -1.21 18.22 -5.20
N VAL E 42 -1.29 17.41 -6.24
CA VAL E 42 -2.47 17.29 -7.10
C VAL E 42 -2.93 15.85 -6.97
N ASP E 43 -3.94 15.62 -6.14
CA ASP E 43 -4.47 14.29 -5.89
C ASP E 43 -5.53 13.98 -6.94
N GLU E 44 -5.17 13.17 -7.94
CA GLU E 44 -6.11 12.87 -9.01
C GLU E 44 -7.21 11.92 -8.54
N LYS E 45 -6.86 10.95 -7.68
CA LYS E 45 -7.84 9.97 -7.27
C LYS E 45 -8.86 10.55 -6.30
N ASN E 46 -8.44 11.43 -5.40
CA ASN E 46 -9.35 12.07 -4.46
C ASN E 46 -9.86 13.41 -4.95
N GLN E 47 -9.38 13.89 -6.09
CA GLN E 47 -9.84 15.13 -6.70
C GLN E 47 -9.61 16.32 -5.75
N VAL E 48 -8.40 16.38 -5.19
CA VAL E 48 -8.05 17.40 -4.20
C VAL E 48 -6.75 18.08 -4.62
N LEU E 49 -6.80 19.40 -4.73
CA LEU E 49 -5.61 20.22 -4.90
C LEU E 49 -5.13 20.73 -3.54
N THR E 50 -3.87 20.48 -3.23
CA THR E 50 -3.21 21.01 -2.04
C THR E 50 -2.27 22.14 -2.43
N THR E 51 -2.41 23.30 -1.78
CA THR E 51 -1.57 24.45 -2.06
C THR E 51 -1.15 25.11 -0.76
N ASN E 52 0.04 25.72 -0.80
CA ASN E 52 0.51 26.63 0.22
C ASN E 52 0.25 28.04 -0.27
N ILE E 53 -0.61 28.77 0.45
CA ILE E 53 -1.10 30.06 0.00
C ILE E 53 -1.07 31.03 1.16
N TRP E 54 -0.78 32.28 0.88
CA TRP E 54 -0.97 33.38 1.81
C TRP E 54 -2.19 34.15 1.34
N LEU E 55 -3.25 34.11 2.13
CA LEU E 55 -4.44 34.89 1.84
C LEU E 55 -4.13 36.36 2.11
N GLN E 56 -4.75 37.25 1.37
CA GLN E 56 -4.57 38.68 1.58
C GLN E 56 -5.93 39.34 1.69
N MET E 57 -6.20 39.92 2.84
CA MET E 57 -7.45 40.63 3.09
C MET E 57 -7.11 42.00 3.62
N SER E 58 -7.79 43.01 3.11
CA SER E 58 -7.58 44.36 3.62
C SER E 58 -8.92 45.08 3.68
N TRP E 59 -9.11 45.82 4.76
CA TRP E 59 -10.30 46.62 4.98
C TRP E 59 -9.90 47.78 5.86
N THR E 60 -10.81 48.73 5.99
CA THR E 60 -10.63 49.84 6.92
C THR E 60 -11.50 49.60 8.14
N ASP E 61 -10.92 49.81 9.31
CA ASP E 61 -11.63 49.72 10.57
C ASP E 61 -11.77 51.13 11.10
N HIS E 62 -13.01 51.58 11.23
CA HIS E 62 -13.29 52.96 11.60
C HIS E 62 -12.79 53.29 13.01
N TYR E 63 -12.86 52.32 13.92
CA TYR E 63 -12.49 52.56 15.32
C TYR E 63 -11.00 52.49 15.58
N LEU E 64 -10.23 51.79 14.75
CA LEU E 64 -8.81 51.56 15.02
C LEU E 64 -7.98 52.65 14.32
N GLN E 65 -8.16 53.88 14.78
CA GLN E 65 -7.51 55.04 14.20
C GLN E 65 -6.90 55.89 15.30
N TRP E 66 -5.72 56.42 15.05
CA TRP E 66 -5.04 57.24 16.04
C TRP E 66 -4.16 58.26 15.34
N ASN E 67 -3.93 59.38 16.01
CA ASN E 67 -3.05 60.44 15.54
C ASN E 67 -1.63 60.16 16.03
N VAL E 68 -0.69 60.03 15.09
CA VAL E 68 0.64 59.52 15.39
C VAL E 68 1.54 60.66 15.87
N SER E 69 0.95 61.81 16.20
CA SER E 69 1.66 62.84 16.96
C SER E 69 1.47 62.69 18.46
N GLU E 70 0.35 62.10 18.89
CA GLU E 70 0.12 61.81 20.29
C GLU E 70 0.70 60.47 20.72
N TYR E 71 1.16 59.65 19.78
CA TYR E 71 1.80 58.37 20.09
C TYR E 71 3.07 58.25 19.25
N PRO E 72 4.05 59.13 19.50
CA PRO E 72 5.23 59.17 18.63
C PRO E 72 5.92 57.83 18.53
N GLY E 73 6.27 57.44 17.30
CA GLY E 73 6.93 56.19 17.04
C GLY E 73 6.00 55.01 16.85
N VAL E 74 4.77 55.09 17.34
CA VAL E 74 3.81 54.01 17.22
C VAL E 74 3.05 54.23 15.92
N LYS E 75 3.49 53.54 14.86
CA LYS E 75 2.89 53.72 13.55
C LYS E 75 1.97 52.57 13.16
N THR E 76 2.04 51.44 13.85
CA THR E 76 1.19 50.31 13.58
C THR E 76 0.97 49.55 14.88
N VAL E 77 -0.07 48.72 14.88
CA VAL E 77 -0.40 47.84 15.99
C VAL E 77 -0.85 46.51 15.41
N ARG E 78 -0.90 45.51 16.26
CA ARG E 78 -1.22 44.15 15.86
C ARG E 78 -2.21 43.57 16.83
N PHE E 79 -3.17 42.80 16.32
CA PHE E 79 -4.19 42.16 17.14
C PHE E 79 -4.32 40.69 16.76
N PRO E 80 -4.38 39.78 17.71
CA PRO E 80 -4.57 38.37 17.41
C PRO E 80 -6.04 38.02 17.24
N ASP E 81 -6.30 36.76 16.90
CA ASP E 81 -7.64 36.24 16.75
C ASP E 81 -8.49 36.51 17.98
N GLY E 82 -9.67 37.10 17.78
CA GLY E 82 -10.64 37.28 18.83
C GLY E 82 -10.68 38.65 19.45
N GLN E 83 -9.71 39.51 19.19
CA GLN E 83 -9.69 40.85 19.77
C GLN E 83 -9.96 41.95 18.74
N ILE E 84 -10.20 41.60 17.49
CA ILE E 84 -10.49 42.54 16.42
C ILE E 84 -11.53 41.91 15.50
N TRP E 85 -12.41 42.73 14.94
CA TRP E 85 -13.32 42.24 13.91
C TRP E 85 -12.50 41.85 12.68
N LYS E 86 -12.86 40.72 12.09
CA LYS E 86 -12.19 40.22 10.90
C LYS E 86 -13.24 39.66 9.95
N PRO E 87 -13.02 39.78 8.64
CA PRO E 87 -13.89 39.07 7.69
C PRO E 87 -13.82 37.56 7.88
N ASP E 88 -14.98 36.92 7.84
CA ASP E 88 -15.09 35.46 7.94
C ASP E 88 -15.08 34.81 6.56
N ILE E 89 -13.97 35.01 5.85
CA ILE E 89 -13.84 34.52 4.47
C ILE E 89 -13.32 33.09 4.52
N LEU E 90 -14.07 32.17 3.94
CA LEU E 90 -13.73 30.76 3.91
C LEU E 90 -13.54 30.30 2.48
N LEU E 91 -12.83 29.20 2.34
CA LEU E 91 -12.75 28.51 1.06
C LEU E 91 -13.97 27.60 0.93
N TYR E 92 -14.91 27.97 0.05
CA TYR E 92 -16.15 27.23 -0.08
C TYR E 92 -15.92 25.77 -0.42
N ASN E 93 -15.08 25.51 -1.41
CA ASN E 93 -14.88 24.15 -1.91
C ASN E 93 -13.68 23.50 -1.25
N SER E 94 -13.68 23.58 0.08
CA SER E 94 -12.62 22.96 0.87
C SER E 94 -12.81 21.44 0.92
N ALA E 95 -11.69 20.73 0.91
CA ALA E 95 -11.65 19.29 1.11
C ALA E 95 -10.95 18.92 2.40
N ASP E 96 -10.81 19.86 3.32
CA ASP E 96 -10.12 19.63 4.59
C ASP E 96 -11.11 19.14 5.64
N GLU E 97 -10.72 18.10 6.38
CA GLU E 97 -11.60 17.56 7.41
C GLU E 97 -11.97 18.61 8.44
N ARG E 98 -11.15 19.65 8.60
CA ARG E 98 -11.47 20.76 9.48
C ARG E 98 -12.23 21.88 8.76
N PHE E 99 -12.25 21.82 7.43
CA PHE E 99 -12.89 22.78 6.53
C PHE E 99 -12.24 24.17 6.48
N ASP E 100 -11.66 24.66 7.57
CA ASP E 100 -10.94 25.92 7.55
C ASP E 100 -9.47 25.63 7.88
N ALA E 101 -8.61 25.71 6.88
CA ALA E 101 -7.20 25.38 7.05
C ALA E 101 -6.32 26.57 7.35
N THR E 102 -6.88 27.77 7.39
CA THR E 102 -6.07 28.97 7.59
C THR E 102 -5.46 29.01 8.98
N PHE E 103 -4.15 29.24 9.05
CA PHE E 103 -3.47 29.50 10.33
C PHE E 103 -3.66 30.96 10.71
N HIS E 104 -4.28 31.19 11.86
CA HIS E 104 -4.69 32.53 12.27
C HIS E 104 -3.49 33.31 12.80
N THR E 105 -3.21 34.45 12.18
CA THR E 105 -2.09 35.31 12.53
C THR E 105 -2.60 36.70 12.94
N ASN E 106 -1.68 37.64 13.12
CA ASN E 106 -2.03 38.99 13.55
C ASN E 106 -2.67 39.78 12.41
N VAL E 107 -3.60 40.66 12.77
CA VAL E 107 -4.03 41.73 11.89
C VAL E 107 -3.16 42.96 12.16
N LEU E 108 -2.52 43.48 11.12
CA LEU E 108 -1.69 44.67 11.23
C LEU E 108 -2.50 45.90 10.83
N VAL E 109 -2.60 46.87 11.75
CA VAL E 109 -3.39 48.07 11.56
C VAL E 109 -2.49 49.29 11.66
N ASN E 110 -2.57 50.20 10.69
CA ASN E 110 -1.80 51.44 10.77
C ASN E 110 -2.69 52.55 11.28
N SER E 111 -2.18 53.78 11.27
CA SER E 111 -2.77 54.83 12.11
C SER E 111 -4.06 55.38 11.54
N SER E 112 -4.31 55.18 10.24
CA SER E 112 -5.54 55.61 9.62
C SER E 112 -6.61 54.52 9.65
N GLY E 113 -6.31 53.38 10.26
CA GLY E 113 -7.26 52.34 10.45
C GLY E 113 -7.24 51.23 9.43
N HIS E 114 -6.24 51.21 8.55
CA HIS E 114 -6.21 50.22 7.49
CA HIS E 114 -6.21 50.22 7.49
C HIS E 114 -5.74 48.88 8.06
N CYS E 115 -6.56 47.86 7.93
CA CYS E 115 -6.31 46.55 8.50
C CYS E 115 -5.77 45.63 7.42
N GLN E 116 -4.65 45.01 7.70
CA GLN E 116 -4.05 44.04 6.80
C GLN E 116 -3.97 42.70 7.51
N TYR E 117 -4.31 41.64 6.80
CA TYR E 117 -4.44 40.31 7.41
C TYR E 117 -4.01 39.28 6.39
N LEU E 118 -2.90 38.59 6.63
CA LEU E 118 -2.31 37.66 5.67
C LEU E 118 -2.11 36.32 6.33
N PRO E 119 -3.19 35.60 6.62
CA PRO E 119 -3.05 34.29 7.22
C PRO E 119 -2.50 33.30 6.22
N PRO E 120 -1.49 32.51 6.59
CA PRO E 120 -1.05 31.43 5.71
C PRO E 120 -1.86 30.17 5.92
N GLY E 121 -1.55 29.13 5.17
CA GLY E 121 -2.24 27.87 5.35
C GLY E 121 -1.96 26.88 4.26
N ILE E 122 -2.06 25.60 4.59
CA ILE E 122 -2.03 24.53 3.60
C ILE E 122 -3.49 24.25 3.25
N PHE E 123 -3.91 24.68 2.07
CA PHE E 123 -5.30 24.63 1.67
C PHE E 123 -5.56 23.41 0.80
N LYS E 124 -6.57 22.62 1.19
CA LYS E 124 -7.08 21.54 0.35
C LYS E 124 -8.39 22.00 -0.28
N SER E 125 -8.45 21.94 -1.60
CA SER E 125 -9.65 22.33 -2.33
C SER E 125 -10.07 21.18 -3.24
N SER E 126 -11.38 21.04 -3.42
CA SER E 126 -11.91 20.01 -4.30
C SER E 126 -11.80 20.49 -5.74
N CYS E 127 -11.03 19.78 -6.55
CA CYS E 127 -10.80 20.14 -7.94
C CYS E 127 -11.15 18.96 -8.84
N TYR E 128 -12.00 19.21 -9.83
CA TYR E 128 -12.29 18.20 -10.84
C TYR E 128 -11.08 18.01 -11.75
N ILE E 129 -10.49 16.83 -11.71
CA ILE E 129 -9.25 16.55 -12.44
C ILE E 129 -9.59 15.69 -13.65
N ASP E 130 -9.44 16.26 -14.84
CA ASP E 130 -9.75 15.60 -16.10
C ASP E 130 -8.46 15.05 -16.68
N VAL E 131 -8.35 13.72 -16.73
CA VAL E 131 -7.15 13.07 -17.25
C VAL E 131 -7.40 12.48 -18.64
N ARG E 132 -8.37 13.00 -19.37
CA ARG E 132 -8.64 12.55 -20.77
C ARG E 132 -7.33 12.63 -21.56
N TRP E 133 -6.61 13.75 -21.51
CA TRP E 133 -5.41 13.95 -22.33
C TRP E 133 -4.13 13.66 -21.57
N PHE E 134 -4.21 13.00 -20.43
CA PHE E 134 -3.02 12.61 -19.68
C PHE E 134 -2.04 11.89 -20.61
N PRO E 135 -0.74 12.22 -20.57
CA PRO E 135 -0.04 13.12 -19.65
C PRO E 135 0.01 14.57 -20.10
N PHE E 136 -0.52 14.90 -21.27
CA PHE E 136 -0.48 16.27 -21.77
C PHE E 136 -1.76 17.02 -21.39
N ASP E 137 -2.08 17.01 -20.11
CA ASP E 137 -3.37 17.49 -19.63
C ASP E 137 -3.20 18.79 -18.86
N VAL E 138 -4.19 19.67 -19.00
CA VAL E 138 -4.21 20.95 -18.33
C VAL E 138 -5.40 20.97 -17.39
N GLN E 139 -5.16 21.34 -16.15
CA GLN E 139 -6.17 21.31 -15.11
C GLN E 139 -6.52 22.73 -14.70
N HIS E 140 -7.81 22.99 -14.54
CA HIS E 140 -8.31 24.28 -14.06
C HIS E 140 -8.97 24.04 -12.71
N CYS E 141 -8.26 24.36 -11.64
CA CYS E 141 -8.73 24.13 -10.28
C CYS E 141 -9.23 25.44 -9.71
N LYS E 142 -10.48 25.47 -9.28
CA LYS E 142 -11.10 26.67 -8.78
C LYS E 142 -10.88 26.78 -7.28
N LEU E 143 -10.63 28.00 -6.81
CA LEU E 143 -10.56 28.32 -5.40
C LEU E 143 -11.61 29.40 -5.17
N LYS E 144 -12.73 29.02 -4.57
CA LYS E 144 -13.85 29.92 -4.37
C LYS E 144 -13.83 30.39 -2.92
N PHE E 145 -13.59 31.68 -2.72
CA PHE E 145 -13.58 32.30 -1.40
C PHE E 145 -14.74 33.27 -1.28
N GLY E 146 -15.29 33.36 -0.07
CA GLY E 146 -16.33 34.33 0.17
C GLY E 146 -16.67 34.40 1.64
N SER E 147 -17.23 35.54 2.02
CA SER E 147 -17.76 35.69 3.37
C SER E 147 -18.89 34.70 3.57
N TRP E 148 -18.84 33.96 4.68
CA TRP E 148 -19.84 32.94 4.94
C TRP E 148 -21.17 33.56 5.35
N SER E 149 -21.15 34.49 6.29
CA SER E 149 -22.36 35.02 6.90
C SER E 149 -22.61 36.49 6.63
N TYR E 150 -21.72 37.18 5.92
CA TYR E 150 -21.93 38.57 5.52
C TYR E 150 -22.27 38.59 4.04
N GLY E 151 -23.48 39.03 3.72
CA GLY E 151 -23.90 39.13 2.35
C GLY E 151 -23.46 40.42 1.69
N GLY E 152 -23.92 40.59 0.46
CA GLY E 152 -23.49 41.72 -0.36
C GLY E 152 -23.90 43.07 0.20
N TRP E 153 -24.99 43.11 0.97
CA TRP E 153 -25.40 44.36 1.60
C TRP E 153 -24.51 44.78 2.75
N SER E 154 -23.75 43.85 3.33
CA SER E 154 -22.91 44.15 4.49
C SER E 154 -21.42 44.13 4.19
N LEU E 155 -20.96 43.27 3.29
CA LEU E 155 -19.53 43.11 3.05
C LEU E 155 -19.31 43.06 1.54
N ASP E 156 -18.79 44.15 0.99
CA ASP E 156 -18.61 44.29 -0.45
C ASP E 156 -17.25 43.72 -0.85
N LEU E 157 -17.20 42.42 -1.11
CA LEU E 157 -15.95 41.79 -1.46
C LEU E 157 -15.46 42.32 -2.80
N GLN E 158 -14.17 42.63 -2.86
CA GLN E 158 -13.52 43.08 -4.08
C GLN E 158 -12.23 42.31 -4.28
N MET E 159 -11.89 42.09 -5.53
CA MET E 159 -10.77 41.26 -5.90
C MET E 159 -9.56 42.09 -6.32
N GLN E 160 -8.39 41.52 -6.09
CA GLN E 160 -7.13 42.06 -6.57
C GLN E 160 -6.34 40.91 -7.18
N GLU E 161 -5.51 41.23 -8.16
CA GLU E 161 -4.79 40.20 -8.90
C GLU E 161 -3.95 39.34 -7.96
N ALA E 162 -3.99 38.04 -8.17
CA ALA E 162 -3.20 37.12 -7.35
C ALA E 162 -1.71 37.39 -7.53
N ASP E 163 -0.96 37.14 -6.47
CA ASP E 163 0.48 37.33 -6.45
C ASP E 163 1.18 35.99 -6.68
N ILE E 164 2.17 35.99 -7.57
CA ILE E 164 2.91 34.78 -7.88
C ILE E 164 4.41 35.06 -7.85
N SER E 165 4.78 36.21 -7.29
CA SER E 165 6.19 36.58 -7.26
C SER E 165 7.00 35.60 -6.42
N GLY E 166 6.43 35.12 -5.31
CA GLY E 166 7.07 34.15 -4.47
C GLY E 166 6.87 32.70 -4.84
N TYR E 167 6.22 32.42 -5.97
CA TYR E 167 5.92 31.05 -6.33
C TYR E 167 7.19 30.23 -6.48
N ILE E 168 7.13 28.96 -6.08
CA ILE E 168 8.22 28.00 -6.22
C ILE E 168 7.76 26.94 -7.21
N PRO E 169 8.40 26.83 -8.38
CA PRO E 169 7.89 25.91 -9.40
C PRO E 169 7.82 24.46 -8.92
N ASN E 170 6.75 23.78 -9.30
CA ASN E 170 6.58 22.38 -9.02
C ASN E 170 7.33 21.54 -10.05
N GLY E 171 7.84 20.40 -9.61
CA GLY E 171 8.54 19.52 -10.52
C GLY E 171 7.65 18.67 -11.40
N GLU E 172 6.33 18.81 -11.28
CA GLU E 172 5.39 18.02 -12.05
C GLU E 172 4.30 18.85 -12.70
N TRP E 173 4.14 20.12 -12.33
CA TRP E 173 3.01 20.92 -12.76
C TRP E 173 3.51 22.33 -13.06
N ASP E 174 3.33 22.76 -14.31
CA ASP E 174 3.72 24.10 -14.73
C ASP E 174 2.56 25.05 -14.51
N LEU E 175 2.80 26.12 -13.74
CA LEU E 175 1.76 27.09 -13.41
C LEU E 175 1.53 27.98 -14.63
N VAL E 176 0.45 27.73 -15.35
CA VAL E 176 0.09 28.59 -16.48
C VAL E 176 -0.31 29.98 -15.98
N GLY E 177 -1.13 30.04 -14.95
CA GLY E 177 -1.62 31.29 -14.44
C GLY E 177 -2.71 31.10 -13.40
N ILE E 178 -3.02 32.15 -12.65
CA ILE E 178 -4.07 32.11 -11.63
C ILE E 178 -5.01 33.30 -11.78
N PRO E 179 -5.79 33.38 -12.86
CA PRO E 179 -6.77 34.47 -12.97
C PRO E 179 -7.89 34.38 -11.93
N GLY E 180 -8.46 35.53 -11.62
CA GLY E 180 -9.56 35.62 -10.68
C GLY E 180 -10.78 36.28 -11.27
N LYS E 181 -11.95 36.08 -10.65
CA LYS E 181 -13.18 36.70 -11.13
C LYS E 181 -14.12 36.82 -9.95
N ARG E 182 -14.52 38.05 -9.63
CA ARG E 182 -15.51 38.31 -8.60
C ARG E 182 -16.92 38.14 -9.15
N SER E 183 -17.74 37.33 -8.45
CA SER E 183 -19.11 37.05 -8.82
C SER E 183 -20.08 37.40 -7.68
N GLU E 184 -21.32 37.71 -8.05
CA GLU E 184 -22.40 38.02 -7.11
C GLU E 184 -23.48 36.96 -7.29
N ARG E 185 -23.57 36.00 -6.37
CA ARG E 185 -24.47 34.85 -6.49
C ARG E 185 -25.62 34.91 -5.49
N PHE E 186 -26.69 34.20 -5.84
CA PHE E 186 -27.83 33.98 -4.95
C PHE E 186 -27.87 32.51 -4.52
N TYR E 187 -28.37 32.29 -3.31
CA TYR E 187 -28.48 30.95 -2.75
C TYR E 187 -29.88 30.74 -2.19
N GLU E 188 -30.35 29.49 -2.26
CA GLU E 188 -31.69 29.18 -1.77
C GLU E 188 -31.85 29.54 -0.30
N CYS E 189 -30.75 29.51 0.46
CA CYS E 189 -30.81 29.91 1.86
C CYS E 189 -31.41 31.28 2.04
N CYS E 190 -31.01 32.23 1.20
CA CYS E 190 -31.08 33.64 1.53
C CYS E 190 -31.53 34.45 0.32
N LYS E 191 -32.35 35.46 0.57
CA LYS E 191 -32.74 36.38 -0.50
C LYS E 191 -31.62 37.35 -0.87
N GLU E 192 -30.72 37.62 0.05
CA GLU E 192 -29.59 38.51 -0.22
C GLU E 192 -28.52 37.77 -1.03
N PRO E 193 -27.85 38.44 -1.96
CA PRO E 193 -26.77 37.79 -2.70
C PRO E 193 -25.46 37.81 -1.95
N TYR E 194 -24.65 36.79 -2.21
CA TYR E 194 -23.37 36.64 -1.50
C TYR E 194 -22.24 36.68 -2.51
N PRO E 195 -21.48 37.77 -2.58
CA PRO E 195 -20.38 37.83 -3.55
C PRO E 195 -19.29 36.85 -3.19
N ASP E 196 -18.51 36.48 -4.19
CA ASP E 196 -17.36 35.62 -3.97
C ASP E 196 -16.29 35.96 -4.99
N VAL E 197 -15.07 35.56 -4.65
CA VAL E 197 -13.91 35.70 -5.51
C VAL E 197 -13.37 34.31 -5.76
N THR E 198 -13.22 33.97 -7.04
CA THR E 198 -12.76 32.63 -7.44
C THR E 198 -11.47 32.77 -8.21
N PHE E 199 -10.43 32.11 -7.73
CA PHE E 199 -9.14 32.05 -8.40
C PHE E 199 -9.00 30.69 -9.06
N THR E 200 -8.83 30.70 -10.38
CA THR E 200 -8.69 29.48 -11.16
C THR E 200 -7.20 29.25 -11.40
N VAL E 201 -6.65 28.19 -10.80
CA VAL E 201 -5.24 27.85 -10.95
C VAL E 201 -5.13 26.92 -12.14
N THR E 202 -4.49 27.39 -13.21
CA THR E 202 -4.32 26.61 -14.43
C THR E 202 -2.94 25.98 -14.41
N MET E 203 -2.89 24.65 -14.45
CA MET E 203 -1.66 23.88 -14.35
C MET E 203 -1.46 23.04 -15.60
N ARG E 204 -0.19 22.88 -16.00
CA ARG E 204 0.17 22.09 -17.17
C ARG E 204 1.17 21.02 -16.74
N ARG E 205 0.78 19.76 -16.86
CA ARG E 205 1.61 18.65 -16.39
C ARG E 205 2.87 18.51 -17.23
N ARG E 206 4.01 18.35 -16.56
CA ARG E 206 5.30 18.05 -17.20
C ARG E 206 5.39 16.55 -17.40
N THR E 207 5.29 16.08 -18.65
CA THR E 207 4.98 14.69 -19.00
C THR E 207 6.19 13.76 -19.06
N LEU E 208 7.42 14.30 -18.85
CA LEU E 208 8.60 13.49 -19.08
C LEU E 208 8.54 12.15 -18.35
N TYR E 209 8.47 12.18 -17.01
CA TYR E 209 8.48 10.94 -16.23
C TYR E 209 7.47 9.94 -16.77
N TYR E 210 6.28 10.41 -17.16
CA TYR E 210 5.23 9.50 -17.58
C TYR E 210 5.55 8.93 -18.95
N GLY E 211 6.05 9.76 -19.86
CA GLY E 211 6.44 9.26 -21.15
C GLY E 211 7.59 8.28 -21.09
N LEU E 212 8.37 8.33 -20.00
CA LEU E 212 9.52 7.45 -19.85
C LEU E 212 9.17 6.16 -19.13
N ASN E 213 8.18 6.20 -18.24
CA ASN E 213 7.79 5.03 -17.45
C ASN E 213 6.62 4.25 -18.04
N LEU E 214 5.78 4.88 -18.86
CA LEU E 214 4.55 4.26 -19.35
C LEU E 214 4.54 3.98 -20.84
N LEU E 215 5.24 4.76 -21.66
CA LEU E 215 5.11 4.58 -23.10
C LEU E 215 6.18 3.64 -23.68
N ILE E 216 7.44 3.73 -23.25
CA ILE E 216 8.48 2.88 -23.84
C ILE E 216 8.20 1.42 -23.53
N PRO E 217 7.80 1.04 -22.31
CA PRO E 217 7.43 -0.35 -22.05
C PRO E 217 6.39 -0.90 -23.01
N CYS E 218 5.48 -0.07 -23.52
CA CYS E 218 4.52 -0.59 -24.48
C CYS E 218 5.15 -0.82 -25.85
N VAL E 219 6.16 -0.02 -26.21
CA VAL E 219 6.84 -0.24 -27.47
C VAL E 219 7.70 -1.49 -27.38
N LEU E 220 8.29 -1.73 -26.21
CA LEU E 220 9.13 -2.91 -26.05
C LEU E 220 8.30 -4.18 -25.98
N ILE E 221 7.14 -4.09 -25.36
CA ILE E 221 6.23 -5.24 -25.35
C ILE E 221 5.72 -5.53 -26.75
N SER E 222 5.25 -4.50 -27.47
CA SER E 222 4.77 -4.73 -28.83
C SER E 222 5.87 -5.30 -29.71
N ALA E 223 7.09 -4.80 -29.58
CA ALA E 223 8.19 -5.31 -30.39
C ALA E 223 8.51 -6.76 -30.06
N LEU E 224 8.53 -7.10 -28.77
CA LEU E 224 8.82 -8.48 -28.40
C LEU E 224 7.69 -9.42 -28.79
N ALA E 225 6.47 -8.90 -28.87
CA ALA E 225 5.36 -9.71 -29.36
C ALA E 225 5.43 -9.91 -30.86
N LEU E 226 5.97 -8.92 -31.59
CA LEU E 226 6.11 -9.07 -33.03
C LEU E 226 7.35 -9.86 -33.41
N LEU E 227 8.23 -10.22 -32.50
CA LEU E 227 9.40 -11.08 -32.84
C LEU E 227 8.93 -12.53 -32.92
N VAL E 228 7.72 -12.85 -32.47
CA VAL E 228 7.26 -14.22 -32.63
C VAL E 228 7.12 -14.57 -34.09
N PHE E 229 6.81 -13.58 -34.94
CA PHE E 229 6.62 -13.84 -36.36
C PHE E 229 7.93 -14.09 -37.07
N LEU E 230 9.06 -13.79 -36.46
CA LEU E 230 10.38 -14.11 -37.00
C LEU E 230 10.97 -15.38 -36.43
N LEU E 231 10.48 -15.82 -35.28
CA LEU E 231 10.94 -17.07 -34.68
C LEU E 231 10.51 -18.26 -35.53
N PRO E 232 11.43 -19.15 -35.92
CA PRO E 232 11.00 -20.34 -36.67
C PRO E 232 10.07 -21.22 -35.84
N ALA E 233 9.25 -21.99 -36.55
CA ALA E 233 8.35 -22.92 -35.89
C ALA E 233 9.09 -24.14 -35.37
N ASP E 234 10.19 -24.53 -36.04
CA ASP E 234 10.94 -25.69 -35.59
C ASP E 234 11.49 -25.50 -34.17
N SER E 235 11.74 -24.25 -33.78
CA SER E 235 12.26 -23.99 -32.45
C SER E 235 11.38 -24.61 -31.37
N GLY E 236 10.06 -24.61 -31.59
CA GLY E 236 9.13 -25.06 -30.58
C GLY E 236 8.99 -24.08 -29.44
N GLU E 237 9.05 -22.79 -29.73
CA GLU E 237 9.04 -21.78 -28.69
C GLU E 237 8.17 -20.56 -29.01
N LYS E 238 7.50 -20.54 -30.16
CA LYS E 238 6.66 -19.39 -30.51
C LYS E 238 5.63 -19.12 -29.43
N ILE E 239 4.93 -20.16 -28.97
CA ILE E 239 3.92 -19.97 -27.94
C ILE E 239 4.57 -19.50 -26.64
N SER E 240 5.72 -20.09 -26.30
CA SER E 240 6.39 -19.65 -25.08
C SER E 240 6.69 -18.16 -25.15
N LEU E 241 7.25 -17.70 -26.27
CA LEU E 241 7.57 -16.29 -26.41
C LEU E 241 6.32 -15.43 -26.31
N GLY E 242 5.29 -15.75 -27.11
CA GLY E 242 4.12 -14.88 -27.14
C GLY E 242 3.37 -14.85 -25.82
N ILE E 243 3.14 -16.02 -25.23
CA ILE E 243 2.39 -16.09 -23.98
C ILE E 243 3.19 -15.46 -22.84
N THR E 244 4.52 -15.61 -22.84
CA THR E 244 5.32 -14.95 -21.80
C THR E 244 5.35 -13.44 -21.99
N VAL E 245 5.33 -12.97 -23.25
CA VAL E 245 5.23 -11.53 -23.49
C VAL E 245 3.89 -11.02 -22.97
N LEU E 246 2.84 -11.82 -23.09
CA LEU E 246 1.55 -11.41 -22.55
C LEU E 246 1.55 -11.40 -21.03
N LEU E 247 2.23 -12.38 -20.42
CA LEU E 247 2.35 -12.38 -18.97
C LEU E 247 3.12 -11.15 -18.48
N SER E 248 4.19 -10.80 -19.19
CA SER E 248 4.91 -9.57 -18.88
C SER E 248 4.00 -8.35 -19.07
N LEU E 249 3.17 -8.36 -20.10
CA LEU E 249 2.18 -7.31 -20.28
C LEU E 249 1.27 -7.20 -19.07
N THR E 250 0.79 -8.33 -18.55
CA THR E 250 -0.07 -8.29 -17.36
C THR E 250 0.65 -7.68 -16.16
N VAL E 251 1.93 -8.01 -15.98
CA VAL E 251 2.69 -7.40 -14.89
C VAL E 251 2.80 -5.89 -15.13
N PHE E 252 3.08 -5.50 -16.37
CA PHE E 252 3.11 -4.09 -16.70
C PHE E 252 1.75 -3.44 -16.53
N MET E 253 0.66 -4.21 -16.67
CA MET E 253 -0.66 -3.65 -16.36
C MET E 253 -0.80 -3.37 -14.88
N LEU E 254 -0.14 -4.17 -14.03
CA LEU E 254 -0.14 -3.84 -12.60
C LEU E 254 0.57 -2.51 -12.39
N LEU E 255 1.72 -2.37 -13.06
CA LEU E 255 2.49 -1.14 -12.92
C LEU E 255 1.66 0.04 -13.39
N VAL E 256 1.04 -0.08 -14.57
CA VAL E 256 0.25 1.01 -15.11
C VAL E 256 -0.92 1.30 -14.18
N ALA E 257 -1.49 0.24 -13.59
CA ALA E 257 -2.60 0.38 -12.66
C ALA E 257 -2.21 1.23 -11.47
N GLU E 258 -0.90 1.38 -11.24
CA GLU E 258 -0.44 2.22 -10.13
C GLU E 258 0.04 3.59 -10.62
N ILE E 259 0.92 3.63 -11.62
CA ILE E 259 1.48 4.90 -12.09
C ILE E 259 0.38 5.80 -12.65
N MET E 260 -0.47 5.25 -13.51
CA MET E 260 -1.48 6.06 -14.18
C MET E 260 -2.59 6.52 -13.25
N PRO E 261 -2.94 7.81 -13.26
CA PRO E 261 -4.06 8.32 -12.46
C PRO E 261 -5.39 8.04 -13.14
N ALA E 262 -6.29 7.36 -12.43
CA ALA E 262 -7.62 7.08 -12.94
C ALA E 262 -8.66 7.74 -12.04
N THR E 263 -9.58 8.50 -12.64
CA THR E 263 -10.65 9.16 -11.91
C THR E 263 -12.04 8.72 -12.37
N SER E 264 -12.13 7.80 -13.33
CA SER E 264 -13.38 7.18 -13.78
C SER E 264 -14.32 8.14 -14.47
N ASP E 265 -13.90 9.38 -14.73
CA ASP E 265 -14.78 10.37 -15.34
C ASP E 265 -14.85 10.20 -16.85
N SER E 266 -13.73 9.85 -17.48
CA SER E 266 -13.62 9.79 -18.92
C SER E 266 -12.85 8.53 -19.31
N VAL E 267 -12.17 8.57 -20.46
CA VAL E 267 -11.36 7.44 -20.91
C VAL E 267 -10.07 8.02 -21.47
N PRO E 268 -9.01 8.13 -20.67
CA PRO E 268 -7.76 8.72 -21.15
C PRO E 268 -7.35 8.21 -22.52
N LEU E 269 -7.21 9.12 -23.47
CA LEU E 269 -6.79 8.74 -24.81
C LEU E 269 -5.56 7.83 -24.76
N ILE E 270 -4.62 8.14 -23.87
CA ILE E 270 -3.43 7.31 -23.70
C ILE E 270 -3.80 5.83 -23.55
N ALA E 271 -4.92 5.55 -22.87
CA ALA E 271 -5.27 4.16 -22.64
C ALA E 271 -5.71 3.44 -23.91
N GLN E 272 -5.96 4.17 -24.99
CA GLN E 272 -6.24 3.53 -26.26
C GLN E 272 -4.96 2.92 -26.83
N TYR E 273 -3.80 3.37 -26.35
CA TYR E 273 -2.55 2.74 -26.72
C TYR E 273 -2.31 1.47 -25.91
N PHE E 274 -2.66 1.49 -24.63
CA PHE E 274 -2.57 0.27 -23.84
C PHE E 274 -3.48 -0.80 -24.42
N ALA E 275 -4.65 -0.39 -24.90
CA ALA E 275 -5.57 -1.34 -25.50
C ALA E 275 -5.03 -1.83 -26.85
N SER E 276 -4.50 -0.92 -27.67
CA SER E 276 -3.92 -1.35 -28.94
C SER E 276 -2.80 -2.37 -28.73
N THR E 277 -2.00 -2.18 -27.68
CA THR E 277 -0.87 -3.10 -27.49
C THR E 277 -1.35 -4.44 -26.91
N MET E 278 -2.33 -4.44 -26.01
CA MET E 278 -2.85 -5.70 -25.53
C MET E 278 -3.52 -6.48 -26.65
N ILE E 279 -4.14 -5.78 -27.59
CA ILE E 279 -4.82 -6.46 -28.68
C ILE E 279 -3.83 -6.98 -29.70
N ILE E 280 -2.77 -6.23 -29.98
CA ILE E 280 -1.73 -6.74 -30.87
C ILE E 280 -1.07 -7.97 -30.27
N VAL E 281 -0.86 -8.00 -28.96
CA VAL E 281 -0.21 -9.16 -28.36
C VAL E 281 -1.14 -10.38 -28.39
N GLY E 282 -2.42 -10.19 -28.07
CA GLY E 282 -3.34 -11.32 -28.09
C GLY E 282 -3.59 -11.82 -29.50
N LEU E 283 -3.58 -10.93 -30.48
CA LEU E 283 -3.79 -11.34 -31.85
C LEU E 283 -2.55 -11.95 -32.48
N SER E 284 -1.36 -11.59 -31.99
CA SER E 284 -0.18 -12.32 -32.43
C SER E 284 -0.13 -13.70 -31.81
N VAL E 285 -0.75 -13.88 -30.64
CA VAL E 285 -0.84 -15.24 -30.10
C VAL E 285 -1.86 -16.05 -30.90
N VAL E 286 -2.96 -15.42 -31.31
CA VAL E 286 -3.96 -16.12 -32.12
C VAL E 286 -3.38 -16.48 -33.48
N VAL E 287 -2.58 -15.59 -34.05
CA VAL E 287 -2.03 -15.84 -35.37
C VAL E 287 -0.87 -16.80 -35.28
N THR E 288 -0.19 -16.87 -34.13
CA THR E 288 0.82 -17.90 -33.95
C THR E 288 0.17 -19.27 -33.83
N VAL E 289 -1.03 -19.32 -33.25
CA VAL E 289 -1.76 -20.59 -33.23
C VAL E 289 -2.16 -21.00 -34.63
N ILE E 290 -2.55 -20.03 -35.46
CA ILE E 290 -2.91 -20.36 -36.84
C ILE E 290 -1.69 -20.83 -37.63
N VAL E 291 -0.57 -20.15 -37.46
CA VAL E 291 0.67 -20.55 -38.14
C VAL E 291 1.09 -21.94 -37.68
N LEU E 292 0.92 -22.24 -36.40
CA LEU E 292 1.27 -23.56 -35.89
C LEU E 292 0.37 -24.64 -36.47
N GLN E 293 -0.93 -24.34 -36.62
CA GLN E 293 -1.80 -25.29 -37.32
C GLN E 293 -1.30 -25.53 -38.73
N TYR E 294 -0.90 -24.48 -39.44
CA TYR E 294 -0.37 -24.66 -40.78
C TYR E 294 0.90 -25.52 -40.77
N HIS E 295 1.84 -25.20 -39.89
CA HIS E 295 3.14 -25.87 -39.88
C HIS E 295 3.01 -27.34 -39.50
N HIS E 296 2.21 -27.62 -38.47
CA HIS E 296 2.02 -28.96 -37.94
C HIS E 296 0.91 -29.72 -38.64
N HIS E 297 0.50 -29.29 -39.83
CA HIS E 297 -0.60 -29.95 -40.51
C HIS E 297 -0.25 -31.40 -40.80
N ASP E 298 -1.27 -32.26 -40.77
CA ASP E 298 -1.06 -33.69 -40.97
C ASP E 298 -0.99 -33.99 -42.46
N PRO E 299 0.10 -34.57 -42.96
CA PRO E 299 0.19 -34.82 -44.41
C PRO E 299 -0.86 -35.78 -44.94
N ASP E 300 -1.43 -36.62 -44.09
CA ASP E 300 -2.44 -37.58 -44.50
C ASP E 300 -3.85 -37.08 -44.24
N GLY E 301 -4.00 -35.84 -43.79
CA GLY E 301 -5.31 -35.26 -43.59
C GLY E 301 -5.81 -34.60 -44.86
N GLY E 302 -6.48 -33.46 -44.73
CA GLY E 302 -7.01 -32.78 -45.90
C GLY E 302 -5.92 -32.34 -46.85
N LYS E 303 -6.34 -31.75 -47.97
CA LYS E 303 -5.43 -31.23 -48.98
C LYS E 303 -5.49 -29.71 -48.96
N MET E 304 -4.37 -29.09 -49.26
CA MET E 304 -4.29 -27.63 -49.20
C MET E 304 -5.22 -27.05 -50.24
N PRO E 305 -6.24 -26.27 -49.85
CA PRO E 305 -7.17 -25.71 -50.84
C PRO E 305 -6.43 -25.00 -51.97
N LYS E 306 -6.77 -25.35 -53.21
CA LYS E 306 -6.25 -24.62 -54.35
C LYS E 306 -6.35 -23.12 -54.12
N TRP E 307 -7.45 -22.72 -53.47
CA TRP E 307 -7.69 -21.33 -53.13
C TRP E 307 -6.53 -20.74 -52.38
N THR E 308 -6.09 -21.43 -51.34
CA THR E 308 -4.94 -20.96 -50.57
C THR E 308 -3.63 -21.32 -51.25
N ARG E 309 -3.59 -22.42 -52.00
CA ARG E 309 -2.37 -22.75 -52.75
C ARG E 309 -2.00 -21.68 -53.75
N VAL E 310 -2.94 -20.82 -54.12
CA VAL E 310 -2.66 -19.72 -55.03
C VAL E 310 -2.61 -18.38 -54.28
N ILE E 311 -3.43 -18.21 -53.25
CA ILE E 311 -3.43 -16.96 -52.50
C ILE E 311 -2.11 -16.79 -51.76
N LEU E 312 -1.51 -17.88 -51.26
CA LEU E 312 -0.31 -17.78 -50.43
C LEU E 312 0.92 -18.29 -51.16
N LEU E 313 0.92 -19.54 -51.61
CA LEU E 313 2.13 -20.11 -52.19
C LEU E 313 2.52 -19.43 -53.49
N ASN E 314 1.61 -18.70 -54.12
CA ASN E 314 1.89 -18.03 -55.39
C ASN E 314 1.88 -16.51 -55.26
N TRP E 315 0.76 -15.93 -54.83
CA TRP E 315 0.63 -14.47 -54.86
C TRP E 315 1.43 -13.81 -53.75
N CYS E 316 1.02 -14.04 -52.50
CA CYS E 316 1.77 -13.52 -51.36
C CYS E 316 3.22 -13.99 -51.40
N ALA E 317 3.44 -15.26 -51.72
CA ALA E 317 4.79 -15.79 -51.80
C ALA E 317 5.64 -15.00 -52.79
N TRP E 318 5.07 -14.65 -53.95
CA TRP E 318 5.84 -13.89 -54.93
C TRP E 318 6.02 -12.44 -54.50
N PHE E 319 4.98 -11.85 -53.89
CA PHE E 319 5.08 -10.45 -53.46
C PHE E 319 6.19 -10.27 -52.44
N LEU E 320 6.41 -11.26 -51.57
CA LEU E 320 7.45 -11.19 -50.56
C LEU E 320 8.80 -11.70 -51.06
N ARG E 321 8.92 -11.97 -52.36
CA ARG E 321 10.15 -12.51 -52.93
C ARG E 321 10.65 -13.69 -52.11
N MET E 322 9.78 -14.70 -51.99
CA MET E 322 10.06 -15.91 -51.24
C MET E 322 9.93 -17.13 -52.15
N LYS E 323 10.83 -18.09 -51.97
CA LYS E 323 10.82 -19.30 -52.79
C LYS E 323 10.80 -20.54 -51.89
N PRO E 479 13.72 -68.18 -58.37
CA PRO E 479 12.64 -67.94 -57.41
C PRO E 479 13.09 -67.12 -56.21
N ASP E 480 14.08 -67.63 -55.47
CA ASP E 480 14.58 -66.90 -54.31
C ASP E 480 15.01 -65.49 -54.69
N LEU E 481 15.60 -65.32 -55.87
CA LEU E 481 16.03 -64.00 -56.29
C LEU E 481 14.85 -63.06 -56.45
N ALA E 482 13.75 -63.55 -57.02
CA ALA E 482 12.55 -62.73 -57.16
C ALA E 482 11.94 -62.41 -55.81
N LYS E 483 11.92 -63.38 -54.90
CA LYS E 483 11.43 -63.12 -53.55
C LYS E 483 12.23 -61.99 -52.89
N ILE E 484 13.53 -61.91 -53.19
CA ILE E 484 14.34 -60.84 -52.64
C ILE E 484 13.97 -59.51 -53.29
N LEU E 485 13.61 -59.53 -54.58
CA LEU E 485 13.24 -58.31 -55.26
C LEU E 485 12.02 -57.66 -54.62
N GLU E 486 10.99 -58.48 -54.34
CA GLU E 486 9.78 -57.94 -53.73
C GLU E 486 10.10 -57.30 -52.38
N GLU E 487 10.96 -57.93 -51.59
CA GLU E 487 11.31 -57.37 -50.28
C GLU E 487 11.94 -55.99 -50.43
N VAL E 488 12.88 -55.84 -51.38
CA VAL E 488 13.58 -54.57 -51.53
C VAL E 488 12.65 -53.52 -52.13
N ARG E 489 11.80 -53.94 -53.06
CA ARG E 489 10.86 -52.99 -53.67
C ARG E 489 9.95 -52.40 -52.61
N TYR E 490 9.46 -53.21 -51.69
CA TYR E 490 8.64 -52.68 -50.59
C TYR E 490 9.40 -51.57 -49.90
N ILE E 491 10.64 -51.85 -49.49
CA ILE E 491 11.42 -50.87 -48.75
C ILE E 491 11.58 -49.60 -49.59
N ALA E 492 11.94 -49.78 -50.87
CA ALA E 492 12.14 -48.62 -51.73
C ALA E 492 10.85 -47.80 -51.85
N ASN E 493 9.71 -48.48 -51.99
CA ASN E 493 8.45 -47.76 -52.18
C ASN E 493 8.05 -47.10 -50.87
N ARG E 494 8.32 -47.77 -49.75
CA ARG E 494 8.03 -47.16 -48.46
C ARG E 494 8.79 -45.84 -48.37
N PHE E 495 10.06 -45.85 -48.80
CA PHE E 495 10.87 -44.64 -48.78
C PHE E 495 10.24 -43.60 -49.70
N ARG E 496 9.88 -44.01 -50.92
CA ARG E 496 9.34 -43.08 -51.91
C ARG E 496 7.99 -42.53 -51.48
N CYS E 497 7.30 -43.19 -50.55
CA CYS E 497 6.01 -42.73 -50.10
C CYS E 497 6.15 -41.75 -48.95
N GLN E 498 7.10 -41.98 -48.04
CA GLN E 498 7.32 -41.01 -46.98
C GLN E 498 7.88 -39.74 -47.57
N ASP E 499 8.70 -39.85 -48.61
CA ASP E 499 9.25 -38.69 -49.29
C ASP E 499 8.15 -37.82 -49.85
N GLU E 500 7.18 -38.45 -50.53
CA GLU E 500 6.04 -37.70 -51.05
C GLU E 500 5.32 -36.98 -49.91
N SER E 501 5.09 -37.68 -48.80
CA SER E 501 4.41 -37.08 -47.67
C SER E 501 5.25 -35.96 -47.06
N GLU E 502 6.58 -36.07 -47.14
CA GLU E 502 7.46 -35.01 -46.66
C GLU E 502 7.36 -33.77 -47.54
N ALA E 503 7.20 -33.96 -48.85
CA ALA E 503 7.01 -32.82 -49.74
C ALA E 503 5.70 -32.12 -49.45
N VAL E 504 4.60 -32.87 -49.36
CA VAL E 504 3.33 -32.26 -48.97
C VAL E 504 3.50 -31.48 -47.68
N CYS E 505 4.21 -32.05 -46.72
CA CYS E 505 4.46 -31.36 -45.46
C CYS E 505 5.24 -30.07 -45.68
N SER E 506 6.17 -30.07 -46.65
CA SER E 506 7.01 -28.89 -46.89
C SER E 506 6.20 -27.71 -47.42
N GLU E 507 5.12 -27.97 -48.16
CA GLU E 507 4.28 -26.87 -48.60
C GLU E 507 3.50 -26.26 -47.43
N TRP E 508 2.97 -27.12 -46.56
CA TRP E 508 2.32 -26.61 -45.36
C TRP E 508 3.30 -25.87 -44.47
N LYS E 509 4.54 -26.38 -44.38
CA LYS E 509 5.56 -25.66 -43.64
C LYS E 509 5.94 -24.37 -44.34
N PHE E 510 5.94 -24.38 -45.68
CA PHE E 510 6.20 -23.16 -46.44
C PHE E 510 5.06 -22.16 -46.27
N ALA E 511 3.81 -22.61 -46.40
CA ALA E 511 2.68 -21.71 -46.22
C ALA E 511 2.73 -21.03 -44.86
N ALA E 512 3.11 -21.77 -43.82
CA ALA E 512 3.22 -21.18 -42.50
C ALA E 512 4.21 -20.02 -42.49
N CYS E 513 5.34 -20.18 -43.20
CA CYS E 513 6.30 -19.09 -43.31
C CYS E 513 5.70 -17.88 -44.01
N VAL E 514 4.94 -18.11 -45.09
CA VAL E 514 4.36 -16.99 -45.83
C VAL E 514 3.32 -16.27 -44.98
N VAL E 515 2.42 -17.03 -44.36
CA VAL E 515 1.45 -16.43 -43.45
C VAL E 515 2.18 -15.72 -42.33
N ASP E 516 3.29 -16.30 -41.88
CA ASP E 516 4.03 -15.74 -40.76
C ASP E 516 4.55 -14.34 -41.10
N ARG E 517 5.13 -14.17 -42.29
CA ARG E 517 5.65 -12.86 -42.68
C ARG E 517 4.54 -11.89 -43.06
N LEU E 518 3.50 -12.34 -43.75
CA LEU E 518 2.37 -11.44 -44.01
C LEU E 518 1.87 -10.82 -42.72
N CYS E 519 1.70 -11.65 -41.69
CA CYS E 519 1.28 -11.14 -40.39
C CYS E 519 2.32 -10.17 -39.84
N LEU E 520 3.60 -10.45 -40.07
CA LEU E 520 4.64 -9.53 -39.63
C LEU E 520 4.41 -8.14 -40.22
N MET E 521 4.20 -8.05 -41.53
CA MET E 521 4.01 -6.75 -42.16
C MET E 521 2.66 -6.15 -41.81
N ALA E 522 1.60 -6.96 -41.86
CA ALA E 522 0.28 -6.46 -41.50
C ALA E 522 0.28 -5.90 -40.07
N PHE E 523 0.77 -6.67 -39.12
CA PHE E 523 0.85 -6.19 -37.75
C PHE E 523 1.71 -4.93 -37.63
N SER E 524 2.74 -4.81 -38.47
CA SER E 524 3.59 -3.62 -38.42
C SER E 524 2.81 -2.37 -38.78
N VAL E 525 2.13 -2.36 -39.93
CA VAL E 525 1.41 -1.17 -40.35
C VAL E 525 0.31 -0.83 -39.34
N PHE E 526 -0.34 -1.84 -38.77
CA PHE E 526 -1.39 -1.59 -37.80
C PHE E 526 -0.86 -0.81 -36.61
N THR E 527 0.31 -1.22 -36.10
CA THR E 527 0.93 -0.49 -34.99
C THR E 527 1.13 0.97 -35.36
N ILE E 528 1.65 1.24 -36.56
CA ILE E 528 1.94 2.60 -36.98
C ILE E 528 0.71 3.49 -36.85
N ILE E 529 -0.38 3.10 -37.51
CA ILE E 529 -1.57 3.95 -37.53
C ILE E 529 -2.10 4.17 -36.11
N CYS E 530 -2.18 3.11 -35.32
CA CYS E 530 -2.67 3.21 -33.95
C CYS E 530 -1.76 4.11 -33.13
#